data_5LC1
#
_entry.id   5LC1
#
_cell.length_a   132.040
_cell.length_b   276.490
_cell.length_c   55.740
_cell.angle_alpha   90.00
_cell.angle_beta   90.00
_cell.angle_gamma   90.00
#
_symmetry.space_group_name_H-M   'P 21 21 2'
#
loop_
_entity.id
_entity.type
_entity.pdbx_description
1 polymer 'L-threonine 3-dehydrogenase'
2 non-polymer NICOTINAMIDE-ADENINE-DINUCLEOTIDE
3 non-polymer 'PYRUVIC ACID'
4 non-polymer BETA-MERCAPTOETHANOL
5 non-polymer 'ACETATE ION'
6 non-polymer 'SODIUM ION'
7 water water
#
_entity_poly.entity_id   1
_entity_poly.type   'polypeptide(L)'
_entity_poly.pdbx_seq_one_letter_code
;HMPRVLVTGALGQIGTDLSLALRDKFGADSVLVSDVVEPGAKHPLAGLKGVEKLDCLDSNGFEKLVKEFKPTWMYHLPAI
MSVRGEAEPDLAMDINVNTTRYALELARKYNIRIFIPSTIAAFGDKCGKTMTKDDTIMNPSTVYGVTKVYTELLGTWYRQ
KYGVDFRSVRLPGIISAATLPGGGATDYAIHMYHSALLQKKCVCPVLPYESLPMMYMPDTLNSLVKIMEAPLEKLTRTVY
NITGFSFSPSELRFSIERCTDRTIEVEYVEGPAQKIANSWPDSLDDSNARNDWGHQVKYDIDMMSEDMLRQIPILHGLPS
L
;
_entity_poly.pdbx_strand_id   A,B,C,D,E,F
#
loop_
_chem_comp.id
_chem_comp.type
_chem_comp.name
_chem_comp.formula
ACT non-polymer 'ACETATE ION' 'C2 H3 O2 -1'
BME non-polymer BETA-MERCAPTOETHANOL 'C2 H6 O S'
NA non-polymer 'SODIUM ION' 'Na 1'
NAD non-polymer NICOTINAMIDE-ADENINE-DINUCLEOTIDE 'C21 H27 N7 O14 P2'
PYR non-polymer 'PYRUVIC ACID' 'C3 H4 O3'
#
# COMPACT_ATOMS: atom_id res chain seq x y z
N MET A 2 21.38 -63.95 -21.94
CA MET A 2 20.52 -62.82 -22.42
C MET A 2 19.64 -62.36 -21.26
N PRO A 3 19.57 -61.04 -20.98
CA PRO A 3 18.67 -60.63 -19.95
C PRO A 3 17.22 -60.93 -20.30
N ARG A 4 16.41 -61.12 -19.27
CA ARG A 4 14.97 -61.11 -19.41
C ARG A 4 14.46 -59.77 -18.95
N VAL A 5 13.90 -59.01 -19.87
CA VAL A 5 13.62 -57.60 -19.64
C VAL A 5 12.13 -57.33 -19.56
N LEU A 6 11.70 -56.78 -18.41
CA LEU A 6 10.36 -56.22 -18.27
C LEU A 6 10.39 -54.69 -18.44
N VAL A 7 9.46 -54.15 -19.21
CA VAL A 7 9.27 -52.72 -19.31
C VAL A 7 7.84 -52.44 -18.85
N THR A 8 7.70 -51.59 -17.85
CA THR A 8 6.38 -51.08 -17.45
C THR A 8 6.14 -49.70 -18.04
N GLY A 9 4.88 -49.29 -18.18
CA GLY A 9 4.51 -48.02 -18.86
C GLY A 9 5.06 -47.96 -20.29
N ALA A 10 4.97 -49.06 -20.99
CA ALA A 10 5.68 -49.26 -22.23
C ALA A 10 5.08 -48.66 -23.49
N LEU A 11 3.84 -48.24 -23.45
CA LEU A 11 3.21 -47.75 -24.63
C LEU A 11 3.46 -46.24 -24.84
N GLY A 12 4.09 -45.56 -23.90
CA GLY A 12 4.36 -44.13 -24.00
C GLY A 12 5.46 -43.77 -24.99
N GLN A 13 5.94 -42.54 -24.85
CA GLN A 13 6.91 -42.05 -25.81
C GLN A 13 8.19 -42.85 -25.80
N ILE A 14 8.73 -43.02 -24.61
CA ILE A 14 10.01 -43.69 -24.43
C ILE A 14 9.82 -45.22 -24.60
N GLY A 15 8.80 -45.78 -23.92
CA GLY A 15 8.49 -47.21 -23.93
C GLY A 15 8.29 -47.80 -25.31
N THR A 16 7.63 -47.05 -26.17
CA THR A 16 7.42 -47.47 -27.52
C THR A 16 8.70 -47.88 -28.24
N ASP A 17 9.63 -46.95 -28.32
CA ASP A 17 10.92 -47.23 -28.96
C ASP A 17 11.83 -48.12 -28.17
N LEU A 18 11.87 -47.94 -26.84
CA LEU A 18 12.66 -48.85 -26.01
C LEU A 18 12.20 -50.32 -26.13
N SER A 19 10.90 -50.56 -26.10
CA SER A 19 10.39 -51.92 -26.26
C SER A 19 10.82 -52.62 -27.61
N LEU A 20 10.73 -51.87 -28.68
CA LEU A 20 11.17 -52.29 -29.98
C LEU A 20 12.66 -52.53 -30.04
N ALA A 21 13.46 -51.61 -29.48
CA ALA A 21 14.91 -51.82 -29.45
C ALA A 21 15.28 -53.05 -28.58
N LEU A 22 14.61 -53.25 -27.44
CA LEU A 22 14.96 -54.41 -26.62
C LEU A 22 14.62 -55.73 -27.32
N ARG A 23 13.44 -55.77 -27.93
CA ARG A 23 13.01 -56.94 -28.67
C ARG A 23 13.98 -57.28 -29.83
N ASP A 24 14.44 -56.27 -30.56
CA ASP A 24 15.47 -56.48 -31.60
C ASP A 24 16.81 -56.92 -31.04
N LYS A 25 17.23 -56.37 -29.92
CA LYS A 25 18.53 -56.73 -29.42
C LYS A 25 18.51 -58.10 -28.74
N PHE A 26 17.57 -58.34 -27.86
CA PHE A 26 17.61 -59.52 -27.02
C PHE A 26 16.64 -60.62 -27.46
N GLY A 27 15.77 -60.36 -28.42
CA GLY A 27 14.77 -61.33 -28.85
C GLY A 27 13.43 -61.08 -28.23
N ALA A 28 12.37 -61.21 -29.02
CA ALA A 28 11.04 -60.95 -28.56
C ALA A 28 10.73 -61.83 -27.38
N ASP A 29 11.18 -63.09 -27.39
CA ASP A 29 10.87 -63.95 -26.26
C ASP A 29 11.56 -63.57 -24.97
N SER A 30 12.59 -62.75 -25.02
CA SER A 30 13.21 -62.30 -23.78
C SER A 30 12.67 -60.98 -23.22
N VAL A 31 11.68 -60.37 -23.87
CA VAL A 31 11.18 -59.05 -23.49
C VAL A 31 9.69 -59.11 -23.25
N LEU A 32 9.27 -58.65 -22.08
CA LEU A 32 7.86 -58.49 -21.76
C LEU A 32 7.57 -57.04 -21.43
N VAL A 33 6.58 -56.45 -22.10
CA VAL A 33 6.24 -55.09 -21.80
C VAL A 33 4.78 -54.93 -21.42
N SER A 34 4.46 -53.91 -20.63
CA SER A 34 3.15 -53.78 -20.06
C SER A 34 2.76 -52.34 -19.95
N ASP A 35 1.46 -52.12 -19.86
CA ASP A 35 0.98 -50.77 -19.68
C ASP A 35 -0.42 -50.84 -19.12
N VAL A 36 -0.83 -49.78 -18.46
CA VAL A 36 -2.19 -49.71 -17.89
C VAL A 36 -3.29 -49.73 -18.99
N VAL A 37 -2.99 -49.26 -20.17
CA VAL A 37 -3.92 -49.42 -21.29
C VAL A 37 -3.40 -50.39 -22.37
N GLU A 38 -4.32 -50.80 -23.22
CA GLU A 38 -4.01 -51.63 -24.40
C GLU A 38 -3.50 -50.77 -25.54
N PRO A 39 -2.68 -51.32 -26.41
CA PRO A 39 -2.28 -50.56 -27.59
C PRO A 39 -3.42 -50.40 -28.60
N GLY A 40 -3.59 -49.21 -29.18
CA GLY A 40 -4.53 -49.03 -30.32
C GLY A 40 -4.01 -49.74 -31.56
N ALA A 41 -4.86 -49.92 -32.57
CA ALA A 41 -4.48 -50.72 -33.74
C ALA A 41 -3.31 -50.19 -34.53
N LYS A 42 -3.06 -48.89 -34.49
CA LYS A 42 -1.90 -48.28 -35.14
C LYS A 42 -0.67 -48.12 -34.25
N HIS A 43 -0.76 -48.49 -32.98
CA HIS A 43 0.41 -48.38 -32.15
C HIS A 43 1.42 -49.41 -32.65
N PRO A 44 2.71 -49.05 -32.73
CA PRO A 44 3.73 -50.02 -33.16
C PRO A 44 3.89 -51.29 -32.33
N LEU A 45 3.26 -51.39 -31.17
CA LEU A 45 3.30 -52.59 -30.36
C LEU A 45 1.98 -53.33 -30.41
N ALA A 46 1.00 -52.84 -31.17
CA ALA A 46 -0.27 -53.56 -31.39
C ALA A 46 0.05 -54.87 -32.10
N GLY A 47 -0.68 -55.92 -31.80
CA GLY A 47 -0.45 -57.14 -32.61
C GLY A 47 0.77 -57.96 -32.23
N LEU A 48 1.55 -57.49 -31.26
CA LEU A 48 2.78 -58.18 -30.94
C LEU A 48 2.53 -59.02 -29.73
N LYS A 49 3.24 -60.14 -29.65
CA LYS A 49 3.24 -61.00 -28.49
C LYS A 49 4.05 -60.36 -27.35
N GLY A 50 3.67 -60.66 -26.13
CA GLY A 50 4.39 -60.19 -24.96
C GLY A 50 4.15 -58.72 -24.66
N VAL A 51 2.90 -58.31 -24.84
CA VAL A 51 2.44 -56.95 -24.55
C VAL A 51 1.23 -57.18 -23.68
N GLU A 52 1.25 -56.77 -22.41
CA GLU A 52 0.24 -57.09 -21.42
C GLU A 52 -0.36 -55.82 -20.82
N LYS A 53 -1.58 -55.93 -20.31
CA LYS A 53 -2.27 -54.87 -19.65
C LYS A 53 -1.97 -55.04 -18.15
N LEU A 54 -1.32 -54.03 -17.55
CA LEU A 54 -1.06 -54.01 -16.11
C LEU A 54 -1.04 -52.57 -15.59
N ASP A 55 -1.76 -52.39 -14.48
CA ASP A 55 -1.81 -51.15 -13.76
C ASP A 55 -0.78 -51.33 -12.66
N CYS A 56 0.30 -50.54 -12.69
CA CYS A 56 1.36 -50.65 -11.64
C CYS A 56 0.93 -50.22 -10.23
N LEU A 57 -0.20 -49.54 -10.08
CA LEU A 57 -0.85 -49.28 -8.77
C LEU A 57 -1.48 -50.53 -8.15
N ASP A 58 -1.72 -51.57 -8.94
CA ASP A 58 -2.16 -52.87 -8.44
C ASP A 58 -0.95 -53.72 -8.05
N SER A 59 -0.50 -53.60 -6.80
CA SER A 59 0.76 -54.27 -6.39
C SER A 59 0.67 -55.78 -6.55
N ASN A 60 -0.48 -56.36 -6.26
CA ASN A 60 -0.68 -57.80 -6.51
C ASN A 60 -0.49 -58.20 -7.94
N GLY A 61 -1.10 -57.45 -8.84
CA GLY A 61 -0.99 -57.72 -10.27
C GLY A 61 0.44 -57.59 -10.74
N PHE A 62 1.12 -56.54 -10.22
CA PHE A 62 2.50 -56.22 -10.61
C PHE A 62 3.34 -57.42 -10.17
N GLU A 63 3.15 -57.82 -8.94
CA GLU A 63 3.95 -58.93 -8.44
C GLU A 63 3.67 -60.21 -9.22
N LYS A 64 2.42 -60.49 -9.57
CA LYS A 64 2.09 -61.71 -10.32
C LYS A 64 2.80 -61.76 -11.68
N LEU A 65 2.86 -60.61 -12.35
CA LEU A 65 3.53 -60.58 -13.62
C LEU A 65 5.04 -60.83 -13.46
N VAL A 66 5.64 -60.20 -12.46
CA VAL A 66 7.10 -60.39 -12.16
C VAL A 66 7.43 -61.85 -11.84
N LYS A 67 6.57 -62.46 -11.04
CA LYS A 67 6.75 -63.82 -10.59
C LYS A 67 6.65 -64.78 -11.78
N GLU A 68 5.67 -64.61 -12.65
CA GLU A 68 5.54 -65.43 -13.89
C GLU A 68 6.69 -65.20 -14.84
N PHE A 69 7.01 -63.96 -15.15
CA PHE A 69 8.04 -63.71 -16.17
C PHE A 69 9.49 -63.92 -15.68
N LYS A 70 9.75 -63.65 -14.39
CA LYS A 70 11.09 -63.71 -13.81
C LYS A 70 12.07 -62.84 -14.55
N PRO A 71 11.81 -61.53 -14.60
CA PRO A 71 12.76 -60.68 -15.26
C PRO A 71 14.10 -60.66 -14.49
N THR A 72 15.19 -60.42 -15.21
CA THR A 72 16.47 -60.02 -14.60
C THR A 72 16.73 -58.49 -14.66
N TRP A 73 16.13 -57.81 -15.66
CA TRP A 73 16.10 -56.33 -15.80
C TRP A 73 14.64 -55.84 -15.80
N MET A 74 14.42 -54.63 -15.29
CA MET A 74 13.17 -53.93 -15.45
C MET A 74 13.44 -52.43 -15.76
N TYR A 75 12.70 -51.89 -16.70
CA TYR A 75 12.63 -50.49 -16.96
C TYR A 75 11.25 -50.03 -16.53
N HIS A 76 11.23 -49.26 -15.43
CA HIS A 76 9.99 -48.82 -14.86
C HIS A 76 9.72 -47.38 -15.29
N LEU A 77 8.83 -47.22 -16.26
CA LEU A 77 8.52 -45.97 -16.95
C LEU A 77 7.30 -45.18 -16.59
N PRO A 78 6.34 -45.74 -15.87
CA PRO A 78 5.19 -44.82 -15.71
C PRO A 78 5.54 -43.64 -14.79
N ALA A 79 5.17 -42.45 -15.22
CA ALA A 79 5.13 -41.28 -14.37
C ALA A 79 4.32 -40.21 -15.05
N ILE A 80 3.70 -39.33 -14.26
CA ILE A 80 3.00 -38.16 -14.78
C ILE A 80 4.06 -37.03 -14.76
N MET A 81 4.23 -36.35 -15.87
CA MET A 81 5.40 -35.51 -16.10
C MET A 81 5.14 -34.04 -15.74
N SER A 82 6.09 -33.18 -16.07
CA SER A 82 6.20 -31.87 -15.52
C SER A 82 4.92 -31.03 -15.62
N VAL A 83 4.38 -30.87 -16.80
CA VAL A 83 3.26 -29.96 -16.97
C VAL A 83 1.96 -30.63 -16.53
N ARG A 84 1.78 -31.88 -16.92
CA ARG A 84 0.55 -32.56 -16.63
C ARG A 84 0.41 -32.74 -15.09
N GLY A 85 1.55 -33.03 -14.42
CA GLY A 85 1.56 -33.11 -12.95
C GLY A 85 1.03 -31.88 -12.21
N GLU A 86 1.35 -30.68 -12.68
CA GLU A 86 0.89 -29.45 -12.01
C GLU A 86 -0.65 -29.33 -12.04
N ALA A 87 -1.25 -29.80 -13.14
CA ALA A 87 -2.68 -29.82 -13.33
C ALA A 87 -3.36 -31.05 -12.71
N GLU A 88 -2.62 -32.17 -12.55
CA GLU A 88 -3.17 -33.37 -11.88
C GLU A 88 -2.15 -33.88 -10.81
N PRO A 89 -1.97 -33.13 -9.74
CA PRO A 89 -0.93 -33.47 -8.78
C PRO A 89 -1.25 -34.71 -7.95
N ASP A 90 -2.53 -34.97 -7.66
CA ASP A 90 -2.94 -36.21 -6.96
C ASP A 90 -2.52 -37.47 -7.71
N LEU A 91 -2.81 -37.50 -8.99
CA LEU A 91 -2.38 -38.62 -9.84
C LEU A 91 -0.82 -38.76 -9.91
N ALA A 92 -0.15 -37.65 -10.13
CA ALA A 92 1.31 -37.58 -10.11
C ALA A 92 1.89 -38.18 -8.84
N MET A 93 1.36 -37.78 -7.68
CA MET A 93 1.84 -38.36 -6.41
C MET A 93 1.52 -39.85 -6.27
N ASP A 94 0.31 -40.25 -6.70
CA ASP A 94 -0.06 -41.65 -6.65
C ASP A 94 0.86 -42.45 -7.56
N ILE A 95 0.96 -42.03 -8.82
CA ILE A 95 1.75 -42.80 -9.79
C ILE A 95 3.23 -42.74 -9.46
N ASN A 96 3.77 -41.52 -9.28
CA ASN A 96 5.22 -41.37 -9.28
C ASN A 96 5.93 -41.90 -8.02
N VAL A 97 5.19 -41.91 -6.92
CA VAL A 97 5.67 -42.36 -5.65
C VAL A 97 5.30 -43.81 -5.49
N ASN A 98 4.00 -44.14 -5.54
CA ASN A 98 3.57 -45.52 -5.24
C ASN A 98 3.97 -46.59 -6.23
N THR A 99 3.90 -46.32 -7.54
CA THR A 99 4.32 -47.39 -8.49
C THR A 99 5.83 -47.67 -8.34
N THR A 100 6.59 -46.59 -8.08
CA THR A 100 8.04 -46.64 -7.87
C THR A 100 8.39 -47.44 -6.61
N ARG A 101 7.68 -47.17 -5.52
CA ARG A 101 7.86 -47.99 -4.32
C ARG A 101 7.60 -49.51 -4.59
N TYR A 102 6.53 -49.81 -5.32
CA TYR A 102 6.19 -51.21 -5.63
C TYR A 102 7.27 -51.81 -6.53
N ALA A 103 7.81 -50.99 -7.43
CA ALA A 103 8.82 -51.45 -8.37
C ALA A 103 10.07 -51.83 -7.64
N LEU A 104 10.53 -50.93 -6.81
CA LEU A 104 11.75 -51.18 -6.01
C LEU A 104 11.62 -52.39 -5.10
N GLU A 105 10.47 -52.54 -4.45
CA GLU A 105 10.19 -53.74 -3.62
C GLU A 105 10.21 -55.04 -4.44
N LEU A 106 9.70 -54.99 -5.65
CA LEU A 106 9.75 -56.18 -6.49
C LEU A 106 11.17 -56.46 -6.97
N ALA A 107 11.92 -55.41 -7.27
CA ALA A 107 13.32 -55.60 -7.62
C ALA A 107 14.11 -56.20 -6.44
N ARG A 108 13.80 -55.81 -5.21
CA ARG A 108 14.41 -56.41 -4.05
C ARG A 108 14.02 -57.86 -3.87
N LYS A 109 12.72 -58.10 -3.93
CA LYS A 109 12.18 -59.37 -3.66
C LYS A 109 12.56 -60.42 -4.74
N TYR A 110 12.63 -59.98 -6.01
CA TYR A 110 12.88 -60.89 -7.10
C TYR A 110 14.21 -60.70 -7.82
N ASN A 111 15.14 -59.95 -7.23
CA ASN A 111 16.47 -59.86 -7.71
C ASN A 111 16.55 -59.28 -9.13
N ILE A 112 16.00 -58.10 -9.28
CA ILE A 112 15.94 -57.47 -10.61
C ILE A 112 16.88 -56.27 -10.64
N ARG A 113 17.66 -56.11 -11.71
CA ARG A 113 18.31 -54.83 -11.96
C ARG A 113 17.27 -53.89 -12.46
N ILE A 114 17.16 -52.74 -11.80
CA ILE A 114 16.05 -51.88 -12.04
C ILE A 114 16.44 -50.47 -12.43
N PHE A 115 15.91 -50.04 -13.57
CA PHE A 115 16.11 -48.74 -14.09
C PHE A 115 14.81 -47.99 -13.90
N ILE A 116 14.91 -46.85 -13.24
CA ILE A 116 13.84 -45.90 -13.15
C ILE A 116 14.42 -44.55 -13.53
N PRO A 117 13.92 -43.95 -14.62
CA PRO A 117 14.51 -42.70 -15.05
C PRO A 117 14.13 -41.56 -14.13
N SER A 118 15.05 -40.66 -13.96
CA SER A 118 14.78 -39.39 -13.37
C SER A 118 14.79 -38.40 -14.55
N THR A 119 15.02 -37.13 -14.26
CA THR A 119 14.76 -36.10 -15.22
C THR A 119 15.44 -34.82 -14.83
N ILE A 120 15.66 -33.96 -15.81
CA ILE A 120 16.12 -32.58 -15.54
C ILE A 120 15.14 -31.77 -14.65
N ALA A 121 13.89 -32.21 -14.61
CA ALA A 121 12.88 -31.55 -13.81
C ALA A 121 13.11 -31.73 -12.29
N ALA A 122 13.98 -32.65 -11.92
CA ALA A 122 14.45 -32.83 -10.52
C ALA A 122 15.25 -31.63 -10.03
N PHE A 123 15.78 -30.85 -10.96
CA PHE A 123 16.43 -29.60 -10.67
C PHE A 123 15.45 -28.41 -10.61
N GLY A 124 15.83 -27.44 -9.79
CA GLY A 124 15.22 -26.12 -9.84
C GLY A 124 16.30 -25.05 -9.87
N ASP A 125 15.91 -23.88 -9.47
CA ASP A 125 16.63 -22.69 -9.76
C ASP A 125 17.86 -22.45 -8.88
N LYS A 126 18.15 -23.33 -7.94
CA LYS A 126 19.42 -23.28 -7.20
C LYS A 126 20.44 -24.31 -7.67
N CYS A 127 20.19 -24.94 -8.79
CA CYS A 127 21.02 -26.11 -9.14
C CYS A 127 22.39 -25.70 -9.65
N GLY A 128 22.49 -24.53 -10.23
CA GLY A 128 23.68 -24.19 -11.04
C GLY A 128 23.33 -24.59 -12.47
N LYS A 129 22.87 -23.58 -13.18
CA LYS A 129 22.11 -23.76 -14.38
C LYS A 129 22.94 -24.02 -15.62
N THR A 130 24.23 -23.77 -15.52
CA THR A 130 25.15 -23.96 -16.64
C THR A 130 25.98 -25.16 -16.33
N MET A 131 25.94 -26.16 -17.18
CA MET A 131 26.69 -27.41 -16.96
C MET A 131 26.43 -28.00 -15.56
N THR A 132 25.16 -28.16 -15.23
CA THR A 132 24.78 -28.65 -13.90
C THR A 132 25.48 -29.95 -13.59
N LYS A 133 25.94 -30.08 -12.36
CA LYS A 133 26.66 -31.23 -11.88
C LYS A 133 25.73 -32.32 -11.44
N ASP A 134 26.30 -33.48 -11.23
CA ASP A 134 25.55 -34.64 -10.79
C ASP A 134 25.03 -34.44 -9.38
N ASP A 135 25.89 -33.85 -8.53
CA ASP A 135 25.61 -33.53 -7.15
C ASP A 135 25.52 -32.03 -6.99
N THR A 136 24.34 -31.56 -6.62
CA THR A 136 24.10 -30.14 -6.47
C THR A 136 22.84 -29.97 -5.61
N ILE A 137 22.50 -28.74 -5.30
CA ILE A 137 21.26 -28.45 -4.64
C ILE A 137 20.11 -28.83 -5.55
N MET A 138 19.14 -29.55 -4.98
CA MET A 138 17.94 -30.01 -5.67
C MET A 138 16.70 -29.33 -5.07
N ASN A 139 16.13 -28.37 -5.79
CA ASN A 139 14.96 -27.64 -5.33
C ASN A 139 13.88 -27.51 -6.42
N PRO A 140 13.33 -28.66 -6.89
CA PRO A 140 12.42 -28.62 -8.03
C PRO A 140 11.16 -27.84 -7.67
N SER A 141 10.63 -27.14 -8.65
CA SER A 141 9.46 -26.29 -8.46
C SER A 141 8.18 -26.97 -9.00
N THR A 142 8.22 -28.27 -9.38
CA THR A 142 7.02 -28.98 -9.79
C THR A 142 6.90 -30.19 -8.93
N VAL A 143 5.67 -30.62 -8.71
CA VAL A 143 5.43 -31.88 -7.95
C VAL A 143 6.07 -33.09 -8.61
N TYR A 144 6.04 -33.13 -9.94
CA TYR A 144 6.76 -34.18 -10.71
C TYR A 144 8.23 -34.24 -10.32
N GLY A 145 8.86 -33.07 -10.31
CA GLY A 145 10.28 -32.97 -9.96
C GLY A 145 10.56 -33.39 -8.53
N VAL A 146 9.64 -32.98 -7.66
CA VAL A 146 9.70 -33.40 -6.28
C VAL A 146 9.66 -34.94 -6.15
N THR A 147 8.72 -35.56 -6.86
CA THR A 147 8.58 -37.00 -6.81
C THR A 147 9.80 -37.73 -7.38
N LYS A 148 10.47 -37.14 -8.33
CA LYS A 148 11.66 -37.73 -8.93
C LYS A 148 12.91 -37.61 -8.03
N VAL A 149 13.06 -36.49 -7.30
CA VAL A 149 14.12 -36.42 -6.32
C VAL A 149 13.89 -37.57 -5.33
N TYR A 150 12.64 -37.78 -4.95
CA TYR A 150 12.27 -38.86 -4.10
C TYR A 150 12.60 -40.21 -4.73
N THR A 151 12.27 -40.38 -5.99
CA THR A 151 12.65 -41.60 -6.69
C THR A 151 14.20 -41.89 -6.70
N GLU A 152 15.01 -40.87 -7.03
CA GLU A 152 16.49 -41.02 -6.99
C GLU A 152 17.01 -41.43 -5.59
N LEU A 153 16.50 -40.76 -4.56
CA LEU A 153 16.96 -41.02 -3.21
C LEU A 153 16.48 -42.35 -2.66
N LEU A 154 15.24 -42.69 -2.92
CA LEU A 154 14.70 -43.96 -2.47
C LEU A 154 15.39 -45.12 -3.18
N GLY A 155 15.59 -45.03 -4.49
CA GLY A 155 16.28 -46.06 -5.21
C GLY A 155 17.72 -46.28 -4.70
N THR A 156 18.41 -45.15 -4.45
CA THR A 156 19.74 -45.14 -3.89
C THR A 156 19.79 -45.81 -2.50
N TRP A 157 18.81 -45.51 -1.67
CA TRP A 157 18.71 -46.19 -0.39
C TRP A 157 18.50 -47.70 -0.59
N TYR A 158 17.61 -48.12 -1.51
CA TYR A 158 17.47 -49.57 -1.83
C TYR A 158 18.80 -50.24 -2.21
N ARG A 159 19.58 -49.55 -3.03
CA ARG A 159 20.90 -49.97 -3.40
C ARG A 159 21.82 -50.14 -2.18
N GLN A 160 21.80 -49.18 -1.26
CA GLN A 160 22.71 -49.23 -0.12
C GLN A 160 22.27 -50.25 0.90
N LYS A 161 21.00 -50.21 1.23
CA LYS A 161 20.44 -51.01 2.27
C LYS A 161 20.31 -52.51 1.88
N TYR A 162 19.83 -52.78 0.67
CA TYR A 162 19.51 -54.14 0.24
C TYR A 162 20.36 -54.68 -0.89
N GLY A 163 21.24 -53.87 -1.44
CA GLY A 163 22.09 -54.30 -2.55
C GLY A 163 21.32 -54.29 -3.85
N VAL A 164 20.18 -53.60 -3.89
CA VAL A 164 19.35 -53.62 -5.10
C VAL A 164 20.10 -52.83 -6.18
N ASP A 165 20.23 -53.44 -7.34
CA ASP A 165 20.96 -52.80 -8.38
C ASP A 165 20.02 -51.82 -9.09
N PHE A 166 19.95 -50.60 -8.55
CA PHE A 166 19.14 -49.47 -9.03
C PHE A 166 20.01 -48.56 -9.84
N ARG A 167 19.57 -48.20 -11.04
CA ARG A 167 20.34 -47.37 -11.93
C ARG A 167 19.41 -46.34 -12.53
N SER A 168 19.91 -45.12 -12.72
CA SER A 168 19.05 -44.08 -13.20
C SER A 168 19.86 -43.10 -13.98
N VAL A 169 19.21 -42.47 -14.94
CA VAL A 169 19.72 -41.25 -15.50
C VAL A 169 18.72 -40.11 -15.35
N ARG A 170 19.23 -38.89 -15.23
CA ARG A 170 18.38 -37.74 -15.36
C ARG A 170 18.24 -37.38 -16.87
N LEU A 171 17.12 -37.75 -17.45
CA LEU A 171 16.87 -37.53 -18.84
C LEU A 171 16.54 -36.05 -19.12
N PRO A 172 17.12 -35.56 -20.22
CA PRO A 172 16.73 -34.25 -20.74
C PRO A 172 15.42 -34.43 -21.48
N GLY A 173 14.91 -33.40 -22.12
CA GLY A 173 13.82 -33.59 -23.04
C GLY A 173 14.15 -34.57 -24.15
N ILE A 174 13.27 -35.55 -24.37
CA ILE A 174 13.50 -36.58 -25.39
C ILE A 174 12.64 -36.30 -26.61
N ILE A 175 13.29 -36.30 -27.79
CA ILE A 175 12.62 -36.06 -29.05
C ILE A 175 12.50 -37.40 -29.79
N SER A 176 11.33 -37.70 -30.29
CA SER A 176 11.09 -38.87 -31.11
C SER A 176 9.86 -38.68 -32.02
N ALA A 177 9.71 -39.59 -32.98
CA ALA A 177 8.65 -39.51 -33.99
C ALA A 177 7.51 -40.45 -33.82
N ALA A 178 7.70 -41.58 -33.13
CA ALA A 178 6.71 -42.67 -33.10
C ALA A 178 5.46 -42.46 -32.24
N THR A 179 5.63 -42.23 -30.94
CA THR A 179 4.51 -42.05 -30.04
C THR A 179 4.61 -40.64 -29.48
N LEU A 180 3.51 -39.90 -29.55
CA LEU A 180 3.44 -38.52 -29.12
C LEU A 180 3.70 -38.40 -27.62
N PRO A 181 4.22 -37.24 -27.19
CA PRO A 181 4.74 -37.06 -25.82
C PRO A 181 3.62 -36.94 -24.82
N GLY A 182 3.91 -37.15 -23.52
CA GLY A 182 2.83 -37.29 -22.52
C GLY A 182 2.56 -36.14 -21.56
N GLY A 183 3.07 -34.95 -21.85
CA GLY A 183 2.76 -33.74 -21.04
C GLY A 183 3.94 -33.17 -20.24
N GLY A 184 5.11 -33.19 -20.84
CA GLY A 184 6.31 -32.55 -20.27
C GLY A 184 6.42 -31.13 -20.80
N ALA A 185 7.31 -30.33 -20.20
CA ALA A 185 7.49 -28.97 -20.70
C ALA A 185 8.18 -28.89 -22.04
N THR A 186 8.82 -29.98 -22.45
CA THR A 186 9.61 -30.08 -23.67
C THR A 186 8.80 -30.58 -24.88
N ASP A 187 7.51 -30.87 -24.68
CA ASP A 187 6.62 -31.36 -25.72
C ASP A 187 6.46 -30.47 -26.94
N TYR A 188 6.63 -29.14 -26.78
CA TYR A 188 6.46 -28.16 -27.90
C TYR A 188 7.30 -28.60 -29.14
N ALA A 189 8.44 -29.20 -28.86
CA ALA A 189 9.46 -29.45 -29.84
C ALA A 189 8.97 -30.49 -30.83
N ILE A 190 8.46 -31.59 -30.32
CA ILE A 190 7.82 -32.59 -31.18
C ILE A 190 6.63 -32.02 -31.97
N HIS A 191 5.86 -31.17 -31.33
CA HIS A 191 4.72 -30.55 -31.98
C HIS A 191 5.09 -29.55 -33.05
N MET A 192 6.21 -28.85 -32.88
CA MET A 192 6.69 -27.96 -33.90
C MET A 192 7.00 -28.71 -35.23
N TYR A 193 7.57 -29.91 -35.14
CA TYR A 193 7.80 -30.74 -36.34
C TYR A 193 6.47 -31.11 -37.02
N HIS A 194 5.45 -31.42 -36.23
CA HIS A 194 4.11 -31.67 -36.80
C HIS A 194 3.51 -30.47 -37.50
N SER A 195 3.55 -29.31 -36.84
CA SER A 195 3.13 -28.05 -37.44
C SER A 195 3.78 -27.77 -38.79
N ALA A 196 5.10 -27.98 -38.85
CA ALA A 196 5.86 -27.73 -40.08
C ALA A 196 5.37 -28.61 -41.22
N LEU A 197 5.19 -29.89 -40.98
CA LEU A 197 4.81 -30.81 -42.02
C LEU A 197 3.38 -30.59 -42.43
N LEU A 198 2.53 -30.20 -41.48
CA LEU A 198 1.16 -29.80 -41.75
C LEU A 198 1.05 -28.38 -42.35
N GLN A 199 2.11 -27.58 -42.32
CA GLN A 199 2.07 -26.19 -42.75
C GLN A 199 0.95 -25.45 -42.05
N LYS A 200 0.97 -25.58 -40.73
CA LYS A 200 0.07 -24.91 -39.83
C LYS A 200 0.88 -24.14 -38.80
N LYS A 201 0.22 -23.14 -38.24
CA LYS A 201 0.84 -22.25 -37.28
C LYS A 201 1.13 -23.06 -36.00
N CYS A 202 2.33 -22.94 -35.46
CA CYS A 202 2.70 -23.52 -34.19
C CYS A 202 2.53 -22.42 -33.12
N VAL A 203 1.68 -22.63 -32.12
CA VAL A 203 1.57 -21.73 -30.98
C VAL A 203 2.39 -22.35 -29.89
N CYS A 204 3.50 -21.70 -29.56
CA CYS A 204 4.55 -22.35 -28.75
C CYS A 204 4.47 -21.75 -27.36
N PRO A 205 4.23 -22.56 -26.34
CA PRO A 205 4.13 -22.09 -24.97
C PRO A 205 5.50 -21.81 -24.23
N VAL A 206 6.63 -22.10 -24.87
CA VAL A 206 7.95 -21.87 -24.27
C VAL A 206 8.51 -20.71 -25.05
N LEU A 207 9.15 -19.82 -24.33
CA LEU A 207 9.61 -18.62 -24.91
C LEU A 207 10.87 -18.88 -25.81
N PRO A 208 11.13 -17.96 -26.74
CA PRO A 208 11.96 -18.28 -27.90
C PRO A 208 13.43 -18.56 -27.58
N TYR A 209 13.94 -18.02 -26.48
CA TYR A 209 15.32 -18.20 -26.08
C TYR A 209 15.42 -19.00 -24.83
N GLU A 210 14.40 -19.80 -24.50
CA GLU A 210 14.52 -20.70 -23.36
C GLU A 210 15.25 -22.00 -23.79
N SER A 211 16.54 -22.05 -23.49
CA SER A 211 17.35 -23.14 -23.90
C SER A 211 17.24 -24.26 -22.87
N LEU A 212 17.08 -25.50 -23.37
CA LEU A 212 16.97 -26.67 -22.52
C LEU A 212 17.83 -27.82 -23.03
N PRO A 213 18.36 -28.69 -22.12
CA PRO A 213 18.94 -29.96 -22.53
C PRO A 213 17.89 -30.87 -23.19
N MET A 214 18.28 -31.43 -24.33
CA MET A 214 17.46 -32.28 -25.13
C MET A 214 18.33 -33.44 -25.64
N MET A 215 17.67 -34.49 -26.13
CA MET A 215 18.34 -35.63 -26.72
C MET A 215 17.40 -36.29 -27.74
N TYR A 216 17.95 -36.78 -28.87
CA TYR A 216 17.18 -37.57 -29.81
C TYR A 216 17.17 -39.04 -29.44
N MET A 217 15.97 -39.62 -29.58
CA MET A 217 15.67 -41.02 -29.20
C MET A 217 16.77 -42.08 -29.43
N PRO A 218 17.37 -42.15 -30.64
CA PRO A 218 18.36 -43.21 -30.84
C PRO A 218 19.56 -43.15 -29.86
N ASP A 219 19.97 -41.94 -29.49
CA ASP A 219 21.01 -41.76 -28.51
C ASP A 219 20.49 -42.18 -27.11
N THR A 220 19.25 -41.80 -26.81
CA THR A 220 18.59 -42.16 -25.56
C THR A 220 18.50 -43.69 -25.42
N LEU A 221 18.07 -44.37 -26.48
CA LEU A 221 17.99 -45.81 -26.46
C LEU A 221 19.34 -46.47 -26.26
N ASN A 222 20.35 -45.96 -26.97
CA ASN A 222 21.72 -46.47 -26.83
C ASN A 222 22.17 -46.37 -25.39
N SER A 223 21.91 -45.24 -24.76
CA SER A 223 22.31 -45.02 -23.38
C SER A 223 21.50 -45.82 -22.35
N LEU A 224 20.19 -46.00 -22.59
CA LEU A 224 19.33 -46.79 -21.72
C LEU A 224 19.74 -48.26 -21.68
N VAL A 225 20.13 -48.79 -22.81
CA VAL A 225 20.69 -50.18 -22.83
C VAL A 225 22.10 -50.23 -22.24
N LYS A 226 22.96 -49.32 -22.69
CA LYS A 226 24.32 -49.30 -22.22
C LYS A 226 24.45 -49.20 -20.70
N ILE A 227 23.73 -48.27 -20.06
CA ILE A 227 23.87 -48.16 -18.62
C ILE A 227 23.45 -49.44 -17.91
N MET A 228 22.47 -50.14 -18.48
CA MET A 228 22.02 -51.42 -17.94
C MET A 228 22.97 -52.59 -18.21
N GLU A 229 23.74 -52.51 -19.29
CA GLU A 229 24.76 -53.57 -19.57
C GLU A 229 25.98 -53.42 -18.74
N ALA A 230 26.19 -52.24 -18.19
CA ALA A 230 27.44 -51.99 -17.52
C ALA A 230 27.61 -52.91 -16.32
N PRO A 231 28.83 -53.38 -16.04
CA PRO A 231 29.08 -54.05 -14.75
C PRO A 231 28.93 -53.11 -13.58
N LEU A 232 28.33 -53.59 -12.52
CA LEU A 232 28.00 -52.78 -11.37
C LEU A 232 29.19 -52.06 -10.84
N GLU A 233 30.34 -52.74 -10.81
CA GLU A 233 31.51 -52.13 -10.23
C GLU A 233 32.09 -51.03 -11.04
N LYS A 234 31.76 -50.91 -12.31
CA LYS A 234 32.10 -49.69 -13.04
C LYS A 234 31.30 -48.43 -12.64
N LEU A 235 30.18 -48.59 -11.95
CA LEU A 235 29.30 -47.45 -11.75
C LEU A 235 29.73 -46.79 -10.44
N THR A 236 30.23 -45.58 -10.48
CA THR A 236 30.50 -44.87 -9.23
C THR A 236 29.25 -44.24 -8.57
N ARG A 237 28.09 -44.28 -9.23
CA ARG A 237 26.92 -43.68 -8.65
C ARG A 237 25.71 -44.37 -9.22
N THR A 238 24.57 -44.08 -8.62
CA THR A 238 23.32 -44.69 -9.05
C THR A 238 22.59 -43.81 -10.06
N VAL A 239 22.69 -42.50 -9.92
CA VAL A 239 21.99 -41.56 -10.76
C VAL A 239 22.97 -40.70 -11.59
N TYR A 240 22.80 -40.67 -12.90
CA TYR A 240 23.68 -39.93 -13.80
C TYR A 240 22.94 -38.89 -14.61
N ASN A 241 23.43 -37.68 -14.67
CA ASN A 241 23.07 -36.77 -15.78
C ASN A 241 23.51 -37.37 -17.15
N ILE A 242 22.66 -37.25 -18.14
CA ILE A 242 23.10 -37.44 -19.50
C ILE A 242 22.45 -36.38 -20.36
N THR A 243 23.17 -35.90 -21.35
CA THR A 243 22.56 -34.99 -22.32
C THR A 243 23.01 -35.31 -23.74
N GLY A 244 22.24 -34.76 -24.66
CA GLY A 244 22.51 -34.80 -26.10
C GLY A 244 23.07 -33.42 -26.49
N PHE A 245 22.20 -32.41 -26.52
CA PHE A 245 22.59 -31.06 -26.84
C PHE A 245 21.47 -30.18 -26.34
N SER A 246 21.74 -28.89 -26.15
CA SER A 246 20.70 -28.00 -25.72
C SER A 246 20.18 -27.16 -26.89
N PHE A 247 18.92 -26.76 -26.82
CA PHE A 247 18.39 -25.80 -27.78
C PHE A 247 17.19 -25.03 -27.24
N SER A 248 16.92 -23.88 -27.86
CA SER A 248 15.75 -23.08 -27.58
C SER A 248 14.73 -23.32 -28.70
N PRO A 249 13.45 -22.88 -28.51
CA PRO A 249 12.49 -23.04 -29.59
C PRO A 249 12.92 -22.31 -30.89
N SER A 250 13.56 -21.17 -30.76
CA SER A 250 13.95 -20.39 -31.94
C SER A 250 15.05 -21.11 -32.69
N GLU A 251 15.97 -21.75 -31.96
CA GLU A 251 16.95 -22.64 -32.59
C GLU A 251 16.33 -23.83 -33.26
N LEU A 252 15.34 -24.44 -32.61
CA LEU A 252 14.66 -25.54 -33.23
C LEU A 252 13.96 -25.11 -34.53
N ARG A 253 13.20 -24.03 -34.49
CA ARG A 253 12.59 -23.42 -35.68
C ARG A 253 13.60 -23.17 -36.82
N PHE A 254 14.74 -22.56 -36.51
CA PHE A 254 15.77 -22.41 -37.52
C PHE A 254 16.19 -23.74 -38.12
N SER A 255 16.37 -24.75 -37.27
CA SER A 255 16.80 -26.05 -37.72
C SER A 255 15.77 -26.67 -38.67
N ILE A 256 14.47 -26.54 -38.34
CA ILE A 256 13.42 -27.13 -39.16
C ILE A 256 13.36 -26.39 -40.48
N GLU A 257 13.58 -25.07 -40.43
CA GLU A 257 13.57 -24.24 -41.62
C GLU A 257 14.71 -24.58 -42.60
N ARG A 258 15.90 -24.89 -42.10
CA ARG A 258 17.01 -25.32 -42.96
C ARG A 258 16.62 -26.62 -43.67
N CYS A 259 16.02 -27.54 -42.95
CA CYS A 259 15.71 -28.83 -43.50
C CYS A 259 14.52 -28.73 -44.41
N THR A 260 13.56 -27.87 -44.15
CA THR A 260 12.39 -27.87 -45.03
C THR A 260 12.56 -26.92 -46.22
N ASP A 261 13.49 -25.97 -46.11
CA ASP A 261 13.61 -24.87 -47.05
C ASP A 261 12.35 -24.07 -47.15
N ARG A 262 11.65 -23.92 -46.03
CA ARG A 262 10.55 -22.98 -45.96
C ARG A 262 10.43 -22.43 -44.56
N THR A 263 9.84 -21.27 -44.46
CA THR A 263 9.41 -20.70 -43.19
C THR A 263 8.35 -21.57 -42.50
N ILE A 264 8.49 -21.83 -41.19
CA ILE A 264 7.34 -22.31 -40.37
C ILE A 264 6.75 -21.10 -39.68
N GLU A 265 5.46 -21.10 -39.46
CA GLU A 265 4.89 -20.05 -38.69
C GLU A 265 4.83 -20.54 -37.22
N VAL A 266 5.45 -19.77 -36.33
CA VAL A 266 5.50 -20.04 -34.91
C VAL A 266 5.14 -18.72 -34.22
N GLU A 267 4.12 -18.76 -33.35
CA GLU A 267 3.80 -17.66 -32.50
C GLU A 267 4.06 -18.05 -31.04
N TYR A 268 4.62 -17.14 -30.26
CA TYR A 268 5.03 -17.44 -28.89
C TYR A 268 3.99 -16.91 -27.99
N VAL A 269 3.18 -17.80 -27.41
CA VAL A 269 2.15 -17.42 -26.45
C VAL A 269 2.43 -18.24 -25.20
N GLU A 270 2.95 -17.59 -24.18
CA GLU A 270 3.50 -18.29 -23.04
C GLU A 270 2.43 -19.17 -22.41
N GLY A 271 2.79 -20.39 -22.05
CA GLY A 271 1.92 -21.24 -21.26
C GLY A 271 2.68 -21.78 -20.07
N PRO A 272 2.04 -22.68 -19.32
CA PRO A 272 2.60 -23.24 -18.08
C PRO A 272 4.00 -23.82 -18.26
N ALA A 273 4.26 -24.43 -19.42
CA ALA A 273 5.58 -24.99 -19.73
C ALA A 273 6.73 -23.98 -19.49
N GLN A 274 6.50 -22.71 -19.75
CA GLN A 274 7.59 -21.75 -19.71
C GLN A 274 8.20 -21.57 -18.30
N LYS A 275 7.37 -21.25 -17.32
CA LYS A 275 7.87 -21.04 -15.98
C LYS A 275 8.52 -22.29 -15.44
N ILE A 276 7.93 -23.44 -15.75
CA ILE A 276 8.50 -24.70 -15.38
C ILE A 276 9.89 -24.81 -15.98
N ALA A 277 9.98 -24.63 -17.28
CA ALA A 277 11.26 -24.83 -17.97
C ALA A 277 12.32 -23.81 -17.60
N ASN A 278 11.91 -22.60 -17.27
CA ASN A 278 12.85 -21.58 -16.88
C ASN A 278 13.52 -21.94 -15.54
N SER A 279 12.96 -22.84 -14.75
CA SER A 279 13.63 -23.22 -13.47
C SER A 279 14.67 -24.35 -13.71
N TRP A 280 14.75 -24.87 -14.94
CA TRP A 280 15.59 -26.00 -15.21
C TRP A 280 16.98 -25.59 -15.69
N PRO A 281 17.98 -26.52 -15.66
CA PRO A 281 19.28 -26.25 -16.32
C PRO A 281 19.17 -25.90 -17.77
N ASP A 282 20.15 -25.12 -18.23
CA ASP A 282 20.34 -24.83 -19.62
C ASP A 282 21.15 -25.97 -20.25
N SER A 283 22.04 -26.57 -19.47
CA SER A 283 22.93 -27.61 -19.94
C SER A 283 23.40 -28.43 -18.74
N LEU A 284 23.71 -29.69 -18.99
CA LEU A 284 24.18 -30.58 -17.96
C LEU A 284 25.62 -31.01 -18.16
N ASP A 285 26.28 -31.27 -17.05
CA ASP A 285 27.55 -31.98 -17.04
C ASP A 285 27.29 -33.48 -16.95
N ASP A 286 27.62 -34.21 -18.03
CA ASP A 286 27.45 -35.64 -18.03
C ASP A 286 28.78 -36.43 -18.11
N SER A 287 29.82 -35.84 -17.60
CA SER A 287 31.12 -36.51 -17.63
C SER A 287 31.21 -37.80 -16.82
N ASN A 288 30.55 -37.84 -15.66
CA ASN A 288 30.56 -39.05 -14.89
C ASN A 288 29.97 -40.21 -15.72
N ALA A 289 28.90 -39.94 -16.46
CA ALA A 289 28.31 -40.98 -17.29
C ALA A 289 29.21 -41.40 -18.44
N ARG A 290 29.83 -40.42 -19.06
CA ARG A 290 30.75 -40.66 -20.19
C ARG A 290 31.91 -41.52 -19.72
N ASN A 291 32.45 -41.20 -18.56
CA ASN A 291 33.56 -41.90 -17.99
C ASN A 291 33.22 -43.29 -17.43
N ASP A 292 32.11 -43.41 -16.67
CA ASP A 292 31.80 -44.66 -16.04
C ASP A 292 31.28 -45.75 -17.02
N TRP A 293 30.37 -45.38 -17.93
CA TRP A 293 29.77 -46.36 -18.80
C TRP A 293 29.68 -45.92 -20.25
N GLY A 294 30.36 -44.86 -20.65
CA GLY A 294 30.52 -44.61 -22.08
C GLY A 294 29.30 -44.01 -22.74
N HIS A 295 28.51 -43.25 -21.98
CA HIS A 295 27.38 -42.51 -22.58
C HIS A 295 27.92 -41.76 -23.78
N GLN A 296 27.25 -41.81 -24.91
CA GLN A 296 27.69 -41.08 -26.14
C GLN A 296 26.51 -40.68 -27.01
N VAL A 297 26.73 -39.61 -27.77
CA VAL A 297 25.71 -38.91 -28.55
C VAL A 297 26.16 -38.82 -30.05
N LYS A 298 25.32 -39.28 -30.95
CA LYS A 298 25.59 -39.21 -32.37
C LYS A 298 24.91 -38.04 -33.05
N TYR A 299 23.71 -37.69 -32.63
CA TYR A 299 22.94 -36.68 -33.35
C TYR A 299 23.21 -35.29 -32.82
N ASP A 300 23.09 -34.32 -33.73
CA ASP A 300 23.01 -32.93 -33.42
C ASP A 300 21.67 -32.50 -33.96
N ILE A 301 21.36 -31.23 -33.81
CA ILE A 301 20.04 -30.75 -34.03
C ILE A 301 19.61 -30.95 -35.48
N ASP A 302 20.50 -30.71 -36.43
CA ASP A 302 20.07 -30.85 -37.82
C ASP A 302 19.90 -32.30 -38.25
N MET A 303 20.76 -33.19 -37.79
CA MET A 303 20.53 -34.65 -38.06
C MET A 303 19.20 -35.06 -37.47
N MET A 304 18.91 -34.58 -36.24
CA MET A 304 17.65 -34.93 -35.65
C MET A 304 16.49 -34.44 -36.53
N SER A 305 16.51 -33.16 -36.89
CA SER A 305 15.46 -32.58 -37.67
C SER A 305 15.23 -33.33 -39.00
N GLU A 306 16.32 -33.62 -39.69
CA GLU A 306 16.27 -34.44 -40.91
C GLU A 306 15.48 -35.73 -40.67
N ASP A 307 15.87 -36.49 -39.63
CA ASP A 307 15.28 -37.79 -39.38
C ASP A 307 13.81 -37.67 -38.95
N MET A 308 13.51 -36.67 -38.12
CA MET A 308 12.11 -36.39 -37.70
C MET A 308 11.15 -36.04 -38.83
N LEU A 309 11.58 -35.17 -39.71
CA LEU A 309 10.76 -34.76 -40.86
C LEU A 309 10.57 -35.89 -41.86
N ARG A 310 11.50 -36.84 -41.93
CA ARG A 310 11.38 -38.01 -42.76
C ARG A 310 10.43 -39.02 -42.14
N GLN A 311 10.57 -39.30 -40.83
CA GLN A 311 9.84 -40.36 -40.17
C GLN A 311 8.42 -40.02 -39.81
N ILE A 312 8.16 -38.78 -39.41
CA ILE A 312 6.78 -38.44 -39.06
C ILE A 312 5.72 -38.71 -40.15
N PRO A 313 5.98 -38.30 -41.39
CA PRO A 313 5.05 -38.66 -42.48
C PRO A 313 4.86 -40.18 -42.59
N ILE A 314 5.98 -40.91 -42.65
CA ILE A 314 5.95 -42.37 -42.66
C ILE A 314 5.15 -42.95 -41.49
N LEU A 315 5.43 -42.52 -40.25
CA LEU A 315 4.78 -43.10 -39.06
C LEU A 315 3.38 -42.63 -38.82
N HIS A 316 3.05 -41.40 -39.16
CA HIS A 316 1.73 -40.84 -38.83
C HIS A 316 0.84 -40.45 -40.02
N GLY A 317 1.33 -40.68 -41.25
CA GLY A 317 0.60 -40.34 -42.49
C GLY A 317 0.44 -38.86 -42.84
N LEU A 318 1.13 -38.00 -42.11
CA LEU A 318 1.18 -36.59 -42.45
C LEU A 318 1.81 -36.37 -43.82
N PRO A 319 1.60 -35.15 -44.41
CA PRO A 319 2.26 -34.85 -45.71
C PRO A 319 3.80 -34.79 -45.61
N SER A 320 4.47 -35.43 -46.55
CA SER A 320 5.92 -35.47 -46.60
C SER A 320 6.55 -34.18 -47.07
N LEU A 321 7.88 -34.22 -47.03
CA LEU A 321 8.73 -33.53 -48.00
C LEU A 321 9.14 -34.63 -48.98
N HIS B 1 -39.66 -99.95 -82.50
CA HIS B 1 -39.80 -99.50 -81.08
C HIS B 1 -39.93 -97.96 -80.97
N MET B 2 -41.16 -97.47 -80.66
CA MET B 2 -41.49 -96.03 -80.73
C MET B 2 -42.44 -95.61 -79.64
N PRO B 3 -42.54 -94.29 -79.36
CA PRO B 3 -43.46 -93.83 -78.34
C PRO B 3 -44.93 -94.07 -78.68
N ARG B 4 -45.73 -94.37 -77.66
CA ARG B 4 -47.16 -94.33 -77.73
C ARG B 4 -47.62 -92.97 -77.19
N VAL B 5 -48.30 -92.21 -78.04
CA VAL B 5 -48.52 -90.81 -77.82
C VAL B 5 -50.00 -90.49 -77.76
N LEU B 6 -50.40 -89.88 -76.62
CA LEU B 6 -51.72 -89.35 -76.40
C LEU B 6 -51.67 -87.83 -76.55
N VAL B 7 -52.59 -87.26 -77.34
CA VAL B 7 -52.79 -85.81 -77.41
C VAL B 7 -54.19 -85.50 -76.91
N THR B 8 -54.30 -84.71 -75.82
CA THR B 8 -55.58 -84.12 -75.42
C THR B 8 -55.77 -82.70 -75.95
N GLY B 9 -57.03 -82.29 -76.09
CA GLY B 9 -57.31 -81.02 -76.75
C GLY B 9 -56.78 -80.93 -78.18
N ALA B 10 -56.98 -82.02 -78.90
CA ALA B 10 -56.34 -82.30 -80.14
C ALA B 10 -56.93 -81.62 -81.30
N LEU B 11 -58.17 -81.14 -81.21
CA LEU B 11 -58.83 -80.59 -82.38
C LEU B 11 -58.53 -79.11 -82.65
N GLY B 12 -57.78 -78.47 -81.74
CA GLY B 12 -57.53 -77.06 -81.86
C GLY B 12 -56.44 -76.75 -82.83
N GLN B 13 -55.96 -75.52 -82.76
CA GLN B 13 -54.99 -75.01 -83.70
C GLN B 13 -53.71 -75.85 -83.69
N ILE B 14 -53.18 -76.09 -82.50
CA ILE B 14 -51.93 -76.83 -82.40
C ILE B 14 -52.16 -78.31 -82.54
N GLY B 15 -53.19 -78.79 -81.85
CA GLY B 15 -53.50 -80.21 -81.84
C GLY B 15 -53.73 -80.80 -83.23
N THR B 16 -54.37 -80.03 -84.11
CA THR B 16 -54.69 -80.49 -85.43
C THR B 16 -53.42 -80.90 -86.17
N ASP B 17 -52.47 -79.99 -86.22
CA ASP B 17 -51.24 -80.22 -86.97
C ASP B 17 -50.34 -81.20 -86.27
N LEU B 18 -50.33 -81.15 -84.94
CA LEU B 18 -49.44 -82.04 -84.15
C LEU B 18 -49.92 -83.48 -84.28
N SER B 19 -51.22 -83.69 -84.16
CA SER B 19 -51.83 -85.02 -84.35
C SER B 19 -51.44 -85.66 -85.72
N LEU B 20 -51.51 -84.90 -86.78
CA LEU B 20 -51.15 -85.41 -88.08
C LEU B 20 -49.66 -85.63 -88.19
N ALA B 21 -48.85 -84.69 -87.70
CA ALA B 21 -47.43 -84.93 -87.68
C ALA B 21 -47.06 -86.19 -86.88
N LEU B 22 -47.67 -86.40 -85.71
CA LEU B 22 -47.31 -87.52 -84.88
C LEU B 22 -47.73 -88.86 -85.56
N ARG B 23 -48.92 -88.88 -86.15
CA ARG B 23 -49.41 -90.03 -86.88
C ARG B 23 -48.51 -90.38 -88.07
N ASP B 24 -47.99 -89.34 -88.71
CA ASP B 24 -47.03 -89.52 -89.75
C ASP B 24 -45.70 -90.03 -89.29
N LYS B 25 -45.20 -89.52 -88.19
CA LYS B 25 -43.90 -89.93 -87.72
C LYS B 25 -43.92 -91.30 -87.05
N PHE B 26 -44.91 -91.59 -86.21
CA PHE B 26 -44.89 -92.79 -85.41
C PHE B 26 -45.87 -93.87 -85.85
N GLY B 27 -46.75 -93.56 -86.79
CA GLY B 27 -47.77 -94.50 -87.23
C GLY B 27 -49.03 -94.18 -86.50
N ALA B 28 -50.15 -94.26 -87.22
CA ALA B 28 -51.46 -93.97 -86.67
C ALA B 28 -51.76 -94.86 -85.48
N ASP B 29 -51.21 -96.06 -85.59
CA ASP B 29 -51.30 -97.06 -84.57
C ASP B 29 -50.81 -96.63 -83.20
N SER B 30 -49.82 -95.75 -83.15
CA SER B 30 -49.15 -95.43 -81.91
C SER B 30 -49.60 -94.09 -81.33
N VAL B 31 -50.58 -93.48 -81.98
CA VAL B 31 -51.09 -92.19 -81.60
C VAL B 31 -52.58 -92.25 -81.33
N LEU B 32 -52.99 -91.78 -80.16
CA LEU B 32 -54.37 -91.56 -79.84
C LEU B 32 -54.63 -90.12 -79.52
N VAL B 33 -55.69 -89.57 -80.09
CA VAL B 33 -55.99 -88.15 -79.99
C VAL B 33 -57.39 -87.98 -79.45
N SER B 34 -57.62 -86.92 -78.66
CA SER B 34 -58.91 -86.74 -78.07
C SER B 34 -59.28 -85.28 -77.83
N ASP B 35 -60.58 -85.02 -77.70
CA ASP B 35 -61.01 -83.66 -77.48
C ASP B 35 -62.35 -83.68 -76.87
N VAL B 36 -62.72 -82.59 -76.21
CA VAL B 36 -64.03 -82.47 -75.57
C VAL B 36 -65.17 -82.49 -76.62
N VAL B 37 -64.90 -82.05 -77.85
CA VAL B 37 -65.87 -82.13 -78.94
C VAL B 37 -65.40 -83.09 -80.02
N GLU B 38 -66.35 -83.51 -80.84
CA GLU B 38 -66.08 -84.33 -82.01
C GLU B 38 -65.70 -83.41 -83.13
N PRO B 39 -64.88 -83.86 -84.08
CA PRO B 39 -64.53 -82.96 -85.20
C PRO B 39 -65.73 -82.58 -86.09
N GLY B 40 -65.70 -81.35 -86.60
CA GLY B 40 -66.61 -80.92 -87.64
C GLY B 40 -66.42 -81.77 -88.91
N ALA B 41 -67.42 -81.73 -89.78
CA ALA B 41 -67.45 -82.51 -91.04
C ALA B 41 -66.19 -82.32 -91.84
N LYS B 42 -65.77 -81.09 -92.04
CA LYS B 42 -64.56 -80.74 -92.82
C LYS B 42 -63.22 -80.71 -92.03
N HIS B 43 -63.27 -80.91 -90.72
CA HIS B 43 -62.03 -80.94 -89.93
C HIS B 43 -61.07 -82.02 -90.47
N PRO B 44 -59.79 -81.70 -90.58
CA PRO B 44 -58.83 -82.73 -91.06
C PRO B 44 -58.70 -84.00 -90.23
N LEU B 45 -59.20 -84.01 -89.01
CA LEU B 45 -59.20 -85.20 -88.18
C LEU B 45 -60.56 -85.87 -88.21
N ALA B 46 -61.53 -85.34 -88.95
CA ALA B 46 -62.87 -85.98 -89.06
C ALA B 46 -62.69 -87.31 -89.76
N GLY B 47 -63.42 -88.32 -89.35
CA GLY B 47 -63.41 -89.58 -90.09
C GLY B 47 -62.19 -90.45 -89.92
N LEU B 48 -61.31 -90.11 -88.96
CA LEU B 48 -60.14 -90.91 -88.72
C LEU B 48 -60.37 -91.72 -87.48
N LYS B 49 -59.82 -92.93 -87.52
CA LYS B 49 -59.66 -93.75 -86.32
C LYS B 49 -58.57 -93.21 -85.42
N GLY B 50 -58.68 -93.50 -84.14
CA GLY B 50 -57.78 -93.01 -83.11
C GLY B 50 -58.04 -91.56 -82.72
N VAL B 51 -59.30 -91.15 -82.80
CA VAL B 51 -59.75 -89.83 -82.43
C VAL B 51 -60.97 -90.08 -81.56
N GLU B 52 -60.91 -89.61 -80.33
CA GLU B 52 -61.88 -89.98 -79.34
C GLU B 52 -62.41 -88.72 -78.71
N LYS B 53 -63.56 -88.88 -78.07
CA LYS B 53 -64.23 -87.83 -77.36
C LYS B 53 -63.89 -87.96 -75.90
N LEU B 54 -63.24 -86.95 -75.33
CA LEU B 54 -62.95 -86.96 -73.91
C LEU B 54 -62.91 -85.53 -73.35
N ASP B 55 -63.66 -85.36 -72.28
CA ASP B 55 -63.60 -84.16 -71.47
C ASP B 55 -62.59 -84.43 -70.39
N CYS B 56 -61.47 -83.68 -70.44
CA CYS B 56 -60.41 -83.83 -69.44
C CYS B 56 -60.78 -83.35 -68.05
N LEU B 57 -61.87 -82.63 -67.92
CA LEU B 57 -62.49 -82.39 -66.62
C LEU B 57 -63.11 -83.65 -65.99
N ASP B 58 -63.38 -84.67 -66.81
CA ASP B 58 -63.87 -85.98 -66.35
C ASP B 58 -62.66 -86.84 -66.02
N SER B 59 -62.19 -86.71 -64.80
CA SER B 59 -60.96 -87.41 -64.41
C SER B 59 -61.12 -88.90 -64.52
N ASN B 60 -62.31 -89.46 -64.28
CA ASN B 60 -62.49 -90.90 -64.48
C ASN B 60 -62.35 -91.32 -65.93
N GLY B 61 -63.05 -90.61 -66.81
CA GLY B 61 -62.91 -90.78 -68.23
C GLY B 61 -61.45 -90.65 -68.68
N PHE B 62 -60.76 -89.65 -68.15
CA PHE B 62 -59.38 -89.37 -68.53
C PHE B 62 -58.52 -90.59 -68.14
N GLU B 63 -58.67 -91.08 -66.93
CA GLU B 63 -57.93 -92.23 -66.51
C GLU B 63 -58.23 -93.47 -67.33
N LYS B 64 -59.50 -93.71 -67.59
CA LYS B 64 -59.87 -94.88 -68.38
C LYS B 64 -59.17 -94.93 -69.72
N LEU B 65 -59.15 -93.80 -70.40
CA LEU B 65 -58.50 -93.75 -71.70
C LEU B 65 -56.97 -94.01 -71.55
N VAL B 66 -56.36 -93.38 -70.55
CA VAL B 66 -54.91 -93.56 -70.34
C VAL B 66 -54.59 -95.03 -70.00
N LYS B 67 -55.39 -95.58 -69.11
CA LYS B 67 -55.24 -96.97 -68.69
C LYS B 67 -55.36 -97.94 -69.89
N GLU B 68 -56.31 -97.68 -70.77
CA GLU B 68 -56.52 -98.52 -71.95
C GLU B 68 -55.43 -98.34 -72.99
N PHE B 69 -55.12 -97.09 -73.34
CA PHE B 69 -54.09 -96.82 -74.35
C PHE B 69 -52.63 -97.06 -73.92
N LYS B 70 -52.32 -96.82 -72.65
CA LYS B 70 -50.94 -96.90 -72.10
C LYS B 70 -49.98 -96.04 -72.87
N PRO B 71 -50.24 -94.75 -72.89
CA PRO B 71 -49.27 -93.90 -73.52
C PRO B 71 -47.89 -93.88 -72.80
N THR B 72 -46.81 -93.70 -73.53
CA THR B 72 -45.54 -93.30 -72.96
C THR B 72 -45.25 -91.79 -73.01
N TRP B 73 -45.87 -91.11 -73.97
CA TRP B 73 -45.83 -89.65 -74.11
C TRP B 73 -47.28 -89.10 -74.03
N MET B 74 -47.42 -87.91 -73.45
CA MET B 74 -48.70 -87.18 -73.51
C MET B 74 -48.47 -85.72 -73.84
N TYR B 75 -49.20 -85.20 -74.83
CA TYR B 75 -49.30 -83.76 -75.06
C TYR B 75 -50.64 -83.27 -74.61
N HIS B 76 -50.64 -82.55 -73.50
CA HIS B 76 -51.88 -82.07 -72.88
C HIS B 76 -52.12 -80.63 -73.29
N LEU B 77 -52.94 -80.45 -74.31
CA LEU B 77 -53.19 -79.16 -74.93
C LEU B 77 -54.42 -78.35 -74.55
N PRO B 78 -55.41 -78.90 -73.87
CA PRO B 78 -56.52 -77.95 -73.67
C PRO B 78 -56.21 -76.76 -72.75
N ALA B 79 -56.68 -75.59 -73.16
CA ALA B 79 -56.54 -74.38 -72.34
C ALA B 79 -57.39 -73.31 -72.97
N ILE B 80 -57.91 -72.37 -72.16
CA ILE B 80 -58.63 -71.22 -72.66
C ILE B 80 -57.61 -70.08 -72.65
N MET B 81 -57.42 -69.42 -73.80
CA MET B 81 -56.28 -68.57 -74.01
C MET B 81 -56.55 -67.12 -73.65
N SER B 82 -55.57 -66.26 -73.96
CA SER B 82 -55.44 -64.96 -73.36
C SER B 82 -56.68 -64.10 -73.52
N VAL B 83 -57.20 -63.91 -74.71
CA VAL B 83 -58.32 -63.00 -74.87
C VAL B 83 -59.62 -63.67 -74.39
N ARG B 84 -59.82 -64.93 -74.75
CA ARG B 84 -61.04 -65.58 -74.41
C ARG B 84 -61.18 -65.72 -72.87
N GLY B 85 -60.05 -65.93 -72.18
CA GLY B 85 -60.07 -66.18 -70.74
C GLY B 85 -60.59 -64.98 -69.95
N GLU B 86 -60.32 -63.78 -70.46
CA GLU B 86 -60.79 -62.57 -69.81
C GLU B 86 -62.29 -62.46 -69.80
N ALA B 87 -62.96 -62.98 -70.81
CA ALA B 87 -64.44 -63.04 -70.87
C ALA B 87 -65.03 -64.29 -70.25
N GLU B 88 -64.22 -65.34 -70.09
CA GLU B 88 -64.68 -66.59 -69.47
C GLU B 88 -63.66 -67.11 -68.47
N PRO B 89 -63.47 -66.40 -67.36
CA PRO B 89 -62.40 -66.77 -66.47
C PRO B 89 -62.66 -67.99 -65.59
N ASP B 90 -63.93 -68.26 -65.30
CA ASP B 90 -64.34 -69.47 -64.63
C ASP B 90 -63.96 -70.74 -65.41
N LEU B 91 -64.28 -70.74 -66.69
CA LEU B 91 -63.89 -71.84 -67.56
C LEU B 91 -62.36 -71.91 -67.69
N ALA B 92 -61.72 -70.76 -67.83
CA ALA B 92 -60.24 -70.72 -67.80
C ALA B 92 -59.66 -71.36 -66.56
N MET B 93 -60.14 -70.99 -65.38
CA MET B 93 -59.64 -71.60 -64.15
C MET B 93 -59.99 -73.10 -64.12
N ASP B 94 -61.19 -73.48 -64.58
CA ASP B 94 -61.54 -74.94 -64.64
C ASP B 94 -60.64 -75.70 -65.54
N ILE B 95 -60.50 -75.27 -66.78
CA ILE B 95 -59.70 -76.00 -67.74
C ILE B 95 -58.20 -75.91 -67.42
N ASN B 96 -57.71 -74.70 -67.18
CA ASN B 96 -56.26 -74.52 -67.22
C ASN B 96 -55.58 -75.05 -65.93
N VAL B 97 -56.33 -75.08 -64.83
CA VAL B 97 -55.85 -75.52 -63.56
C VAL B 97 -56.23 -76.98 -63.29
N ASN B 98 -57.52 -77.34 -63.46
CA ASN B 98 -57.96 -78.71 -63.07
C ASN B 98 -57.62 -79.79 -64.05
N THR B 99 -57.73 -79.57 -65.38
CA THR B 99 -57.24 -80.58 -66.38
C THR B 99 -55.73 -80.81 -66.28
N THR B 100 -55.02 -79.77 -65.88
CA THR B 100 -53.58 -79.83 -65.70
C THR B 100 -53.17 -80.73 -64.52
N ARG B 101 -53.83 -80.51 -63.40
CA ARG B 101 -53.67 -81.37 -62.25
C ARG B 101 -54.01 -82.85 -62.56
N TYR B 102 -55.12 -83.09 -63.27
CA TYR B 102 -55.52 -84.47 -63.63
C TYR B 102 -54.49 -85.06 -64.52
N ALA B 103 -54.00 -84.26 -65.42
CA ALA B 103 -52.95 -84.74 -66.34
C ALA B 103 -51.67 -85.15 -65.67
N LEU B 104 -51.20 -84.26 -64.83
CA LEU B 104 -49.97 -84.53 -64.08
C LEU B 104 -50.10 -85.78 -63.20
N GLU B 105 -51.26 -85.91 -62.53
CA GLU B 105 -51.53 -87.11 -61.72
C GLU B 105 -51.51 -88.39 -62.53
N LEU B 106 -52.04 -88.33 -63.74
CA LEU B 106 -52.03 -89.53 -64.60
C LEU B 106 -50.62 -89.83 -65.09
N ALA B 107 -49.83 -88.79 -65.39
CA ALA B 107 -48.43 -88.98 -65.77
C ALA B 107 -47.62 -89.61 -64.65
N ARG B 108 -47.89 -89.19 -63.43
CA ARG B 108 -47.26 -89.77 -62.29
C ARG B 108 -47.70 -91.24 -62.12
N LYS B 109 -49.00 -91.47 -62.11
CA LYS B 109 -49.52 -92.79 -61.89
C LYS B 109 -49.13 -93.81 -62.99
N TYR B 110 -49.09 -93.40 -64.25
CA TYR B 110 -48.88 -94.31 -65.33
C TYR B 110 -47.55 -94.15 -66.06
N ASN B 111 -46.64 -93.36 -65.48
CA ASN B 111 -45.28 -93.26 -65.95
C ASN B 111 -45.25 -92.64 -67.35
N ILE B 112 -45.89 -91.51 -67.52
CA ILE B 112 -45.93 -90.87 -68.81
C ILE B 112 -45.01 -89.64 -68.80
N ARG B 113 -44.24 -89.48 -69.87
CA ARG B 113 -43.54 -88.23 -70.18
C ARG B 113 -44.58 -87.24 -70.66
N ILE B 114 -44.74 -86.14 -69.92
CA ILE B 114 -45.82 -85.21 -70.19
C ILE B 114 -45.36 -83.77 -70.58
N PHE B 115 -45.87 -83.31 -71.70
CA PHE B 115 -45.66 -82.02 -72.24
C PHE B 115 -46.91 -81.23 -72.01
N ILE B 116 -46.78 -80.04 -71.41
CA ILE B 116 -47.90 -79.13 -71.25
C ILE B 116 -47.33 -77.76 -71.65
N PRO B 117 -47.83 -77.18 -72.75
CA PRO B 117 -47.33 -75.87 -73.22
C PRO B 117 -47.64 -74.76 -72.25
N SER B 118 -46.66 -73.89 -72.05
CA SER B 118 -46.92 -72.58 -71.44
C SER B 118 -46.96 -71.59 -72.58
N THR B 119 -46.72 -70.32 -72.28
CA THR B 119 -47.01 -69.29 -73.23
C THR B 119 -46.28 -68.05 -72.83
N ILE B 120 -46.01 -67.19 -73.80
CA ILE B 120 -45.52 -65.84 -73.54
C ILE B 120 -46.50 -65.01 -72.69
N ALA B 121 -47.75 -65.41 -72.64
CA ALA B 121 -48.73 -64.71 -71.81
C ALA B 121 -48.49 -64.93 -70.30
N ALA B 122 -47.61 -65.87 -69.95
CA ALA B 122 -47.19 -66.07 -68.58
C ALA B 122 -46.38 -64.90 -68.01
N PHE B 123 -45.80 -64.12 -68.93
CA PHE B 123 -45.06 -62.93 -68.64
C PHE B 123 -45.96 -61.74 -68.55
N GLY B 124 -45.55 -60.73 -67.81
CA GLY B 124 -46.20 -59.44 -67.82
C GLY B 124 -45.14 -58.37 -67.89
N ASP B 125 -45.54 -57.18 -67.49
CA ASP B 125 -44.78 -55.97 -67.79
C ASP B 125 -43.51 -55.73 -66.97
N LYS B 126 -43.21 -56.56 -65.98
CA LYS B 126 -41.94 -56.54 -65.27
C LYS B 126 -41.00 -57.62 -65.76
N CYS B 127 -41.33 -58.31 -66.85
CA CYS B 127 -40.50 -59.45 -67.23
C CYS B 127 -39.12 -59.06 -67.81
N GLY B 128 -38.97 -57.82 -68.30
CA GLY B 128 -37.86 -57.47 -69.18
C GLY B 128 -38.29 -57.83 -70.59
N LYS B 129 -38.85 -56.87 -71.32
CA LYS B 129 -39.58 -57.12 -72.59
C LYS B 129 -38.68 -57.49 -73.77
N THR B 130 -37.38 -57.22 -73.66
CA THR B 130 -36.37 -57.45 -74.69
C THR B 130 -35.54 -58.68 -74.41
N MET B 131 -35.59 -59.64 -75.30
CA MET B 131 -34.87 -60.92 -75.10
C MET B 131 -35.13 -61.45 -73.69
N THR B 132 -36.41 -61.58 -73.36
CA THR B 132 -36.80 -62.00 -72.03
C THR B 132 -36.17 -63.34 -71.74
N LYS B 133 -35.67 -63.46 -70.54
CA LYS B 133 -34.98 -64.64 -70.05
C LYS B 133 -35.89 -65.76 -69.59
N ASP B 134 -35.32 -66.94 -69.44
CA ASP B 134 -36.12 -68.06 -68.98
C ASP B 134 -36.60 -67.89 -67.54
N ASP B 135 -35.69 -67.38 -66.67
CA ASP B 135 -35.94 -67.08 -65.27
C ASP B 135 -36.01 -65.59 -65.08
N THR B 136 -37.22 -65.10 -64.77
CA THR B 136 -37.46 -63.68 -64.54
C THR B 136 -38.74 -63.48 -63.69
N ILE B 137 -39.05 -62.23 -63.40
CA ILE B 137 -40.28 -61.89 -62.72
C ILE B 137 -41.46 -62.22 -63.63
N MET B 138 -42.46 -62.91 -63.07
CA MET B 138 -43.65 -63.29 -63.77
C MET B 138 -44.84 -62.61 -63.13
N ASN B 139 -45.44 -61.66 -63.83
CA ASN B 139 -46.58 -60.89 -63.35
C ASN B 139 -47.65 -60.77 -64.44
N PRO B 140 -48.17 -61.92 -64.93
CA PRO B 140 -49.13 -61.93 -66.03
C PRO B 140 -50.36 -61.06 -65.72
N SER B 141 -50.85 -60.35 -66.72
CA SER B 141 -51.99 -59.44 -66.53
C SER B 141 -53.30 -60.12 -67.01
N THR B 142 -53.31 -61.42 -67.33
CA THR B 142 -54.52 -62.13 -67.74
C THR B 142 -54.70 -63.39 -66.89
N VAL B 143 -55.95 -63.82 -66.69
CA VAL B 143 -56.16 -65.01 -65.90
C VAL B 143 -55.52 -66.23 -66.56
N TYR B 144 -55.55 -66.26 -67.88
CA TYR B 144 -54.86 -67.30 -68.64
C TYR B 144 -53.38 -67.40 -68.29
N GLY B 145 -52.70 -66.25 -68.36
CA GLY B 145 -51.29 -66.14 -67.94
C GLY B 145 -51.02 -66.64 -66.50
N VAL B 146 -51.90 -66.19 -65.61
CA VAL B 146 -51.85 -66.64 -64.21
C VAL B 146 -51.92 -68.17 -64.09
N THR B 147 -52.84 -68.77 -64.87
CA THR B 147 -53.01 -70.22 -64.81
C THR B 147 -51.85 -70.95 -65.43
N LYS B 148 -51.19 -70.34 -66.37
CA LYS B 148 -49.99 -70.92 -66.94
C LYS B 148 -48.75 -70.81 -66.08
N VAL B 149 -48.62 -69.73 -65.33
CA VAL B 149 -47.59 -69.70 -64.31
C VAL B 149 -47.78 -70.84 -63.32
N TYR B 150 -49.01 -71.05 -62.90
CA TYR B 150 -49.33 -72.14 -62.03
C TYR B 150 -48.98 -73.50 -62.69
N THR B 151 -49.31 -73.66 -63.96
CA THR B 151 -48.99 -74.89 -64.74
C THR B 151 -47.45 -75.17 -64.75
N GLU B 152 -46.65 -74.16 -65.06
CA GLU B 152 -45.20 -74.24 -65.00
C GLU B 152 -44.70 -74.72 -63.62
N LEU B 153 -45.16 -74.03 -62.58
CA LEU B 153 -44.73 -74.33 -61.25
C LEU B 153 -45.17 -75.66 -60.76
N LEU B 154 -46.42 -76.03 -61.05
CA LEU B 154 -46.94 -77.29 -60.58
C LEU B 154 -46.27 -78.46 -61.27
N GLY B 155 -46.16 -78.36 -62.57
CA GLY B 155 -45.45 -79.37 -63.37
C GLY B 155 -44.04 -79.61 -62.82
N THR B 156 -43.38 -78.50 -62.53
CA THR B 156 -42.02 -78.52 -62.05
C THR B 156 -41.94 -79.20 -60.67
N TRP B 157 -42.93 -78.91 -59.82
CA TRP B 157 -42.95 -79.60 -58.54
C TRP B 157 -43.18 -81.13 -58.72
N TYR B 158 -44.10 -81.55 -59.63
CA TYR B 158 -44.27 -82.97 -59.96
C TYR B 158 -42.96 -83.63 -60.39
N ARG B 159 -42.17 -82.88 -61.14
CA ARG B 159 -40.87 -83.37 -61.59
C ARG B 159 -39.93 -83.61 -60.41
N GLN B 160 -39.86 -82.65 -59.51
N GLN B 160 -39.90 -82.64 -59.50
CA GLN B 160 -38.94 -82.73 -58.38
CA GLN B 160 -39.00 -82.65 -58.36
C GLN B 160 -39.41 -83.71 -57.31
C GLN B 160 -39.41 -83.69 -57.31
N LYS B 161 -40.67 -83.66 -56.92
CA LYS B 161 -41.21 -84.49 -55.86
C LYS B 161 -41.44 -85.96 -56.27
N TYR B 162 -41.99 -86.19 -57.45
CA TYR B 162 -42.35 -87.54 -57.90
C TYR B 162 -41.53 -88.06 -59.02
N GLY B 163 -40.60 -87.26 -59.50
CA GLY B 163 -39.80 -87.70 -60.62
C GLY B 163 -40.55 -87.72 -61.95
N VAL B 164 -41.71 -87.07 -62.04
CA VAL B 164 -42.46 -87.03 -63.31
C VAL B 164 -41.69 -86.26 -64.41
N ASP B 165 -41.58 -86.85 -65.59
CA ASP B 165 -40.90 -86.21 -66.71
C ASP B 165 -41.83 -85.21 -67.41
N PHE B 166 -41.87 -84.01 -66.80
CA PHE B 166 -42.66 -82.85 -67.19
C PHE B 166 -41.79 -81.95 -68.04
N ARG B 167 -42.26 -81.65 -69.26
CA ARG B 167 -41.50 -80.81 -70.20
C ARG B 167 -42.46 -79.73 -70.72
N SER B 168 -41.95 -78.53 -70.96
CA SER B 168 -42.84 -77.42 -71.39
C SER B 168 -42.00 -76.42 -72.15
N VAL B 169 -42.63 -75.75 -73.13
CA VAL B 169 -42.05 -74.58 -73.71
C VAL B 169 -43.00 -73.45 -73.52
N ARG B 170 -42.49 -72.23 -73.36
CA ARG B 170 -43.36 -71.04 -73.50
C ARG B 170 -43.50 -70.68 -74.98
N LEU B 171 -44.62 -71.03 -75.57
CA LEU B 171 -44.87 -70.83 -76.95
C LEU B 171 -45.23 -69.39 -77.23
N PRO B 172 -44.66 -68.84 -78.31
CA PRO B 172 -45.04 -67.50 -78.74
C PRO B 172 -46.36 -67.62 -79.54
N GLY B 173 -46.83 -66.56 -80.17
CA GLY B 173 -47.98 -66.69 -81.05
C GLY B 173 -47.67 -67.67 -82.16
N ILE B 174 -48.55 -68.61 -82.40
CA ILE B 174 -48.28 -69.66 -83.39
C ILE B 174 -49.14 -69.41 -84.59
N ILE B 175 -48.52 -69.45 -85.78
CA ILE B 175 -49.23 -69.21 -87.04
C ILE B 175 -49.33 -70.53 -87.77
N SER B 176 -50.51 -70.81 -88.25
CA SER B 176 -50.79 -71.98 -89.08
C SER B 176 -52.00 -71.71 -90.00
N ALA B 177 -52.13 -72.56 -91.01
CA ALA B 177 -53.19 -72.40 -91.99
C ALA B 177 -54.37 -73.34 -91.78
N ALA B 178 -54.21 -74.42 -91.03
CA ALA B 178 -55.21 -75.52 -91.01
C ALA B 178 -56.47 -75.30 -90.22
N THR B 179 -56.30 -75.00 -88.94
CA THR B 179 -57.39 -74.83 -87.99
C THR B 179 -57.24 -73.42 -87.44
N LEU B 180 -58.32 -72.64 -87.54
CA LEU B 180 -58.36 -71.26 -87.07
C LEU B 180 -58.09 -71.20 -85.58
N PRO B 181 -57.49 -70.07 -85.12
CA PRO B 181 -57.00 -69.95 -83.73
C PRO B 181 -58.15 -69.84 -82.73
N GLY B 182 -57.85 -70.02 -81.45
CA GLY B 182 -58.87 -70.20 -80.42
C GLY B 182 -59.13 -69.08 -79.42
N GLY B 183 -58.74 -67.85 -79.74
CA GLY B 183 -59.00 -66.71 -78.84
C GLY B 183 -57.79 -66.14 -78.11
N GLY B 184 -56.65 -66.16 -78.78
CA GLY B 184 -55.46 -65.50 -78.27
C GLY B 184 -55.37 -64.06 -78.78
N ALA B 185 -54.55 -63.26 -78.09
CA ALA B 185 -54.25 -61.91 -78.55
C ALA B 185 -53.52 -61.89 -79.90
N THR B 186 -52.91 -63.01 -80.33
CA THR B 186 -52.15 -63.12 -81.58
C THR B 186 -52.97 -63.57 -82.79
N ASP B 187 -54.26 -63.77 -82.61
CA ASP B 187 -55.13 -64.32 -83.63
C ASP B 187 -55.28 -63.43 -84.85
N TYR B 188 -55.12 -62.13 -84.67
CA TYR B 188 -55.21 -61.15 -85.79
C TYR B 188 -54.33 -61.57 -86.99
N ALA B 189 -53.20 -62.23 -86.72
CA ALA B 189 -52.21 -62.51 -87.72
C ALA B 189 -52.78 -63.53 -88.72
N ILE B 190 -53.32 -64.64 -88.21
CA ILE B 190 -54.00 -65.59 -89.10
C ILE B 190 -55.14 -64.99 -89.89
N HIS B 191 -55.97 -64.17 -89.21
CA HIS B 191 -57.08 -63.53 -89.86
C HIS B 191 -56.66 -62.50 -90.95
N MET B 192 -55.50 -61.84 -90.77
CA MET B 192 -55.06 -60.94 -91.80
C MET B 192 -54.79 -61.70 -93.12
N TYR B 193 -54.22 -62.90 -93.07
CA TYR B 193 -54.05 -63.71 -94.27
C TYR B 193 -55.39 -64.00 -94.98
N HIS B 194 -56.39 -64.42 -94.22
CA HIS B 194 -57.73 -64.66 -94.78
C HIS B 194 -58.32 -63.41 -95.40
N SER B 195 -58.21 -62.28 -94.72
CA SER B 195 -58.73 -61.04 -95.25
C SER B 195 -58.02 -60.68 -96.54
N ALA B 196 -56.73 -60.95 -96.62
CA ALA B 196 -55.98 -60.60 -97.84
C ALA B 196 -56.46 -61.44 -99.05
N LEU B 197 -56.66 -62.73 -98.83
CA LEU B 197 -57.04 -63.66 -99.88
C LEU B 197 -58.49 -63.41 -100.27
N LEU B 198 -59.33 -63.03 -99.32
CA LEU B 198 -60.71 -62.64 -99.68
C LEU B 198 -60.79 -61.21 -100.24
N GLN B 199 -59.68 -60.46 -100.21
CA GLN B 199 -59.66 -59.06 -100.56
C GLN B 199 -60.73 -58.25 -99.85
N LYS B 200 -60.87 -58.47 -98.55
CA LYS B 200 -61.75 -57.68 -97.68
C LYS B 200 -60.97 -56.91 -96.64
N LYS B 201 -61.57 -55.84 -96.14
CA LYS B 201 -61.00 -55.02 -95.07
C LYS B 201 -60.72 -55.84 -93.83
N CYS B 202 -59.54 -55.66 -93.25
CA CYS B 202 -59.17 -56.36 -92.05
C CYS B 202 -59.20 -55.30 -90.95
N VAL B 203 -60.01 -55.53 -89.93
CA VAL B 203 -60.04 -54.64 -88.75
C VAL B 203 -59.17 -55.29 -87.72
N CYS B 204 -58.03 -54.67 -87.41
CA CYS B 204 -57.02 -55.31 -86.56
C CYS B 204 -57.09 -54.67 -85.18
N PRO B 205 -57.30 -55.48 -84.13
CA PRO B 205 -57.39 -54.96 -82.74
C PRO B 205 -56.05 -54.67 -82.04
N VAL B 206 -54.95 -55.09 -82.65
CA VAL B 206 -53.62 -54.85 -82.13
C VAL B 206 -53.01 -53.69 -82.87
N LEU B 207 -52.42 -52.78 -82.12
CA LEU B 207 -51.88 -51.59 -82.72
C LEU B 207 -50.68 -51.92 -83.61
N PRO B 208 -50.43 -51.04 -84.59
CA PRO B 208 -49.61 -51.44 -85.77
C PRO B 208 -48.15 -51.74 -85.48
N TYR B 209 -47.59 -51.18 -84.43
CA TYR B 209 -46.17 -51.39 -84.11
C TYR B 209 -46.01 -52.20 -82.83
N GLU B 210 -47.06 -52.93 -82.43
CA GLU B 210 -47.00 -53.83 -81.29
C GLU B 210 -46.34 -55.13 -81.71
N SER B 211 -45.05 -55.22 -81.40
CA SER B 211 -44.24 -56.33 -81.84
C SER B 211 -44.34 -57.47 -80.84
N LEU B 212 -44.44 -58.70 -81.35
CA LEU B 212 -44.56 -59.87 -80.50
C LEU B 212 -43.77 -61.05 -81.03
N PRO B 213 -43.28 -61.91 -80.14
CA PRO B 213 -42.74 -63.20 -80.59
C PRO B 213 -43.80 -64.10 -81.24
N MET B 214 -43.41 -64.70 -82.38
CA MET B 214 -44.25 -65.49 -83.15
C MET B 214 -43.45 -66.67 -83.68
N MET B 215 -44.15 -67.68 -84.18
CA MET B 215 -43.46 -68.81 -84.85
C MET B 215 -44.39 -69.47 -85.83
N TYR B 216 -43.86 -69.95 -86.94
CA TYR B 216 -44.67 -70.69 -87.88
C TYR B 216 -44.69 -72.15 -87.50
N MET B 217 -45.86 -72.74 -87.70
CA MET B 217 -46.22 -74.12 -87.28
C MET B 217 -45.19 -75.24 -87.57
N PRO B 218 -44.64 -75.30 -88.80
CA PRO B 218 -43.66 -76.36 -89.02
C PRO B 218 -42.48 -76.30 -88.06
N ASP B 219 -42.01 -75.10 -87.71
CA ASP B 219 -40.94 -74.99 -86.72
C ASP B 219 -41.43 -75.42 -85.31
N THR B 220 -42.66 -75.04 -84.99
CA THR B 220 -43.29 -75.36 -83.74
C THR B 220 -43.38 -76.89 -83.61
N LEU B 221 -43.83 -77.56 -84.65
CA LEU B 221 -43.96 -79.02 -84.61
C LEU B 221 -42.61 -79.70 -84.42
N ASN B 222 -41.61 -79.21 -85.12
CA ASN B 222 -40.28 -79.79 -85.00
C ASN B 222 -39.80 -79.69 -83.55
N SER B 223 -40.00 -78.53 -82.96
CA SER B 223 -39.60 -78.32 -81.57
C SER B 223 -40.44 -79.13 -80.54
N LEU B 224 -41.77 -79.25 -80.75
CA LEU B 224 -42.62 -80.03 -79.83
C LEU B 224 -42.23 -81.51 -79.83
N VAL B 225 -41.83 -82.02 -81.01
CA VAL B 225 -41.32 -83.38 -81.06
C VAL B 225 -39.91 -83.46 -80.50
N LYS B 226 -39.04 -82.55 -80.92
CA LYS B 226 -37.64 -82.59 -80.52
C LYS B 226 -37.51 -82.53 -78.99
N ILE B 227 -38.30 -81.69 -78.32
CA ILE B 227 -38.11 -81.57 -76.88
C ILE B 227 -38.53 -82.87 -76.19
N MET B 228 -39.48 -83.59 -76.77
CA MET B 228 -39.96 -84.84 -76.17
C MET B 228 -39.03 -86.04 -76.44
N GLU B 229 -38.37 -86.00 -77.57
CA GLU B 229 -37.37 -87.04 -77.90
C GLU B 229 -36.11 -86.89 -77.12
N ALA B 230 -35.80 -85.70 -76.62
CA ALA B 230 -34.55 -85.49 -75.94
C ALA B 230 -34.37 -86.39 -74.71
N PRO B 231 -33.10 -86.79 -74.39
CA PRO B 231 -32.83 -87.52 -73.15
C PRO B 231 -32.99 -86.61 -71.93
N LEU B 232 -33.64 -87.14 -70.91
CA LEU B 232 -33.93 -86.38 -69.71
C LEU B 232 -32.69 -85.71 -69.20
N GLU B 233 -31.55 -86.42 -69.27
CA GLU B 233 -30.21 -85.91 -68.85
C GLU B 233 -29.79 -84.63 -69.52
N LYS B 234 -30.17 -84.48 -70.78
CA LYS B 234 -29.84 -83.25 -71.47
C LYS B 234 -30.65 -82.01 -71.09
N LEU B 235 -31.77 -82.17 -70.39
CA LEU B 235 -32.57 -80.98 -70.01
C LEU B 235 -32.09 -80.37 -68.70
N THR B 236 -31.66 -79.13 -68.75
CA THR B 236 -31.29 -78.48 -67.52
C THR B 236 -32.55 -77.82 -66.82
N ARG B 237 -33.67 -77.76 -67.50
CA ARG B 237 -34.86 -77.18 -66.90
C ARG B 237 -36.09 -77.87 -67.43
N THR B 238 -37.20 -77.61 -66.77
CA THR B 238 -38.45 -78.15 -67.21
C THR B 238 -39.13 -77.21 -68.21
N VAL B 239 -38.96 -75.89 -68.09
CA VAL B 239 -39.72 -74.95 -68.93
C VAL B 239 -38.77 -74.07 -69.73
N TYR B 240 -38.96 -74.03 -71.03
CA TYR B 240 -38.04 -73.35 -71.95
C TYR B 240 -38.77 -72.30 -72.76
N ASN B 241 -38.25 -71.07 -72.82
CA ASN B 241 -38.66 -70.11 -73.84
C ASN B 241 -38.23 -70.69 -75.19
N ILE B 242 -39.11 -70.56 -76.19
CA ILE B 242 -38.68 -70.70 -77.56
C ILE B 242 -39.28 -69.61 -78.39
N THR B 243 -38.54 -69.14 -79.38
CA THR B 243 -39.17 -68.25 -80.38
C THR B 243 -38.77 -68.61 -81.83
N GLY B 244 -39.54 -68.02 -82.74
CA GLY B 244 -39.28 -68.06 -84.15
C GLY B 244 -38.68 -66.72 -84.49
N PHE B 245 -39.54 -65.71 -84.59
CA PHE B 245 -39.16 -64.35 -84.87
C PHE B 245 -40.29 -63.46 -84.39
N SER B 246 -40.00 -62.17 -84.23
CA SER B 246 -40.97 -61.23 -83.76
C SER B 246 -41.44 -60.42 -84.92
N PHE B 247 -42.70 -60.02 -84.90
CA PHE B 247 -43.22 -59.03 -85.81
C PHE B 247 -44.41 -58.26 -85.23
N SER B 248 -44.62 -57.08 -85.78
CA SER B 248 -45.80 -56.28 -85.52
C SER B 248 -46.82 -56.45 -86.66
N PRO B 249 -48.06 -55.99 -86.42
CA PRO B 249 -49.05 -56.11 -87.46
C PRO B 249 -48.69 -55.41 -88.78
N SER B 250 -48.05 -54.25 -88.69
CA SER B 250 -47.66 -53.52 -89.91
C SER B 250 -46.56 -54.22 -90.67
N GLU B 251 -45.63 -54.84 -89.94
CA GLU B 251 -44.69 -55.78 -90.54
C GLU B 251 -45.32 -56.95 -91.21
N LEU B 252 -46.35 -57.55 -90.59
CA LEU B 252 -47.04 -58.65 -91.22
C LEU B 252 -47.69 -58.19 -92.51
N ARG B 253 -48.33 -57.06 -92.43
CA ARG B 253 -49.01 -56.47 -93.57
C ARG B 253 -48.06 -56.26 -94.74
N PHE B 254 -46.90 -55.63 -94.46
CA PHE B 254 -45.84 -55.50 -95.46
C PHE B 254 -45.46 -56.87 -96.09
N SER B 255 -45.28 -57.89 -95.26
CA SER B 255 -44.92 -59.20 -95.75
C SER B 255 -45.98 -59.80 -96.65
N ILE B 256 -47.24 -59.69 -96.25
CA ILE B 256 -48.34 -60.21 -97.07
C ILE B 256 -48.41 -59.46 -98.38
N GLU B 257 -48.30 -58.15 -98.34
CA GLU B 257 -48.38 -57.40 -99.55
C GLU B 257 -47.11 -57.57 -100.46
N ARG B 258 -45.94 -57.83 -99.90
CA ARG B 258 -44.85 -58.35 -100.74
C ARG B 258 -45.24 -59.62 -101.50
N CYS B 259 -45.81 -60.61 -100.82
CA CYS B 259 -46.10 -61.89 -101.46
C CYS B 259 -47.30 -61.87 -102.41
N THR B 260 -48.29 -61.03 -102.16
CA THR B 260 -49.45 -60.97 -103.03
C THR B 260 -49.25 -59.96 -104.16
N ASP B 261 -48.26 -59.10 -104.04
CA ASP B 261 -48.04 -58.02 -105.00
C ASP B 261 -49.27 -57.16 -105.16
N ARG B 262 -49.93 -56.85 -104.05
CA ARG B 262 -51.10 -55.96 -104.03
C ARG B 262 -51.34 -55.51 -102.59
N THR B 263 -51.94 -54.34 -102.43
CA THR B 263 -52.10 -53.73 -101.13
C THR B 263 -53.34 -54.32 -100.51
N ILE B 264 -53.31 -54.41 -99.20
CA ILE B 264 -54.36 -55.07 -98.46
C ILE B 264 -54.92 -53.99 -97.52
N GLU B 265 -56.22 -53.97 -97.33
CA GLU B 265 -56.83 -52.90 -96.53
C GLU B 265 -56.87 -53.35 -95.06
N VAL B 266 -56.15 -52.62 -94.20
CA VAL B 266 -56.11 -52.91 -92.75
C VAL B 266 -56.45 -51.65 -92.05
N GLU B 267 -57.46 -51.70 -91.18
CA GLU B 267 -57.78 -50.58 -90.31
C GLU B 267 -57.53 -51.05 -88.88
N TYR B 268 -56.83 -50.22 -88.13
CA TYR B 268 -56.45 -50.48 -86.76
C TYR B 268 -57.48 -49.88 -85.81
N VAL B 269 -58.24 -50.73 -85.16
CA VAL B 269 -59.22 -50.31 -84.14
C VAL B 269 -58.92 -51.17 -82.91
N GLU B 270 -58.39 -50.53 -81.88
CA GLU B 270 -57.88 -51.24 -80.71
C GLU B 270 -59.01 -52.09 -80.10
N GLY B 271 -58.74 -53.33 -79.81
CA GLY B 271 -59.66 -54.19 -79.05
C GLY B 271 -58.92 -54.73 -77.85
N PRO B 272 -59.58 -55.55 -77.06
CA PRO B 272 -58.98 -56.11 -75.85
C PRO B 272 -57.58 -56.76 -76.06
N ALA B 273 -57.34 -57.35 -77.20
CA ALA B 273 -56.02 -57.93 -77.51
C ALA B 273 -54.82 -56.98 -77.32
N GLN B 274 -55.01 -55.69 -77.55
CA GLN B 274 -53.92 -54.75 -77.48
C GLN B 274 -53.30 -54.60 -76.10
N LYS B 275 -54.10 -54.25 -75.11
CA LYS B 275 -53.60 -54.09 -73.77
C LYS B 275 -52.93 -55.38 -73.25
N ILE B 276 -53.49 -56.52 -73.62
CA ILE B 276 -52.93 -57.81 -73.22
C ILE B 276 -51.54 -57.96 -73.85
N ALA B 277 -51.52 -57.77 -75.17
CA ALA B 277 -50.32 -57.96 -75.93
C ALA B 277 -49.21 -56.97 -75.55
N ASN B 278 -49.58 -55.75 -75.24
CA ASN B 278 -48.64 -54.73 -74.81
C ASN B 278 -47.93 -55.10 -73.51
N SER B 279 -48.55 -55.95 -72.67
CA SER B 279 -47.90 -56.47 -71.46
C SER B 279 -46.89 -57.60 -71.70
N TRP B 280 -46.83 -58.11 -72.93
CA TRP B 280 -46.01 -59.25 -73.24
C TRP B 280 -44.62 -58.84 -73.70
N PRO B 281 -43.69 -59.78 -73.68
CA PRO B 281 -42.39 -59.44 -74.28
C PRO B 281 -42.45 -59.11 -75.76
N ASP B 282 -41.45 -58.38 -76.24
CA ASP B 282 -41.22 -58.18 -77.67
C ASP B 282 -40.46 -59.30 -78.33
N SER B 283 -39.49 -59.84 -77.60
CA SER B 283 -38.63 -60.92 -78.03
C SER B 283 -38.23 -61.79 -76.83
N LEU B 284 -37.90 -63.05 -77.07
CA LEU B 284 -37.52 -64.01 -76.05
C LEU B 284 -36.08 -64.47 -76.28
N ASP B 285 -35.39 -64.73 -75.17
CA ASP B 285 -34.14 -65.41 -75.14
C ASP B 285 -34.39 -66.90 -75.05
N ASP B 286 -34.05 -67.63 -76.12
CA ASP B 286 -34.25 -69.08 -76.13
C ASP B 286 -32.95 -69.88 -76.28
N SER B 287 -31.87 -69.29 -75.80
CA SER B 287 -30.57 -69.92 -75.86
C SER B 287 -30.56 -71.20 -75.03
N ASN B 288 -31.28 -71.27 -73.90
CA ASN B 288 -31.26 -72.56 -73.16
C ASN B 288 -31.82 -73.71 -74.00
N ALA B 289 -32.89 -73.43 -74.71
CA ALA B 289 -33.54 -74.44 -75.55
C ALA B 289 -32.66 -74.89 -76.71
N ARG B 290 -31.99 -73.91 -77.29
CA ARG B 290 -31.07 -74.13 -78.41
C ARG B 290 -29.94 -75.02 -77.93
N ASN B 291 -29.37 -74.65 -76.80
CA ASN B 291 -28.27 -75.37 -76.22
C ASN B 291 -28.65 -76.73 -75.70
N ASP B 292 -29.78 -76.87 -75.01
CA ASP B 292 -30.03 -78.13 -74.33
C ASP B 292 -30.56 -79.19 -75.28
N TRP B 293 -31.45 -78.83 -76.20
CA TRP B 293 -32.08 -79.81 -77.03
C TRP B 293 -32.23 -79.44 -78.49
N GLY B 294 -31.58 -78.39 -78.97
CA GLY B 294 -31.50 -78.17 -80.42
C GLY B 294 -32.72 -77.51 -81.02
N HIS B 295 -33.40 -76.66 -80.26
CA HIS B 295 -34.49 -75.88 -80.83
C HIS B 295 -33.96 -75.11 -82.04
N GLN B 296 -34.68 -75.14 -83.14
CA GLN B 296 -34.18 -74.46 -84.35
C GLN B 296 -35.35 -73.95 -85.21
N VAL B 297 -35.10 -72.89 -85.96
CA VAL B 297 -36.15 -72.21 -86.73
C VAL B 297 -35.71 -72.19 -88.19
N LYS B 298 -36.53 -72.69 -89.09
CA LYS B 298 -36.30 -72.57 -90.54
C LYS B 298 -37.01 -71.36 -91.17
N TYR B 299 -38.24 -71.06 -90.77
CA TYR B 299 -38.98 -70.00 -91.45
C TYR B 299 -38.66 -68.62 -90.94
N ASP B 300 -38.65 -67.65 -91.84
CA ASP B 300 -38.82 -66.27 -91.48
C ASP B 300 -40.17 -65.77 -91.98
N ILE B 301 -40.46 -64.48 -91.84
CA ILE B 301 -41.82 -64.00 -92.08
C ILE B 301 -42.28 -64.12 -93.54
N ASP B 302 -41.36 -63.87 -94.47
CA ASP B 302 -41.68 -64.02 -95.88
C ASP B 302 -41.89 -65.45 -96.27
N MET B 303 -41.06 -66.37 -95.78
CA MET B 303 -41.30 -67.77 -96.11
C MET B 303 -42.63 -68.19 -95.51
N MET B 304 -42.92 -67.72 -94.31
CA MET B 304 -44.19 -68.03 -93.71
C MET B 304 -45.34 -67.51 -94.56
N SER B 305 -45.27 -66.25 -94.96
CA SER B 305 -46.35 -65.63 -95.70
C SER B 305 -46.63 -66.34 -97.04
N GLU B 306 -45.56 -66.68 -97.75
CA GLU B 306 -45.71 -67.43 -99.01
C GLU B 306 -46.39 -68.74 -98.76
N ASP B 307 -45.97 -69.45 -97.72
CA ASP B 307 -46.62 -70.76 -97.43
C ASP B 307 -48.10 -70.65 -96.97
N MET B 308 -48.39 -69.68 -96.09
CA MET B 308 -49.78 -69.40 -95.69
C MET B 308 -50.71 -69.04 -96.88
N LEU B 309 -50.23 -68.13 -97.72
CA LEU B 309 -51.02 -67.67 -98.84
C LEU B 309 -51.24 -68.79 -99.87
N ARG B 310 -50.36 -69.78 -99.91
CA ARG B 310 -50.55 -70.98 -100.78
C ARG B 310 -51.48 -72.02 -100.10
N GLN B 311 -51.25 -72.30 -98.82
CA GLN B 311 -51.98 -73.34 -98.10
C GLN B 311 -53.47 -73.00 -97.83
N ILE B 312 -53.75 -71.77 -97.46
CA ILE B 312 -55.10 -71.40 -97.02
C ILE B 312 -56.16 -71.65 -98.10
N PRO B 313 -55.93 -71.20 -99.35
CA PRO B 313 -56.89 -71.53 -100.45
C PRO B 313 -57.12 -73.03 -100.62
N ILE B 314 -56.04 -73.81 -100.58
CA ILE B 314 -56.10 -75.25 -100.75
C ILE B 314 -56.90 -75.83 -99.59
N LEU B 315 -56.48 -75.55 -98.37
CA LEU B 315 -57.10 -76.13 -97.19
C LEU B 315 -58.49 -75.63 -96.92
N HIS B 316 -58.82 -74.39 -97.27
CA HIS B 316 -60.12 -73.81 -96.90
C HIS B 316 -60.97 -73.34 -98.08
N GLY B 317 -60.51 -73.51 -99.32
CA GLY B 317 -61.29 -73.02 -100.47
C GLY B 317 -61.36 -71.51 -100.69
N LEU B 318 -60.58 -70.69 -99.97
CA LEU B 318 -60.52 -69.26 -100.30
C LEU B 318 -59.91 -69.03 -101.70
N PRO B 319 -60.15 -67.85 -102.34
CA PRO B 319 -59.52 -67.63 -103.65
C PRO B 319 -57.97 -67.65 -103.60
N SER B 320 -57.32 -68.44 -104.44
CA SER B 320 -55.85 -68.43 -104.46
C SER B 320 -55.29 -67.19 -105.16
N LEU B 321 -53.97 -67.04 -105.06
CA LEU B 321 -53.25 -65.97 -105.73
C LEU B 321 -53.06 -66.23 -107.21
N MET C 2 -5.18 63.05 51.62
CA MET C 2 -4.38 62.51 50.47
C MET C 2 -2.88 62.38 50.80
N PRO C 3 -2.28 61.25 50.40
CA PRO C 3 -0.92 61.04 50.88
C PRO C 3 0.16 61.78 50.10
N ARG C 4 1.24 62.06 50.83
CA ARG C 4 2.53 62.27 50.29
C ARG C 4 3.29 60.94 50.33
N VAL C 5 3.69 60.46 49.16
CA VAL C 5 4.26 59.13 48.97
C VAL C 5 5.74 59.17 48.56
N LEU C 6 6.62 58.59 49.40
CA LEU C 6 8.03 58.39 49.08
C LEU C 6 8.17 56.96 48.59
N VAL C 7 8.92 56.75 47.51
CA VAL C 7 9.23 55.42 47.03
C VAL C 7 10.77 55.34 46.98
N THR C 8 11.36 54.36 47.66
CA THR C 8 12.78 54.11 47.57
C THR C 8 13.02 52.87 46.74
N GLY C 9 14.21 52.74 46.18
CA GLY C 9 14.49 51.69 45.18
C GLY C 9 13.50 51.75 44.05
N ALA C 10 13.16 52.97 43.63
CA ALA C 10 12.05 53.16 42.74
C ALA C 10 12.24 52.84 41.25
N LEU C 11 13.46 52.59 40.77
CA LEU C 11 13.67 52.44 39.36
C LEU C 11 13.77 51.02 38.85
N GLY C 12 13.67 50.04 39.75
CA GLY C 12 13.61 48.63 39.32
C GLY C 12 12.27 48.19 38.73
N GLN C 13 12.04 46.89 38.70
CA GLN C 13 10.90 46.37 37.96
C GLN C 13 9.60 46.83 38.58
N ILE C 14 9.47 46.75 39.91
CA ILE C 14 8.22 47.10 40.56
C ILE C 14 8.16 48.60 40.66
N GLY C 15 9.26 49.19 41.08
CA GLY C 15 9.30 50.65 41.30
C GLY C 15 8.92 51.49 40.09
N THR C 16 9.35 51.04 38.91
CA THR C 16 9.06 51.73 37.67
C THR C 16 7.54 51.91 37.49
N ASP C 17 6.82 50.80 37.49
CA ASP C 17 5.38 50.84 37.27
C ASP C 17 4.68 51.47 38.48
N LEU C 18 5.20 51.23 39.67
CA LEU C 18 4.53 51.73 40.85
C LEU C 18 4.62 53.27 40.90
N SER C 19 5.80 53.80 40.59
CA SER C 19 6.02 55.23 40.60
C SER C 19 5.05 55.95 39.66
N LEU C 20 4.86 55.37 38.48
CA LEU C 20 3.99 55.94 37.47
C LEU C 20 2.57 55.86 37.92
N ALA C 21 2.14 54.74 38.50
CA ALA C 21 0.80 54.62 39.00
C ALA C 21 0.57 55.59 40.12
N LEU C 22 1.50 55.71 41.06
CA LEU C 22 1.28 56.66 42.15
C LEU C 22 1.18 58.13 41.67
N ARG C 23 2.06 58.52 40.74
CA ARG C 23 2.03 59.85 40.14
C ARG C 23 0.71 60.15 39.43
N ASP C 24 0.18 59.18 38.71
CA ASP C 24 -1.07 59.36 38.04
C ASP C 24 -2.25 59.46 39.00
N LYS C 25 -2.17 58.77 40.12
CA LYS C 25 -3.29 58.75 41.02
C LYS C 25 -3.31 59.95 42.01
N PHE C 26 -2.19 60.28 42.60
CA PHE C 26 -2.19 61.32 43.62
C PHE C 26 -1.56 62.63 43.15
N GLY C 27 -1.04 62.63 41.93
CA GLY C 27 -0.34 63.78 41.38
C GLY C 27 1.13 63.77 41.63
N ALA C 28 1.89 64.14 40.60
CA ALA C 28 3.35 64.22 40.64
C ALA C 28 3.90 64.95 41.84
N ASP C 29 3.30 66.07 42.19
CA ASP C 29 3.74 66.85 43.37
C ASP C 29 3.68 66.10 44.71
N SER C 30 2.76 65.17 44.83
CA SER C 30 2.56 64.39 46.03
C SER C 30 3.44 63.11 46.10
N VAL C 31 4.31 62.88 45.12
CA VAL C 31 5.09 61.61 45.04
C VAL C 31 6.55 61.92 44.82
N LEU C 32 7.42 61.36 45.65
CA LEU C 32 8.86 61.45 45.47
C LEU C 32 9.44 60.05 45.26
N VAL C 33 10.23 59.91 44.23
CA VAL C 33 10.74 58.63 43.74
C VAL C 33 12.24 58.72 43.94
N SER C 34 12.86 57.72 44.57
CA SER C 34 14.30 57.72 44.78
C SER C 34 14.97 56.36 44.53
N ASP C 35 16.26 56.41 44.21
CA ASP C 35 17.01 55.20 43.92
C ASP C 35 18.47 55.56 44.02
N VAL C 36 19.30 54.55 44.16
CA VAL C 36 20.73 54.73 44.32
C VAL C 36 21.34 55.10 42.96
N VAL C 37 20.64 54.77 41.87
CA VAL C 37 21.08 55.16 40.53
C VAL C 37 20.08 56.08 39.88
N GLU C 38 20.51 56.72 38.81
CA GLU C 38 19.63 57.64 38.08
C GLU C 38 18.93 56.88 36.96
N PRO C 39 17.77 57.36 36.54
CA PRO C 39 17.12 56.71 35.41
C PRO C 39 17.97 56.81 34.16
N GLY C 40 18.16 55.69 33.46
CA GLY C 40 18.80 55.68 32.13
C GLY C 40 17.96 56.50 31.17
N ALA C 41 18.58 57.06 30.14
CA ALA C 41 17.83 57.89 29.17
C ALA C 41 16.63 57.18 28.53
N LYS C 42 16.65 55.86 28.39
CA LYS C 42 15.45 55.15 27.93
C LYS C 42 14.44 54.82 29.03
N HIS C 43 14.76 55.10 30.30
CA HIS C 43 13.89 54.70 31.40
C HIS C 43 12.66 55.57 31.39
N PRO C 44 11.49 54.96 31.72
CA PRO C 44 10.25 55.69 31.76
C PRO C 44 10.18 56.88 32.71
N LEU C 45 11.10 56.98 33.66
CA LEU C 45 11.09 58.09 34.60
C LEU C 45 12.16 59.12 34.28
N ALA C 46 12.89 58.90 33.19
CA ALA C 46 13.92 59.85 32.77
C ALA C 46 13.26 61.20 32.51
N GLY C 47 13.95 62.27 32.89
CA GLY C 47 13.47 63.63 32.65
C GLY C 47 12.44 64.13 33.62
N LEU C 48 11.86 63.29 34.47
CA LEU C 48 10.73 63.74 35.29
C LEU C 48 11.20 64.47 36.53
N LYS C 49 10.41 65.45 36.99
CA LYS C 49 10.68 66.10 38.29
C LYS C 49 10.24 65.14 39.37
N GLY C 50 10.77 65.30 40.57
CA GLY C 50 10.41 64.45 41.70
C GLY C 50 10.99 63.03 41.59
N VAL C 51 12.22 62.97 41.08
CA VAL C 51 13.03 61.75 40.99
C VAL C 51 14.45 62.07 41.51
N GLU C 52 14.87 61.48 42.65
CA GLU C 52 16.17 61.81 43.28
C GLU C 52 17.04 60.61 43.48
N LYS C 53 18.29 60.91 43.72
CA LYS C 53 19.28 59.92 44.01
C LYS C 53 19.35 59.77 45.54
N LEU C 54 19.18 58.54 46.02
CA LEU C 54 19.40 58.25 47.43
C LEU C 54 19.99 56.86 47.61
N ASP C 55 21.12 56.76 48.29
CA ASP C 55 21.57 55.45 48.81
C ASP C 55 20.97 55.21 50.19
N CYS C 56 20.03 54.26 50.28
CA CYS C 56 19.35 53.96 51.52
C CYS C 56 20.26 53.39 52.59
N LEU C 57 21.47 52.96 52.24
CA LEU C 57 22.49 52.58 53.25
C LEU C 57 23.03 53.80 54.04
N ASP C 58 22.79 55.02 53.54
CA ASP C 58 23.17 56.23 54.21
C ASP C 58 21.98 56.68 55.05
N SER C 59 21.90 56.21 56.31
CA SER C 59 20.69 56.53 57.14
C SER C 59 20.48 58.03 57.27
N ASN C 60 21.58 58.76 57.50
CA ASN C 60 21.54 60.23 57.57
C ASN C 60 20.98 60.89 56.34
N GLY C 61 21.39 60.43 55.17
CA GLY C 61 20.81 60.84 53.91
C GLY C 61 19.37 60.50 53.80
N PHE C 62 19.05 59.27 54.21
CA PHE C 62 17.68 58.75 54.11
C PHE C 62 16.81 59.67 55.01
N GLU C 63 17.32 59.96 56.19
CA GLU C 63 16.59 60.84 57.12
C GLU C 63 16.38 62.27 56.54
N LYS C 64 17.42 62.79 55.92
CA LYS C 64 17.37 64.11 55.33
C LYS C 64 16.26 64.21 54.32
N LEU C 65 16.20 63.23 53.43
CA LEU C 65 15.21 63.27 52.40
C LEU C 65 13.79 63.16 52.99
N VAL C 66 13.63 62.32 54.00
CA VAL C 66 12.32 62.15 54.66
C VAL C 66 11.90 63.46 55.37
N LYS C 67 12.85 64.06 56.05
CA LYS C 67 12.65 65.37 56.70
C LYS C 67 12.11 66.46 55.76
N GLU C 68 12.67 66.62 54.56
CA GLU C 68 12.17 67.67 53.66
C GLU C 68 10.91 67.29 52.93
N PHE C 69 10.81 66.06 52.44
CA PHE C 69 9.61 65.69 51.74
C PHE C 69 8.37 65.49 52.65
N LYS C 70 8.58 65.09 53.90
CA LYS C 70 7.49 64.80 54.86
C LYS C 70 6.46 63.85 54.29
N PRO C 71 6.89 62.62 53.88
CA PRO C 71 5.94 61.64 53.40
C PRO C 71 4.95 61.20 54.47
N THR C 72 3.74 60.82 54.09
CA THR C 72 2.83 60.10 54.99
C THR C 72 2.76 58.60 54.71
N TRP C 73 3.16 58.23 53.49
CA TRP C 73 3.34 56.85 53.06
C TRP C 73 4.78 56.66 52.53
N MET C 74 5.30 55.44 52.65
CA MET C 74 6.54 55.07 51.99
C MET C 74 6.42 53.63 51.51
N TYR C 75 6.90 53.41 50.30
CA TYR C 75 7.10 52.07 49.75
C TYR C 75 8.62 51.85 49.68
N HIS C 76 9.15 51.00 50.56
CA HIS C 76 10.58 50.73 50.59
C HIS C 76 10.86 49.48 49.77
N LEU C 77 11.34 49.66 48.53
CA LEU C 77 11.58 48.56 47.60
C LEU C 77 13.00 48.05 47.39
N PRO C 78 14.06 48.71 47.88
CA PRO C 78 15.33 48.03 47.53
C PRO C 78 15.53 46.69 48.21
N ALA C 79 15.96 45.71 47.45
CA ALA C 79 16.37 44.41 48.01
C ALA C 79 17.18 43.68 46.96
N ILE C 80 18.05 42.79 47.39
CA ILE C 80 18.74 41.91 46.46
C ILE C 80 17.96 40.59 46.50
N MET C 81 17.59 40.04 45.34
CA MET C 81 16.58 38.99 45.24
C MET C 81 17.17 37.57 45.17
N SER C 82 16.35 36.56 44.88
CA SER C 82 16.58 35.18 45.24
C SER C 82 17.84 34.59 44.62
N VAL C 83 18.00 34.71 43.29
CA VAL C 83 19.16 34.20 42.56
C VAL C 83 20.35 35.10 42.74
N ARG C 84 20.19 36.41 42.58
CA ARG C 84 21.32 37.26 42.75
C ARG C 84 21.90 37.24 44.20
N GLY C 85 21.05 37.18 45.21
CA GLY C 85 21.51 37.08 46.59
C GLY C 85 22.46 35.93 46.85
N GLU C 86 22.24 34.79 46.20
CA GLU C 86 23.08 33.62 46.42
C GLU C 86 24.48 33.89 45.96
N ALA C 87 24.63 34.70 44.92
CA ALA C 87 25.93 35.06 44.34
C ALA C 87 26.56 36.28 45.03
N GLU C 88 25.74 37.18 45.61
CA GLU C 88 26.23 38.39 46.28
C GLU C 88 25.58 38.53 47.67
N PRO C 89 25.85 37.56 48.55
CA PRO C 89 25.21 37.52 49.83
C PRO C 89 25.52 38.66 50.78
N ASP C 90 26.74 39.21 50.72
CA ASP C 90 27.11 40.34 51.57
C ASP C 90 26.32 41.56 51.23
N LEU C 91 26.15 41.81 49.92
CA LEU C 91 25.30 42.90 49.47
C LEU C 91 23.85 42.69 49.83
N ALA C 92 23.41 41.43 49.70
CA ALA C 92 22.07 41.09 50.13
C ALA C 92 21.86 41.37 51.59
N MET C 93 22.77 40.90 52.42
CA MET C 93 22.65 41.13 53.85
C MET C 93 22.70 42.63 54.16
N ASP C 94 23.52 43.38 53.44
CA ASP C 94 23.64 44.82 53.73
C ASP C 94 22.33 45.53 53.44
N ILE C 95 21.85 45.36 52.23
CA ILE C 95 20.68 46.07 51.72
C ILE C 95 19.37 45.60 52.34
N ASN C 96 19.15 44.28 52.35
CA ASN C 96 17.84 43.75 52.77
C ASN C 96 17.62 43.93 54.28
N VAL C 97 18.70 43.88 55.05
CA VAL C 97 18.64 44.01 56.52
C VAL C 97 18.78 45.49 56.95
N ASN C 98 19.81 46.18 56.49
CA ASN C 98 20.10 47.53 56.99
C ASN C 98 19.18 48.63 56.48
N THR C 99 18.93 48.64 55.19
CA THR C 99 18.07 49.69 54.66
C THR C 99 16.70 49.55 55.28
N THR C 100 16.23 48.32 55.48
CA THR C 100 14.96 48.02 56.12
C THR C 100 14.89 48.59 57.55
N ARG C 101 15.94 48.35 58.31
CA ARG C 101 16.06 48.88 59.68
C ARG C 101 15.96 50.43 59.67
N TYR C 102 16.71 51.06 58.79
CA TYR C 102 16.63 52.53 58.67
C TYR C 102 15.25 53.02 58.27
N ALA C 103 14.63 52.32 57.32
CA ALA C 103 13.34 52.71 56.86
C ALA C 103 12.32 52.61 57.98
N LEU C 104 12.35 51.53 58.75
CA LEU C 104 11.39 51.36 59.85
C LEU C 104 11.57 52.40 60.96
N GLU C 105 12.83 52.71 61.24
CA GLU C 105 13.16 53.67 62.23
C GLU C 105 12.65 55.07 61.78
N LEU C 106 12.78 55.39 60.52
CA LEU C 106 12.22 56.65 60.02
C LEU C 106 10.66 56.66 60.04
N ALA C 107 10.03 55.55 59.69
CA ALA C 107 8.57 55.44 59.78
C ALA C 107 8.10 55.69 61.19
N ARG C 108 8.89 55.19 62.15
CA ARG C 108 8.63 55.45 63.53
C ARG C 108 8.80 56.94 63.91
N LYS C 109 9.95 57.49 63.60
CA LYS C 109 10.34 58.86 63.99
C LYS C 109 9.39 59.89 63.33
N TYR C 110 9.02 59.65 62.08
CA TYR C 110 8.25 60.58 61.29
C TYR C 110 6.84 60.14 60.98
N ASN C 111 6.35 59.12 61.68
CA ASN C 111 4.95 58.73 61.56
C ASN C 111 4.49 58.42 60.15
N ILE C 112 5.20 57.52 59.48
CA ILE C 112 4.95 57.22 58.07
C ILE C 112 4.32 55.82 58.04
N ARG C 113 3.27 55.68 57.27
CA ARG C 113 2.74 54.37 56.89
C ARG C 113 3.73 53.79 55.90
N ILE C 114 4.25 52.62 56.23
CA ILE C 114 5.36 52.04 55.52
C ILE C 114 5.02 50.64 54.97
N PHE C 115 5.14 50.50 53.68
CA PHE C 115 5.03 49.24 52.98
C PHE C 115 6.44 48.74 52.67
N ILE C 116 6.70 47.48 53.02
CA ILE C 116 7.96 46.78 52.62
C ILE C 116 7.52 45.42 52.11
N PRO C 117 7.74 45.16 50.84
CA PRO C 117 7.26 43.89 50.29
C PRO C 117 8.07 42.70 50.82
N SER C 118 7.36 41.64 51.13
CA SER C 118 7.97 40.36 51.30
C SER C 118 7.83 39.55 49.99
N THR C 119 7.90 38.23 50.06
CA THR C 119 8.05 37.39 48.85
C THR C 119 7.76 35.96 49.18
N ILE C 120 7.30 35.25 48.19
CA ILE C 120 7.20 33.79 48.30
C ILE C 120 8.56 33.10 48.63
N ALA C 121 9.68 33.75 48.34
CA ALA C 121 11.01 33.27 48.73
C ALA C 121 11.25 33.21 50.22
N ALA C 122 10.37 33.82 51.02
CA ALA C 122 10.43 33.72 52.47
C ALA C 122 10.05 32.30 52.88
N PHE C 123 9.34 31.57 52.02
CA PHE C 123 9.01 30.18 52.25
C PHE C 123 10.09 29.17 51.79
N GLY C 124 10.07 28.05 52.48
CA GLY C 124 10.86 26.93 52.08
C GLY C 124 10.05 25.69 52.03
N ASP C 125 10.75 24.59 52.02
CA ASP C 125 10.10 23.34 51.71
C ASP C 125 9.29 22.71 52.82
N LYS C 126 9.29 23.31 54.00
CA LYS C 126 8.33 22.94 55.04
C LYS C 126 7.06 23.81 55.07
N CYS C 127 6.82 24.65 54.09
CA CYS C 127 5.76 25.63 54.24
C CYS C 127 4.38 25.02 54.10
N GLY C 128 4.29 23.88 53.40
CA GLY C 128 3.00 23.33 53.04
C GLY C 128 2.74 24.06 51.72
N LYS C 129 2.79 23.29 50.68
CA LYS C 129 3.12 23.84 49.43
C LYS C 129 1.94 24.04 48.48
N THR C 130 0.81 23.48 48.84
CA THR C 130 -0.42 23.71 48.15
C THR C 130 -1.22 24.69 48.98
N MET C 131 -1.62 25.80 48.35
CA MET C 131 -2.39 26.84 49.00
C MET C 131 -1.78 27.27 50.31
N THR C 132 -0.49 27.60 50.31
CA THR C 132 0.27 27.89 51.52
C THR C 132 -0.42 28.98 52.33
N LYS C 133 -0.53 28.78 53.63
CA LYS C 133 -1.24 29.66 54.52
C LYS C 133 -0.38 30.89 54.84
N ASP C 134 -1.02 31.89 55.40
CA ASP C 134 -0.35 33.10 55.84
C ASP C 134 0.60 32.83 57.00
N ASP C 135 0.21 31.95 57.92
CA ASP C 135 1.04 31.56 59.04
C ASP C 135 1.44 30.09 58.88
N THR C 136 2.72 29.82 58.73
CA THR C 136 3.25 28.51 58.63
C THR C 136 4.74 28.50 59.03
N ILE C 137 5.39 27.36 58.90
CA ILE C 137 6.82 27.23 59.06
C ILE C 137 7.53 27.98 57.95
N MET C 138 8.52 28.80 58.34
CA MET C 138 9.33 29.58 57.41
C MET C 138 10.74 29.07 57.45
N ASN C 139 11.15 28.26 56.45
CA ASN C 139 12.52 27.75 56.33
C ASN C 139 13.11 28.05 54.93
N PRO C 140 13.33 29.34 54.62
CA PRO C 140 13.79 29.71 53.28
C PRO C 140 15.19 29.12 53.00
N SER C 141 15.45 28.76 51.77
CA SER C 141 16.70 28.15 51.38
C SER C 141 17.65 29.18 50.76
N THR C 142 17.28 30.46 50.66
CA THR C 142 18.14 31.52 50.18
C THR C 142 18.37 32.64 51.23
N VAL C 143 19.50 33.29 51.18
CA VAL C 143 19.76 34.39 52.08
C VAL C 143 18.76 35.46 51.87
N TYR C 144 18.35 35.67 50.63
CA TYR C 144 17.29 36.66 50.40
C TYR C 144 16.05 36.33 51.19
N GLY C 145 15.61 35.09 51.09
CA GLY C 145 14.45 34.63 51.83
C GLY C 145 14.60 34.80 53.34
N VAL C 146 15.79 34.49 53.81
CA VAL C 146 16.09 34.70 55.23
C VAL C 146 15.99 36.20 55.65
N THR C 147 16.49 37.10 54.83
CA THR C 147 16.43 38.52 55.12
C THR C 147 15.00 39.02 55.06
N LYS C 148 14.17 38.36 54.27
CA LYS C 148 12.75 38.76 54.18
C LYS C 148 11.93 38.23 55.33
N VAL C 149 12.28 37.06 55.86
CA VAL C 149 11.63 36.60 57.11
C VAL C 149 11.92 37.65 58.20
N TYR C 150 13.19 38.08 58.27
CA TYR C 150 13.60 39.15 59.20
C TYR C 150 12.78 40.46 59.01
N THR C 151 12.65 40.89 57.75
CA THR C 151 11.91 42.07 57.43
C THR C 151 10.49 41.97 57.93
N GLU C 152 9.83 40.85 57.65
CA GLU C 152 8.43 40.66 58.13
C GLU C 152 8.35 40.76 59.68
N LEU C 153 9.29 40.13 60.37
CA LEU C 153 9.27 40.05 61.81
C LEU C 153 9.62 41.35 62.47
N LEU C 154 10.64 42.02 61.93
CA LEU C 154 11.07 43.31 62.45
C LEU C 154 9.96 44.36 62.19
N GLY C 155 9.42 44.36 60.99
CA GLY C 155 8.30 45.26 60.69
C GLY C 155 7.14 45.08 61.66
N THR C 156 6.75 43.81 61.88
CA THR C 156 5.63 43.50 62.77
C THR C 156 5.97 43.92 64.21
N TRP C 157 7.21 43.73 64.64
CA TRP C 157 7.60 44.23 65.93
C TRP C 157 7.51 45.76 66.03
N TYR C 158 7.86 46.46 64.98
CA TYR C 158 7.71 47.91 65.00
C TYR C 158 6.21 48.28 65.17
N ARG C 159 5.34 47.60 64.44
CA ARG C 159 3.92 47.78 64.67
C ARG C 159 3.51 47.53 66.15
N GLN C 160 3.86 46.36 66.69
CA GLN C 160 3.48 45.95 68.06
C GLN C 160 4.02 46.94 69.08
N LYS C 161 5.31 47.28 68.99
CA LYS C 161 6.02 48.08 69.96
C LYS C 161 5.68 49.54 69.88
N TYR C 162 5.82 50.11 68.71
CA TYR C 162 5.63 51.56 68.54
C TYR C 162 4.35 52.01 67.84
N GLY C 163 3.51 51.09 67.41
CA GLY C 163 2.36 51.46 66.56
C GLY C 163 2.72 51.95 65.18
N VAL C 164 3.93 51.66 64.69
CA VAL C 164 4.23 51.95 63.29
C VAL C 164 3.26 51.19 62.38
N ASP C 165 2.63 51.88 61.43
CA ASP C 165 1.71 51.25 60.48
C ASP C 165 2.52 50.64 59.34
N PHE C 166 2.97 49.42 59.63
CA PHE C 166 3.73 48.58 58.75
C PHE C 166 2.79 47.62 58.01
N ARG C 167 2.91 47.59 56.69
CA ARG C 167 2.08 46.75 55.88
C ARG C 167 2.95 46.03 54.88
N SER C 168 2.57 44.82 54.54
CA SER C 168 3.36 44.02 53.65
C SER C 168 2.54 42.93 52.96
N VAL C 169 2.95 42.61 51.75
CA VAL C 169 2.45 41.46 51.06
C VAL C 169 3.61 40.55 50.65
N ARG C 170 3.36 39.25 50.67
CA ARG C 170 4.31 38.31 50.10
C ARG C 170 4.03 38.21 48.62
N LEU C 171 4.88 38.83 47.82
CA LEU C 171 4.63 38.89 46.42
C LEU C 171 5.07 37.60 45.76
N PRO C 172 4.24 37.13 44.83
CA PRO C 172 4.65 36.06 43.97
C PRO C 172 5.61 36.58 42.89
N GLY C 173 5.94 35.77 41.90
CA GLY C 173 6.74 36.23 40.78
C GLY C 173 5.97 37.31 40.06
N ILE C 174 6.60 38.44 39.80
CA ILE C 174 5.87 39.55 39.14
C ILE C 174 6.31 39.69 37.69
N ILE C 175 5.31 39.69 36.79
CA ILE C 175 5.55 39.83 35.36
C ILE C 175 5.20 41.21 34.92
N SER C 176 6.14 41.86 34.27
CA SER C 176 5.88 43.19 33.63
C SER C 176 6.74 43.35 32.39
N ALA C 177 6.41 44.37 31.60
CA ALA C 177 7.13 44.67 30.37
C ALA C 177 8.13 45.82 30.46
N ALA C 178 7.93 46.77 31.36
CA ALA C 178 8.65 48.05 31.32
C ALA C 178 10.09 47.95 31.70
N THR C 179 10.38 47.52 32.93
CA THR C 179 11.77 47.42 33.39
C THR C 179 12.09 45.94 33.60
N LEU C 180 13.25 45.54 33.08
CA LEU C 180 13.70 44.15 33.11
C LEU C 180 13.94 43.71 34.57
N PRO C 181 13.76 42.42 34.86
CA PRO C 181 13.79 41.98 36.27
C PRO C 181 15.19 41.95 36.83
N GLY C 182 15.26 41.93 38.17
CA GLY C 182 16.51 42.16 38.85
C GLY C 182 17.15 40.95 39.50
N GLY C 183 16.88 39.72 39.05
CA GLY C 183 17.64 38.54 39.47
C GLY C 183 16.92 37.64 40.49
N GLY C 184 15.61 37.45 40.32
CA GLY C 184 14.88 36.47 41.03
C GLY C 184 14.79 35.16 40.24
N ALA C 185 14.27 34.13 40.90
CA ALA C 185 14.14 32.83 40.29
C ALA C 185 13.05 32.80 39.18
N THR C 186 12.15 33.78 39.17
CA THR C 186 11.04 33.85 38.22
C THR C 186 11.33 34.69 36.98
N ASP C 187 12.56 35.16 36.85
CA ASP C 187 12.94 36.03 35.72
C ASP C 187 12.82 35.38 34.35
N TYR C 188 12.89 34.05 34.28
CA TYR C 188 12.67 33.36 33.02
C TYR C 188 11.39 33.80 32.33
N ALA C 189 10.32 34.09 33.06
CA ALA C 189 9.03 34.28 32.44
C ALA C 189 9.11 35.52 31.52
N ILE C 190 9.61 36.63 32.05
CA ILE C 190 9.77 37.85 31.24
C ILE C 190 10.71 37.60 30.07
N HIS C 191 11.78 36.86 30.32
CA HIS C 191 12.70 36.54 29.20
C HIS C 191 12.14 35.62 28.14
N MET C 192 11.23 34.72 28.50
CA MET C 192 10.61 33.90 27.46
C MET C 192 9.84 34.75 26.46
N TYR C 193 9.17 35.83 26.89
CA TYR C 193 8.41 36.69 25.93
C TYR C 193 9.39 37.42 24.97
N HIS C 194 10.49 37.94 25.51
CA HIS C 194 11.46 38.59 24.66
C HIS C 194 12.04 37.63 23.68
N SER C 195 12.30 36.38 24.07
CA SER C 195 12.82 35.38 23.14
C SER C 195 11.85 35.08 22.03
N ALA C 196 10.59 35.00 22.37
CA ALA C 196 9.57 34.69 21.40
C ALA C 196 9.39 35.83 20.36
N LEU C 197 9.49 37.08 20.80
CA LEU C 197 9.41 38.23 19.91
C LEU C 197 10.65 38.35 19.04
N LEU C 198 11.81 38.01 19.59
CA LEU C 198 13.07 38.03 18.86
C LEU C 198 13.23 36.79 17.98
N GLN C 199 12.29 35.84 18.10
CA GLN C 199 12.40 34.53 17.47
C GLN C 199 13.75 33.86 17.65
N LYS C 200 14.11 33.66 18.90
CA LYS C 200 15.38 33.04 19.25
C LYS C 200 15.12 32.00 20.28
N LYS C 201 16.08 31.09 20.38
CA LYS C 201 16.01 30.01 21.37
C LYS C 201 15.91 30.56 22.75
N CYS C 202 14.92 30.12 23.48
CA CYS C 202 14.86 30.44 24.90
C CYS C 202 15.55 29.24 25.64
N VAL C 203 16.62 29.53 26.36
CA VAL C 203 17.24 28.55 27.31
C VAL C 203 16.68 28.80 28.70
N CYS C 204 15.67 28.02 29.08
CA CYS C 204 14.89 28.29 30.30
C CYS C 204 15.52 27.50 31.48
N PRO C 205 15.98 28.19 32.54
CA PRO C 205 16.70 27.57 33.67
C PRO C 205 15.80 26.91 34.73
N VAL C 206 14.49 26.99 34.50
CA VAL C 206 13.49 26.45 35.38
C VAL C 206 12.88 25.31 34.59
N LEU C 207 12.61 24.24 35.29
CA LEU C 207 12.17 23.00 34.63
C LEU C 207 10.72 23.10 34.17
N PRO C 208 10.37 22.34 33.13
CA PRO C 208 9.16 22.65 32.41
C PRO C 208 7.89 22.56 33.19
N TYR C 209 7.81 21.71 34.20
CA TYR C 209 6.58 21.54 34.95
C TYR C 209 6.68 22.12 36.36
N GLU C 210 7.63 23.02 36.61
CA GLU C 210 7.81 23.59 37.92
C GLU C 210 6.85 24.80 38.03
N SER C 211 5.75 24.61 38.71
CA SER C 211 4.72 25.57 38.78
C SER C 211 4.93 26.48 39.99
N LEU C 212 4.69 27.76 39.77
CA LEU C 212 4.89 28.78 40.76
C LEU C 212 3.77 29.84 40.78
N PRO C 213 3.52 30.48 41.93
CA PRO C 213 2.63 31.61 41.98
C PRO C 213 3.25 32.80 41.31
N MET C 214 2.43 33.46 40.51
CA MET C 214 2.80 34.55 39.67
C MET C 214 1.67 35.59 39.65
N MET C 215 2.00 36.80 39.19
CA MET C 215 1.01 37.88 39.03
C MET C 215 1.46 38.84 37.97
N TYR C 216 0.50 39.34 37.19
CA TYR C 216 0.80 40.38 36.21
C TYR C 216 0.75 41.74 36.89
N MET C 217 1.74 42.57 36.61
CA MET C 217 1.86 43.92 37.17
C MET C 217 0.61 44.78 37.46
N PRO C 218 -0.37 44.89 36.57
CA PRO C 218 -1.55 45.72 36.91
C PRO C 218 -2.30 45.30 38.17
N ASP C 219 -2.43 44.00 38.35
CA ASP C 219 -3.03 43.45 39.55
C ASP C 219 -2.12 43.75 40.76
N THR C 220 -0.80 43.64 40.56
CA THR C 220 0.20 43.95 41.60
C THR C 220 0.08 45.41 42.08
N LEU C 221 0.02 46.33 41.12
CA LEU C 221 -0.12 47.77 41.44
C LEU C 221 -1.43 48.07 42.14
N ASN C 222 -2.50 47.46 41.64
CA ASN C 222 -3.77 47.66 42.21
C ASN C 222 -3.71 47.24 43.67
N SER C 223 -3.10 46.09 43.95
CA SER C 223 -3.04 45.59 45.33
C SER C 223 -2.07 46.39 46.20
N LEU C 224 -0.99 46.87 45.61
CA LEU C 224 -0.03 47.69 46.37
C LEU C 224 -0.64 48.99 46.86
N VAL C 225 -1.50 49.57 46.04
CA VAL C 225 -2.16 50.83 46.42
C VAL C 225 -3.28 50.53 47.40
N LYS C 226 -4.06 49.52 47.06
CA LYS C 226 -5.22 49.15 47.85
C LYS C 226 -4.90 48.75 49.29
N ILE C 227 -3.80 48.02 49.52
CA ILE C 227 -3.47 47.67 50.89
C ILE C 227 -3.05 48.89 51.70
N MET C 228 -2.41 49.85 51.05
CA MET C 228 -2.01 51.11 51.68
C MET C 228 -3.16 52.07 51.95
N GLU C 229 -4.24 51.99 51.20
CA GLU C 229 -5.39 52.87 51.41
C GLU C 229 -6.33 52.31 52.47
N ALA C 230 -6.22 51.02 52.76
CA ALA C 230 -7.11 50.43 53.67
C ALA C 230 -7.03 51.06 55.07
N PRO C 231 -8.18 51.16 55.77
CA PRO C 231 -8.15 51.55 57.16
C PRO C 231 -7.45 50.53 58.02
N LEU C 232 -6.64 51.01 58.93
CA LEU C 232 -5.84 50.19 59.82
C LEU C 232 -6.68 49.14 60.53
N GLU C 233 -7.89 49.54 60.95
CA GLU C 233 -8.81 48.66 61.66
C GLU C 233 -9.31 47.48 60.87
N LYS C 234 -9.35 47.56 59.55
CA LYS C 234 -9.71 46.43 58.74
C LYS C 234 -8.58 45.39 58.60
N LEU C 235 -7.33 45.78 58.85
CA LEU C 235 -6.23 44.83 58.67
C LEU C 235 -6.08 43.93 59.88
N THR C 236 -6.28 42.64 59.71
CA THR C 236 -6.06 41.68 60.80
C THR C 236 -4.58 41.23 60.98
N ARG C 237 -3.72 41.60 60.06
CA ARG C 237 -2.32 41.23 60.17
C ARG C 237 -1.52 42.27 59.42
N THR C 238 -0.20 42.16 59.58
CA THR C 238 0.72 43.05 58.97
C THR C 238 1.17 42.50 57.61
N VAL C 239 1.24 41.16 57.41
CA VAL C 239 1.90 40.59 56.25
C VAL C 239 0.90 39.64 55.62
N TYR C 240 0.62 39.78 54.34
CA TYR C 240 -0.41 38.99 53.63
C TYR C 240 0.14 38.30 52.43
N ASN C 241 -0.13 37.01 52.26
CA ASN C 241 0.03 36.37 50.95
C ASN C 241 -0.93 37.06 49.97
N ILE C 242 -0.42 37.37 48.78
CA ILE C 242 -1.28 37.62 47.61
C ILE C 242 -0.76 36.82 46.44
N THR C 243 -1.66 36.38 45.59
CA THR C 243 -1.28 35.72 44.33
C THR C 243 -2.22 36.12 43.17
N GLY C 244 -1.76 35.88 41.97
CA GLY C 244 -2.53 36.10 40.76
C GLY C 244 -2.95 34.76 40.22
N PHE C 245 -2.01 34.01 39.72
CA PHE C 245 -2.29 32.66 39.22
C PHE C 245 -0.95 31.94 39.13
N SER C 246 -0.98 30.60 39.20
CA SER C 246 0.25 29.78 39.13
C SER C 246 0.44 29.28 37.74
N PHE C 247 1.68 29.22 37.29
CA PHE C 247 2.01 28.57 36.02
C PHE C 247 3.43 28.05 36.04
N SER C 248 3.69 27.09 35.17
CA SER C 248 4.98 26.52 34.94
C SER C 248 5.44 27.07 33.62
N PRO C 249 6.74 26.94 33.31
CA PRO C 249 7.25 27.38 32.00
C PRO C 249 6.54 26.79 30.82
N SER C 250 6.18 25.52 30.88
CA SER C 250 5.49 24.89 29.76
C SER C 250 4.11 25.46 29.61
N GLU C 251 3.44 25.83 30.70
CA GLU C 251 2.18 26.55 30.56
C GLU C 251 2.36 27.96 29.97
N LEU C 252 3.44 28.63 30.34
CA LEU C 252 3.77 29.95 29.78
C LEU C 252 4.05 29.83 28.29
N ARG C 253 4.88 28.88 27.92
CA ARG C 253 5.09 28.56 26.52
C ARG C 253 3.80 28.33 25.71
N PHE C 254 2.91 27.47 26.14
CA PHE C 254 1.65 27.28 25.46
C PHE C 254 0.92 28.60 25.29
N SER C 255 0.88 29.43 26.34
CA SER C 255 0.16 30.74 26.28
C SER C 255 0.71 31.57 25.16
N ILE C 256 2.02 31.62 25.05
CA ILE C 256 2.65 32.48 24.10
C ILE C 256 2.33 31.92 22.71
N GLU C 257 2.43 30.61 22.55
CA GLU C 257 2.12 29.96 21.30
C GLU C 257 0.66 30.19 20.90
N ARG C 258 -0.30 30.09 21.82
CA ARG C 258 -1.69 30.47 21.52
C ARG C 258 -1.86 31.93 21.04
N CYS C 259 -1.14 32.87 21.65
CA CYS C 259 -1.19 34.31 21.29
C CYS C 259 -0.38 34.68 20.05
N THR C 260 0.71 33.98 19.78
CA THR C 260 1.54 34.28 18.61
C THR C 260 1.09 33.47 17.40
N ASP C 261 0.29 32.46 17.65
CA ASP C 261 -0.13 31.47 16.68
C ASP C 261 1.04 30.78 15.94
N ARG C 262 2.17 30.65 16.63
CA ARG C 262 3.27 29.83 16.17
C ARG C 262 3.99 29.13 17.34
N THR C 263 4.84 28.18 17.00
CA THR C 263 5.71 27.47 17.95
C THR C 263 6.82 28.42 18.31
N ILE C 264 7.28 28.37 19.56
CA ILE C 264 8.50 29.06 19.95
C ILE C 264 9.42 27.97 20.47
N GLU C 265 10.73 28.17 20.35
CA GLU C 265 11.62 27.15 20.83
C GLU C 265 12.21 27.50 22.18
N VAL C 266 12.13 26.52 23.07
CA VAL C 266 12.54 26.63 24.47
C VAL C 266 13.33 25.33 24.73
N GLU C 267 14.55 25.48 25.26
CA GLU C 267 15.35 24.35 25.75
C GLU C 267 15.38 24.49 27.26
N TYR C 268 14.95 23.44 27.95
CA TYR C 268 15.00 23.40 29.42
C TYR C 268 16.36 22.90 29.92
N VAL C 269 17.25 23.83 30.23
CA VAL C 269 18.54 23.53 30.87
C VAL C 269 18.63 24.14 32.28
N GLU C 270 18.58 23.29 33.29
CA GLU C 270 18.54 23.76 34.68
C GLU C 270 19.59 24.83 34.99
N GLY C 271 19.17 25.93 35.62
CA GLY C 271 20.09 26.90 36.18
C GLY C 271 19.81 27.00 37.66
N PRO C 272 20.49 27.94 38.38
CA PRO C 272 20.32 28.13 39.81
C PRO C 272 18.89 28.42 40.22
N ALA C 273 18.11 29.03 39.33
CA ALA C 273 16.70 29.33 39.63
C ALA C 273 15.90 28.08 40.00
N GLN C 274 16.25 26.92 39.42
CA GLN C 274 15.45 25.71 39.61
C GLN C 274 15.43 25.17 41.03
N LYS C 275 16.58 24.89 41.63
CA LYS C 275 16.55 24.38 43.01
C LYS C 275 15.85 25.39 43.93
N ILE C 276 16.08 26.68 43.71
CA ILE C 276 15.42 27.72 44.48
C ILE C 276 13.89 27.63 44.33
N ALA C 277 13.43 27.70 43.08
CA ALA C 277 11.97 27.62 42.82
C ALA C 277 11.28 26.40 43.36
N ASN C 278 11.96 25.28 43.28
CA ASN C 278 11.44 23.99 43.73
C ASN C 278 11.19 24.00 45.22
N SER C 279 11.94 24.80 45.97
CA SER C 279 11.71 24.96 47.41
C SER C 279 10.46 25.77 47.72
N TRP C 280 9.88 26.43 46.73
CA TRP C 280 8.82 27.42 47.05
C TRP C 280 7.40 26.84 46.93
N PRO C 281 6.39 27.54 47.46
CA PRO C 281 5.02 27.08 47.16
C PRO C 281 4.68 26.95 45.70
N ASP C 282 3.74 26.06 45.44
CA ASP C 282 3.11 25.93 44.11
C ASP C 282 1.95 26.92 43.96
N SER C 283 1.28 27.25 45.07
CA SER C 283 0.16 28.15 45.06
C SER C 283 0.03 28.71 46.47
N LEU C 284 -0.55 29.91 46.60
CA LEU C 284 -0.79 30.56 47.92
C LEU C 284 -2.28 30.67 48.28
N ASP C 285 -2.58 30.56 49.55
CA ASP C 285 -3.87 30.95 50.06
C ASP C 285 -3.81 32.42 50.45
N ASP C 286 -4.57 33.25 49.74
CA ASP C 286 -4.63 34.69 49.99
C ASP C 286 -6.02 35.17 50.40
N SER C 287 -6.76 34.28 51.01
CA SER C 287 -8.10 34.62 51.43
C SER C 287 -8.09 35.75 52.48
N ASN C 288 -7.11 35.81 53.37
CA ASN C 288 -7.02 36.93 54.34
C ASN C 288 -6.93 38.28 53.66
N ALA C 289 -6.15 38.35 52.59
CA ALA C 289 -6.00 39.57 51.83
C ALA C 289 -7.31 39.92 51.08
N ARG C 290 -7.93 38.93 50.50
CA ARG C 290 -9.19 39.10 49.79
C ARG C 290 -10.21 39.60 50.77
N ASN C 291 -10.23 39.06 51.98
CA ASN C 291 -11.26 39.43 52.94
C ASN C 291 -11.02 40.71 53.67
N ASP C 292 -9.80 40.97 54.15
CA ASP C 292 -9.51 42.17 54.91
C ASP C 292 -9.50 43.44 54.06
N TRP C 293 -8.92 43.39 52.86
CA TRP C 293 -8.77 44.61 52.09
C TRP C 293 -9.03 44.51 50.57
N GLY C 294 -9.64 43.43 50.10
CA GLY C 294 -10.16 43.40 48.72
C GLY C 294 -9.14 43.11 47.63
N HIS C 295 -8.04 42.44 47.98
CA HIS C 295 -7.13 41.96 46.94
C HIS C 295 -7.93 41.24 45.83
N GLN C 296 -7.62 41.56 44.59
CA GLN C 296 -8.31 40.91 43.46
C GLN C 296 -7.44 40.82 42.23
N VAL C 297 -7.85 39.93 41.33
CA VAL C 297 -7.03 39.59 40.18
C VAL C 297 -7.89 39.67 38.93
N LYS C 298 -7.52 40.57 38.01
CA LYS C 298 -8.21 40.75 36.79
C LYS C 298 -7.53 40.00 35.64
N TYR C 299 -6.23 39.68 35.70
CA TYR C 299 -5.59 39.03 34.57
C TYR C 299 -5.44 37.55 34.76
N ASP C 300 -5.59 36.84 33.65
CA ASP C 300 -5.16 35.46 33.56
C ASP C 300 -4.02 35.37 32.56
N ILE C 301 -3.54 34.14 32.30
CA ILE C 301 -2.26 33.97 31.63
C ILE C 301 -2.31 34.46 30.21
N ASP C 302 -3.41 34.19 29.55
CA ASP C 302 -3.60 34.61 28.15
C ASP C 302 -3.89 36.12 28.02
N MET C 303 -4.58 36.73 28.98
CA MET C 303 -4.70 38.20 28.93
C MET C 303 -3.30 38.81 29.16
N MET C 304 -2.54 38.23 30.08
CA MET C 304 -1.17 38.71 30.29
C MET C 304 -0.33 38.55 29.03
N SER C 305 -0.38 37.39 28.40
CA SER C 305 0.44 37.15 27.24
C SER C 305 0.13 38.15 26.10
N GLU C 306 -1.15 38.36 25.86
CA GLU C 306 -1.56 39.34 24.82
C GLU C 306 -1.01 40.71 25.18
N ASP C 307 -1.10 41.14 26.44
CA ASP C 307 -0.62 42.46 26.77
C ASP C 307 0.94 42.53 26.70
N MET C 308 1.62 41.52 27.18
CA MET C 308 3.11 41.51 27.14
C MET C 308 3.67 41.54 25.73
N LEU C 309 3.05 40.78 24.86
CA LEU C 309 3.47 40.66 23.51
C LEU C 309 3.26 41.97 22.77
N ARG C 310 2.25 42.72 23.15
CA ARG C 310 2.05 44.04 22.57
C ARG C 310 3.04 45.09 23.16
N GLN C 311 3.20 45.06 24.49
CA GLN C 311 3.91 46.12 25.17
C GLN C 311 5.40 46.06 25.03
N ILE C 312 5.97 44.87 24.95
CA ILE C 312 7.43 44.74 24.87
C ILE C 312 7.98 45.43 23.60
N PRO C 313 7.43 45.12 22.41
CA PRO C 313 7.95 45.82 21.27
C PRO C 313 7.87 47.33 21.37
N ILE C 314 6.81 47.81 21.98
CA ILE C 314 6.64 49.23 22.13
C ILE C 314 7.64 49.80 23.12
N LEU C 315 7.90 49.13 24.24
CA LEU C 315 8.71 49.76 25.29
C LEU C 315 10.17 49.51 25.04
N HIS C 316 10.50 48.42 24.38
CA HIS C 316 11.89 48.04 24.20
C HIS C 316 12.33 48.02 22.76
N GLY C 317 11.41 48.24 21.84
CA GLY C 317 11.79 48.38 20.44
C GLY C 317 12.05 47.06 19.78
N LEU C 318 11.50 45.98 20.30
CA LEU C 318 11.66 44.66 19.66
C LEU C 318 10.81 44.52 18.39
N PRO C 319 11.10 43.50 17.56
CA PRO C 319 10.12 43.16 16.50
C PRO C 319 8.78 42.69 17.10
N SER C 320 7.69 42.78 16.36
CA SER C 320 6.37 42.37 16.85
C SER C 320 5.76 41.21 16.07
N LEU C 321 4.54 40.84 16.42
CA LEU C 321 3.75 39.84 15.67
C LEU C 321 3.20 40.40 14.35
N MET D 2 54.27 98.84 109.50
CA MET D 2 55.06 98.19 108.39
C MET D 2 56.50 97.95 108.79
N PRO D 3 57.03 96.74 108.53
CA PRO D 3 58.32 96.46 109.15
C PRO D 3 59.46 97.17 108.47
N ARG D 4 60.50 97.45 109.23
CA ARG D 4 61.80 97.80 108.67
C ARG D 4 62.66 96.53 108.75
N VAL D 5 63.06 96.04 107.60
CA VAL D 5 63.67 94.71 107.48
C VAL D 5 65.11 94.77 107.07
N LEU D 6 65.96 94.18 107.89
CA LEU D 6 67.37 93.97 107.53
C LEU D 6 67.55 92.54 107.08
N VAL D 7 68.20 92.34 105.93
CA VAL D 7 68.60 91.03 105.48
C VAL D 7 70.12 90.96 105.49
N THR D 8 70.69 89.94 106.11
CA THR D 8 72.16 89.72 105.99
C THR D 8 72.42 88.51 105.15
N GLY D 9 73.58 88.46 104.50
CA GLY D 9 73.89 87.35 103.60
C GLY D 9 72.90 87.39 102.44
N ALA D 10 72.55 88.57 102.04
CA ALA D 10 71.41 88.80 101.20
C ALA D 10 71.64 88.59 99.69
N LEU D 11 72.89 88.37 99.24
CA LEU D 11 73.20 88.23 97.82
C LEU D 11 73.23 86.79 97.29
N GLY D 12 73.04 85.83 98.17
CA GLY D 12 73.06 84.42 97.82
C GLY D 12 71.73 83.95 97.24
N GLN D 13 71.58 82.63 97.16
CA GLN D 13 70.44 82.04 96.49
C GLN D 13 69.12 82.51 97.07
N ILE D 14 68.98 82.42 98.38
CA ILE D 14 67.70 82.73 99.04
C ILE D 14 67.61 84.25 99.16
N GLY D 15 68.73 84.86 99.54
CA GLY D 15 68.71 86.30 99.74
C GLY D 15 68.31 87.12 98.57
N THR D 16 68.76 86.73 97.37
CA THR D 16 68.44 87.45 96.15
C THR D 16 66.94 87.66 95.96
N ASP D 17 66.23 86.54 95.95
CA ASP D 17 64.79 86.54 95.75
C ASP D 17 64.10 87.11 96.94
N LEU D 18 64.53 86.78 98.15
CA LEU D 18 63.90 87.36 99.32
C LEU D 18 64.00 88.85 99.33
N SER D 19 65.21 89.34 99.01
CA SER D 19 65.44 90.78 99.03
C SER D 19 64.49 91.51 98.09
N LEU D 20 64.31 90.93 96.90
CA LEU D 20 63.47 91.57 95.89
C LEU D 20 62.04 91.50 96.34
N ALA D 21 61.62 90.37 96.89
CA ALA D 21 60.21 90.25 97.40
C ALA D 21 59.94 91.25 98.51
N LEU D 22 60.88 91.41 99.43
CA LEU D 22 60.65 92.34 100.55
C LEU D 22 60.60 93.82 100.05
N ARG D 23 61.52 94.20 99.18
CA ARG D 23 61.50 95.53 98.56
C ARG D 23 60.16 95.84 97.90
N ASP D 24 59.66 94.88 97.14
CA ASP D 24 58.34 94.99 96.54
C ASP D 24 57.22 95.10 97.50
N LYS D 25 57.21 94.24 98.49
CA LYS D 25 56.10 94.20 99.40
C LYS D 25 56.08 95.43 100.37
N PHE D 26 57.22 95.86 100.88
CA PHE D 26 57.19 96.87 101.94
C PHE D 26 57.74 98.22 101.54
N GLY D 27 58.27 98.34 100.32
CA GLY D 27 58.99 99.53 99.87
C GLY D 27 60.48 99.38 100.08
N ALA D 28 61.25 99.77 99.06
CA ALA D 28 62.70 99.75 99.11
C ALA D 28 63.29 100.51 100.31
N ASP D 29 62.66 101.64 100.65
CA ASP D 29 63.05 102.44 101.83
C ASP D 29 62.92 101.69 103.18
N SER D 30 62.01 100.74 103.27
CA SER D 30 61.85 99.93 104.46
C SER D 30 62.78 98.72 104.54
N VAL D 31 63.64 98.51 103.55
CA VAL D 31 64.41 97.27 103.45
C VAL D 31 65.87 97.58 103.21
N LEU D 32 66.70 97.10 104.10
CA LEU D 32 68.13 97.15 103.96
C LEU D 32 68.72 95.75 103.78
N VAL D 33 69.50 95.53 102.73
CA VAL D 33 70.13 94.23 102.50
C VAL D 33 71.65 94.38 102.53
N SER D 34 72.33 93.40 103.11
CA SER D 34 73.77 93.45 103.30
C SER D 34 74.35 92.10 103.04
N ASP D 35 75.63 92.10 102.72
CA ASP D 35 76.39 90.89 102.45
C ASP D 35 77.86 91.29 102.52
N VAL D 36 78.72 90.30 102.72
CA VAL D 36 80.15 90.50 102.83
C VAL D 36 80.74 90.81 101.45
N VAL D 37 80.05 90.38 100.39
CA VAL D 37 80.50 90.79 99.03
C VAL D 37 79.58 91.85 98.42
N GLU D 38 80.04 92.44 97.34
CA GLU D 38 79.21 93.36 96.54
C GLU D 38 78.51 92.62 95.44
N PRO D 39 77.34 93.08 95.03
CA PRO D 39 76.72 92.42 93.90
C PRO D 39 77.57 92.57 92.63
N GLY D 40 77.82 91.49 91.94
CA GLY D 40 78.32 91.63 90.56
C GLY D 40 77.41 92.45 89.64
N ALA D 41 77.97 92.89 88.51
CA ALA D 41 77.27 93.70 87.49
C ALA D 41 75.99 93.05 86.95
N LYS D 42 76.01 91.74 86.78
CA LYS D 42 74.82 90.96 86.37
C LYS D 42 73.85 90.57 87.51
N HIS D 43 74.24 90.82 88.77
CA HIS D 43 73.40 90.39 89.89
C HIS D 43 72.13 91.23 89.92
N PRO D 44 70.96 90.64 90.22
CA PRO D 44 69.71 91.43 90.21
C PRO D 44 69.68 92.59 91.22
N LEU D 45 70.50 92.53 92.23
CA LEU D 45 70.55 93.62 93.25
C LEU D 45 71.60 94.71 92.94
N ALA D 46 72.32 94.55 91.82
CA ALA D 46 73.30 95.52 91.32
C ALA D 46 72.64 96.86 91.10
N GLY D 47 73.34 97.94 91.43
CA GLY D 47 72.83 99.29 91.21
C GLY D 47 71.85 99.84 92.24
N LEU D 48 71.18 99.02 93.03
CA LEU D 48 70.10 99.54 93.88
C LEU D 48 70.63 100.23 95.12
N LYS D 49 69.86 101.17 95.61
CA LYS D 49 70.22 101.99 96.74
C LYS D 49 70.31 101.26 98.14
N GLY D 50 69.39 100.40 98.51
CA GLY D 50 69.48 99.88 99.91
C GLY D 50 70.31 98.58 100.08
N VAL D 51 71.58 98.63 99.67
CA VAL D 51 72.44 97.46 99.57
C VAL D 51 73.81 97.83 100.12
N GLU D 52 74.21 97.20 101.20
CA GLU D 52 75.42 97.57 101.93
C GLU D 52 76.38 96.39 102.00
N LYS D 53 77.64 96.70 102.22
CA LYS D 53 78.60 95.69 102.49
C LYS D 53 78.82 95.56 104.02
N LEU D 54 78.61 94.35 104.57
CA LEU D 54 78.84 94.03 105.97
C LEU D 54 79.42 92.66 106.09
N ASP D 55 80.54 92.54 106.80
CA ASP D 55 81.03 91.24 107.24
C ASP D 55 80.39 90.98 108.64
N CYS D 56 79.50 90.01 108.74
CA CYS D 56 78.84 89.70 109.99
C CYS D 56 79.77 89.10 111.02
N LEU D 57 81.00 88.73 110.69
CA LEU D 57 81.96 88.34 111.74
C LEU D 57 82.53 89.56 112.49
N ASP D 58 82.31 90.76 111.95
CA ASP D 58 82.60 92.02 112.62
C ASP D 58 81.42 92.47 113.44
N SER D 59 81.35 92.06 114.69
CA SER D 59 80.13 92.32 115.45
C SER D 59 79.96 93.82 115.68
N ASN D 60 81.07 94.54 115.87
CA ASN D 60 81.02 96.00 115.94
C ASN D 60 80.41 96.64 114.73
N GLY D 61 80.81 96.18 113.55
CA GLY D 61 80.19 96.65 112.33
C GLY D 61 78.74 96.27 112.19
N PHE D 62 78.43 95.04 112.60
CA PHE D 62 77.05 94.54 112.55
C PHE D 62 76.20 95.45 113.44
N GLU D 63 76.70 95.74 114.64
CA GLU D 63 75.97 96.66 115.52
C GLU D 63 75.79 98.08 114.98
N LYS D 64 76.82 98.63 114.39
CA LYS D 64 76.71 99.94 113.81
C LYS D 64 75.59 99.95 112.77
N LEU D 65 75.59 98.98 111.85
CA LEU D 65 74.57 98.95 110.84
C LEU D 65 73.17 98.88 111.46
N VAL D 66 73.01 98.04 112.46
CA VAL D 66 71.69 97.86 113.11
C VAL D 66 71.24 99.14 113.80
N LYS D 67 72.14 99.78 114.50
CA LYS D 67 71.82 101.03 115.23
C LYS D 67 71.36 102.16 114.32
N GLU D 68 72.00 102.26 113.15
N GLU D 68 71.95 102.27 113.14
CA GLU D 68 71.63 103.26 112.12
CA GLU D 68 71.54 103.32 112.21
C GLU D 68 70.27 102.93 111.51
C GLU D 68 70.25 102.97 111.46
N PHE D 69 70.15 101.74 110.94
CA PHE D 69 68.94 101.35 110.22
C PHE D 69 67.71 101.12 111.11
N LYS D 70 67.92 100.65 112.35
CA LYS D 70 66.85 100.41 113.33
C LYS D 70 65.80 99.43 112.80
N PRO D 71 66.25 98.24 112.39
CA PRO D 71 65.30 97.27 111.84
C PRO D 71 64.29 96.85 112.89
N THR D 72 63.08 96.47 112.50
CA THR D 72 62.18 95.71 113.39
C THR D 72 62.18 94.17 113.15
N TRP D 73 62.54 93.77 111.93
CA TRP D 73 62.76 92.40 111.51
C TRP D 73 64.19 92.25 110.98
N MET D 74 64.77 91.06 111.18
CA MET D 74 66.00 90.67 110.54
C MET D 74 65.90 89.25 110.01
N TYR D 75 66.39 89.05 108.79
CA TYR D 75 66.55 87.71 108.22
C TYR D 75 68.06 87.49 108.15
N HIS D 76 68.59 86.59 108.99
CA HIS D 76 70.03 86.37 109.07
C HIS D 76 70.42 85.13 108.26
N LEU D 77 70.90 85.38 107.05
CA LEU D 77 71.14 84.28 106.10
C LEU D 77 72.53 83.71 105.91
N PRO D 78 73.58 84.37 106.41
CA PRO D 78 74.86 83.73 106.07
C PRO D 78 75.12 82.40 106.72
N ALA D 79 75.47 81.42 105.92
CA ALA D 79 75.91 80.16 106.48
C ALA D 79 76.65 79.41 105.44
N ILE D 80 77.63 78.60 105.84
CA ILE D 80 78.32 77.69 104.91
C ILE D 80 77.58 76.36 104.97
N MET D 81 77.19 75.82 103.81
CA MET D 81 76.21 74.70 103.70
C MET D 81 76.84 73.30 103.68
N SER D 82 76.01 72.29 103.48
CA SER D 82 76.28 70.92 103.87
C SER D 82 77.54 70.35 103.20
N VAL D 83 77.64 70.49 101.87
CA VAL D 83 78.78 69.97 101.11
C VAL D 83 79.98 70.91 101.32
N ARG D 84 79.80 72.21 101.11
CA ARG D 84 80.93 73.08 101.29
C ARG D 84 81.54 73.02 102.70
N GLY D 85 80.72 72.88 103.70
CA GLY D 85 81.17 72.84 105.08
C GLY D 85 82.08 71.68 105.40
N GLU D 86 81.88 70.54 104.73
CA GLU D 86 82.75 69.38 104.94
C GLU D 86 84.14 69.60 104.38
N ALA D 87 84.24 70.43 103.36
CA ALA D 87 85.52 70.81 102.77
C ALA D 87 86.17 72.02 103.47
N GLU D 88 85.36 72.92 104.07
CA GLU D 88 85.83 74.12 104.73
C GLU D 88 85.20 74.25 106.14
N PRO D 89 85.52 73.27 107.00
CA PRO D 89 84.91 73.23 108.28
C PRO D 89 85.25 74.42 109.15
N ASP D 90 86.47 74.96 109.06
CA ASP D 90 86.81 76.09 109.92
C ASP D 90 85.98 77.32 109.62
N LEU D 91 85.80 77.58 108.33
CA LEU D 91 84.90 78.68 107.88
C LEU D 91 83.48 78.44 108.31
N ALA D 92 83.03 77.20 108.20
CA ALA D 92 81.68 76.83 108.64
C ALA D 92 81.47 77.06 110.13
N MET D 93 82.43 76.62 110.95
CA MET D 93 82.33 76.82 112.39
C MET D 93 82.41 78.30 112.72
N ASP D 94 83.22 79.06 111.98
CA ASP D 94 83.28 80.54 112.21
C ASP D 94 81.97 81.26 111.91
N ILE D 95 81.52 81.14 110.70
CA ILE D 95 80.32 81.82 110.24
C ILE D 95 79.05 81.34 110.86
N ASN D 96 78.86 80.05 110.86
CA ASN D 96 77.53 79.54 111.26
C ASN D 96 77.29 79.68 112.78
N VAL D 97 78.37 79.66 113.56
CA VAL D 97 78.30 79.78 115.02
C VAL D 97 78.42 81.25 115.41
N ASN D 98 79.42 81.96 114.94
CA ASN D 98 79.64 83.33 115.40
C ASN D 98 78.71 84.43 114.89
N THR D 99 78.43 84.44 113.60
CA THR D 99 77.53 85.50 113.05
C THR D 99 76.16 85.35 113.67
N THR D 100 75.77 84.10 113.90
CA THR D 100 74.49 83.80 114.55
C THR D 100 74.43 84.32 115.96
N ARG D 101 75.48 84.03 116.71
CA ARG D 101 75.60 84.61 118.05
C ARG D 101 75.48 86.16 118.04
N TYR D 102 76.25 86.82 117.17
CA TYR D 102 76.15 88.31 117.08
C TYR D 102 74.76 88.79 116.70
N ALA D 103 74.12 88.05 115.82
CA ALA D 103 72.79 88.43 115.35
C ALA D 103 71.76 88.30 116.46
N LEU D 104 71.84 87.20 117.20
CA LEU D 104 70.94 87.03 118.30
C LEU D 104 71.17 88.09 119.39
N GLU D 105 72.42 88.40 119.67
CA GLU D 105 72.70 89.45 120.66
C GLU D 105 72.11 90.82 120.22
N LEU D 106 72.22 91.16 118.93
CA LEU D 106 71.66 92.41 118.47
C LEU D 106 70.13 92.41 118.49
N ALA D 107 69.55 91.27 118.13
CA ALA D 107 68.11 91.12 118.24
C ALA D 107 67.62 91.37 119.67
N ARG D 108 68.37 90.90 120.64
CA ARG D 108 68.06 91.19 122.02
C ARG D 108 68.22 92.67 122.33
N LYS D 109 69.38 93.22 121.97
CA LYS D 109 69.73 94.56 122.37
C LYS D 109 68.83 95.57 121.72
N TYR D 110 68.49 95.36 120.46
CA TYR D 110 67.73 96.32 119.71
C TYR D 110 66.30 95.87 119.40
N ASN D 111 65.79 94.92 120.17
CA ASN D 111 64.40 94.47 120.04
C ASN D 111 63.93 94.17 118.59
N ILE D 112 64.62 93.25 117.94
CA ILE D 112 64.35 92.87 116.56
C ILE D 112 63.74 91.48 116.54
N ARG D 113 62.72 91.32 115.70
CA ARG D 113 62.19 90.02 115.40
C ARG D 113 63.20 89.40 114.43
N ILE D 114 63.74 88.24 114.75
CA ILE D 114 64.87 87.67 114.01
C ILE D 114 64.55 86.28 113.52
N PHE D 115 64.69 86.12 112.20
CA PHE D 115 64.57 84.85 111.48
C PHE D 115 65.96 84.36 111.14
N ILE D 116 66.28 83.13 111.57
CA ILE D 116 67.49 82.45 111.12
C ILE D 116 67.09 81.05 110.59
N PRO D 117 67.39 80.79 109.32
CA PRO D 117 66.89 79.53 108.79
C PRO D 117 67.70 78.36 109.32
N SER D 118 67.03 77.26 109.65
CA SER D 118 67.68 76.02 109.83
C SER D 118 67.52 75.22 108.54
N THR D 119 67.63 73.90 108.61
CA THR D 119 67.72 73.08 107.43
C THR D 119 67.43 71.61 107.76
N ILE D 120 67.04 70.88 106.73
CA ILE D 120 66.88 69.42 106.85
C ILE D 120 68.23 68.74 107.22
N ALA D 121 69.33 69.43 106.97
CA ALA D 121 70.67 68.94 107.28
C ALA D 121 70.91 68.84 108.76
N ALA D 122 70.09 69.51 109.55
CA ALA D 122 70.16 69.40 111.00
C ALA D 122 69.81 67.98 111.47
N PHE D 123 69.07 67.23 110.66
CA PHE D 123 68.74 65.82 110.92
C PHE D 123 69.82 64.89 110.39
N GLY D 124 69.87 63.71 111.03
CA GLY D 124 70.65 62.60 110.57
C GLY D 124 69.86 61.32 110.63
N ASP D 125 70.56 60.20 110.66
CA ASP D 125 69.87 58.94 110.31
C ASP D 125 68.99 58.33 111.42
N LYS D 126 69.00 58.91 112.61
CA LYS D 126 68.08 58.56 113.68
C LYS D 126 66.88 59.45 113.77
N CYS D 127 66.67 60.31 112.77
CA CYS D 127 65.58 61.28 112.86
C CYS D 127 64.18 60.72 112.71
N GLY D 128 64.03 59.54 112.08
CA GLY D 128 62.75 59.04 111.57
C GLY D 128 62.57 59.61 110.18
N LYS D 129 62.90 58.83 109.17
CA LYS D 129 63.10 59.37 107.81
C LYS D 129 61.83 59.67 107.02
N THR D 130 60.71 59.10 107.46
CA THR D 130 59.45 59.29 106.80
C THR D 130 58.63 60.27 107.61
N MET D 131 58.20 61.36 106.95
CA MET D 131 57.40 62.39 107.59
C MET D 131 58.02 62.81 108.92
N THR D 132 59.30 63.18 108.89
CA THR D 132 60.00 63.52 110.11
C THR D 132 59.27 64.59 110.94
N LYS D 133 59.24 64.38 112.24
CA LYS D 133 58.49 65.25 113.17
C LYS D 133 59.34 66.47 113.51
N ASP D 134 58.72 67.47 114.09
CA ASP D 134 59.45 68.69 114.47
C ASP D 134 60.41 68.44 115.65
N ASP D 135 60.02 67.54 116.56
CA ASP D 135 60.84 67.18 117.74
C ASP D 135 61.20 65.74 117.60
N THR D 136 62.47 65.50 117.37
CA THR D 136 62.99 64.14 117.28
C THR D 136 64.47 64.22 117.64
N ILE D 137 65.14 63.09 117.54
CA ILE D 137 66.56 62.97 117.75
C ILE D 137 67.28 63.69 116.61
N MET D 138 68.29 64.45 116.96
CA MET D 138 69.06 65.20 115.95
C MET D 138 70.49 64.72 116.00
N ASN D 139 70.91 63.98 114.98
CA ASN D 139 72.27 63.45 114.87
C ASN D 139 72.89 63.77 113.52
N PRO D 140 73.07 65.07 113.23
CA PRO D 140 73.52 65.44 111.88
C PRO D 140 74.90 64.87 111.57
N SER D 141 75.18 64.47 110.34
CA SER D 141 76.46 63.87 109.97
C SER D 141 77.43 64.92 109.41
N THR D 142 77.04 66.21 109.36
CA THR D 142 77.88 67.25 108.85
C THR D 142 78.09 68.32 109.86
N VAL D 143 79.24 68.99 109.77
CA VAL D 143 79.48 70.11 110.65
C VAL D 143 78.46 71.23 110.44
N TYR D 144 78.03 71.42 109.20
CA TYR D 144 76.96 72.37 108.94
C TYR D 144 75.72 72.04 109.73
N GLY D 145 75.29 70.81 109.66
CA GLY D 145 74.13 70.34 110.43
C GLY D 145 74.28 70.52 111.90
N VAL D 146 75.50 70.27 112.36
CA VAL D 146 75.82 70.49 113.76
C VAL D 146 75.68 71.96 114.20
N THR D 147 76.18 72.88 113.38
CA THR D 147 76.08 74.33 113.69
C THR D 147 74.63 74.79 113.61
N LYS D 148 73.83 74.10 112.80
CA LYS D 148 72.43 74.44 112.72
C LYS D 148 71.56 73.92 113.84
N VAL D 149 71.86 72.76 114.37
CA VAL D 149 71.21 72.37 115.60
C VAL D 149 71.53 73.43 116.70
N TYR D 150 72.80 73.76 116.87
CA TYR D 150 73.20 74.82 117.80
C TYR D 150 72.39 76.15 117.56
N THR D 151 72.27 76.58 116.31
CA THR D 151 71.54 77.78 115.96
C THR D 151 70.07 77.71 116.43
N GLU D 152 69.39 76.57 116.16
CA GLU D 152 68.01 76.31 116.63
C GLU D 152 67.94 76.46 118.15
N LEU D 153 68.86 75.78 118.82
CA LEU D 153 68.86 75.71 120.28
C LEU D 153 69.19 77.04 120.88
N LEU D 154 70.20 77.74 120.36
CA LEU D 154 70.55 79.01 120.91
C LEU D 154 69.47 80.08 120.70
N GLY D 155 68.95 80.15 119.47
CA GLY D 155 67.83 81.00 119.17
C GLY D 155 66.69 80.80 120.11
N THR D 156 66.37 79.52 120.34
CA THR D 156 65.27 79.17 121.23
C THR D 156 65.58 79.61 122.64
N TRP D 157 66.83 79.47 123.09
CA TRP D 157 67.21 79.92 124.43
C TRP D 157 67.02 81.47 124.58
N TYR D 158 67.40 82.22 123.57
CA TYR D 158 67.26 83.66 123.59
C TYR D 158 65.76 84.05 123.70
N ARG D 159 64.92 83.34 122.95
CA ARG D 159 63.47 83.51 123.09
C ARG D 159 63.03 83.28 124.56
N GLN D 160 63.40 82.13 125.12
CA GLN D 160 63.01 81.76 126.45
C GLN D 160 63.60 82.71 127.50
N LYS D 161 64.89 82.99 127.41
CA LYS D 161 65.57 83.72 128.44
C LYS D 161 65.25 85.21 128.39
N TYR D 162 65.30 85.79 127.19
CA TYR D 162 65.16 87.25 127.07
C TYR D 162 63.88 87.70 126.42
N GLY D 163 62.98 86.79 126.02
CA GLY D 163 61.90 87.22 125.17
C GLY D 163 62.27 87.63 123.77
N VAL D 164 63.47 87.35 123.27
CA VAL D 164 63.78 87.59 121.87
C VAL D 164 62.81 86.86 120.92
N ASP D 165 62.21 87.58 119.98
CA ASP D 165 61.26 86.96 119.05
C ASP D 165 62.04 86.29 117.91
N PHE D 166 62.53 85.10 118.20
CA PHE D 166 63.31 84.26 117.27
C PHE D 166 62.38 83.29 116.57
N ARG D 167 62.45 83.27 115.25
CA ARG D 167 61.65 82.38 114.44
C ARG D 167 62.54 81.69 113.43
N SER D 168 62.17 80.45 113.10
CA SER D 168 62.99 79.67 112.20
C SER D 168 62.21 78.58 111.49
N VAL D 169 62.60 78.30 110.27
CA VAL D 169 62.19 77.05 109.63
C VAL D 169 63.37 76.18 109.20
N ARG D 170 63.14 74.86 109.20
CA ARG D 170 64.10 73.93 108.66
C ARG D 170 63.74 73.83 107.19
N LEU D 171 64.52 74.51 106.36
CA LEU D 171 64.30 74.55 104.97
C LEU D 171 64.71 73.25 104.32
N PRO D 172 63.89 72.78 103.37
CA PRO D 172 64.33 71.71 102.50
C PRO D 172 65.28 72.29 101.45
N GLY D 173 65.65 71.48 100.47
CA GLY D 173 66.43 71.99 99.36
C GLY D 173 65.59 72.96 98.56
N ILE D 174 66.13 74.16 98.32
CA ILE D 174 65.41 75.22 97.65
C ILE D 174 65.89 75.33 96.21
N ILE D 175 64.93 75.38 95.30
CA ILE D 175 65.17 75.45 93.87
C ILE D 175 64.77 76.87 93.43
N SER D 176 65.66 77.51 92.70
CA SER D 176 65.37 78.81 92.09
C SER D 176 66.27 79.01 90.84
N ALA D 177 65.93 80.05 90.06
CA ALA D 177 66.62 80.37 88.83
C ALA D 177 67.62 81.56 88.92
N ALA D 178 67.40 82.50 89.82
CA ALA D 178 68.06 83.78 89.73
C ALA D 178 69.53 83.69 90.15
N THR D 179 69.78 83.19 91.37
CA THR D 179 71.17 83.06 91.89
C THR D 179 71.52 81.61 92.09
N LEU D 180 72.70 81.25 91.55
CA LEU D 180 73.25 79.91 91.70
C LEU D 180 73.50 79.51 93.17
N PRO D 181 73.40 78.21 93.45
CA PRO D 181 73.46 77.71 94.81
C PRO D 181 74.87 77.72 95.38
N GLY D 182 74.94 77.67 96.73
CA GLY D 182 76.12 77.94 97.52
C GLY D 182 76.85 76.71 98.09
N GLY D 183 76.53 75.50 97.65
CA GLY D 183 77.27 74.31 98.07
C GLY D 183 76.56 73.41 99.07
N GLY D 184 75.27 73.27 98.92
CA GLY D 184 74.51 72.29 99.64
C GLY D 184 74.45 70.99 98.83
N ALA D 185 73.98 69.94 99.47
CA ALA D 185 73.87 68.66 98.83
C ALA D 185 72.78 68.61 97.78
N THR D 186 71.90 69.62 97.71
CA THR D 186 70.78 69.67 96.73
C THR D 186 71.10 70.51 95.49
N ASP D 187 72.33 70.99 95.38
CA ASP D 187 72.70 71.88 94.28
C ASP D 187 72.51 71.20 92.91
N TYR D 188 72.59 69.87 92.85
CA TYR D 188 72.42 69.17 91.58
C TYR D 188 71.16 69.62 90.84
N ALA D 189 70.10 69.87 91.59
CA ALA D 189 68.80 70.02 90.97
C ALA D 189 68.77 71.25 90.00
N ILE D 190 69.27 72.38 90.51
CA ILE D 190 69.44 73.59 89.72
C ILE D 190 70.37 73.31 88.57
N HIS D 191 71.51 72.67 88.83
CA HIS D 191 72.43 72.36 87.77
C HIS D 191 71.89 71.47 86.69
N MET D 192 71.02 70.51 87.01
CA MET D 192 70.43 69.66 85.95
C MET D 192 69.57 70.48 84.96
N TYR D 193 68.93 71.55 85.42
CA TYR D 193 68.21 72.40 84.51
C TYR D 193 69.13 73.12 83.55
N HIS D 194 70.22 73.68 84.05
CA HIS D 194 71.21 74.37 83.20
C HIS D 194 71.79 73.39 82.20
N SER D 195 72.17 72.20 82.65
CA SER D 195 72.66 71.17 81.72
C SER D 195 71.63 70.88 80.67
N ALA D 196 70.38 70.83 81.07
CA ALA D 196 69.31 70.52 80.10
C ALA D 196 69.13 71.59 79.02
N LEU D 197 69.14 72.85 79.43
CA LEU D 197 69.02 73.96 78.49
C LEU D 197 70.27 74.08 77.59
N LEU D 198 71.47 73.79 78.11
CA LEU D 198 72.71 73.76 77.30
C LEU D 198 72.92 72.50 76.50
N GLN D 199 72.05 71.51 76.65
CA GLN D 199 72.22 70.19 76.09
C GLN D 199 73.63 69.62 76.29
N LYS D 200 74.14 69.73 77.51
CA LYS D 200 75.38 69.06 77.89
C LYS D 200 74.98 67.87 78.70
N LYS D 201 75.92 66.97 78.90
CA LYS D 201 75.79 65.91 79.88
C LYS D 201 75.75 66.51 81.26
N CYS D 202 74.86 65.99 82.09
CA CYS D 202 74.84 66.32 83.53
C CYS D 202 75.44 65.10 84.28
N VAL D 203 76.57 65.32 84.94
CA VAL D 203 77.13 64.36 85.92
C VAL D 203 76.54 64.68 87.30
N CYS D 204 75.58 63.84 87.74
CA CYS D 204 74.81 64.09 88.98
C CYS D 204 75.46 63.29 90.13
N PRO D 205 75.86 63.99 91.21
CA PRO D 205 76.60 63.36 92.31
C PRO D 205 75.72 62.76 93.34
N VAL D 206 74.41 62.89 93.14
CA VAL D 206 73.42 62.27 94.01
C VAL D 206 72.81 61.13 93.23
N LEU D 207 72.54 60.03 93.91
CA LEU D 207 72.10 58.80 93.22
C LEU D 207 70.67 58.92 92.71
N PRO D 208 70.32 58.14 91.69
CA PRO D 208 69.05 58.41 90.96
C PRO D 208 67.77 58.38 91.78
N TYR D 209 67.75 57.57 92.82
CA TYR D 209 66.52 57.31 93.53
C TYR D 209 66.64 57.84 94.94
N GLU D 210 67.65 58.69 95.18
CA GLU D 210 67.76 59.33 96.47
C GLU D 210 66.75 60.52 96.55
N SER D 211 65.65 60.26 97.21
CA SER D 211 64.56 61.20 97.29
C SER D 211 64.73 62.08 98.51
N LEU D 212 64.46 63.37 98.34
CA LEU D 212 64.67 64.35 99.40
C LEU D 212 63.60 65.43 99.37
N PRO D 213 63.29 66.02 100.55
CA PRO D 213 62.41 67.20 100.60
C PRO D 213 63.00 68.42 99.88
N MET D 214 62.19 69.06 99.06
CA MET D 214 62.58 70.17 98.26
C MET D 214 61.41 71.18 98.26
N MET D 215 61.68 72.36 97.73
CA MET D 215 60.68 73.39 97.58
C MET D 215 61.10 74.40 96.54
N TYR D 216 60.13 74.93 95.77
CA TYR D 216 60.43 75.94 94.78
C TYR D 216 60.32 77.32 95.40
N MET D 217 61.21 78.20 95.01
CA MET D 217 61.37 79.52 95.61
C MET D 217 60.07 80.31 95.88
N PRO D 218 59.11 80.35 94.96
CA PRO D 218 57.89 81.13 95.22
C PRO D 218 57.13 80.70 96.50
N ASP D 219 57.05 79.40 96.75
CA ASP D 219 56.47 78.88 97.98
C ASP D 219 57.33 79.24 99.19
N THR D 220 58.64 79.11 99.06
CA THR D 220 59.57 79.42 100.14
C THR D 220 59.40 80.90 100.52
N LEU D 221 59.34 81.78 99.53
CA LEU D 221 59.19 83.23 99.83
C LEU D 221 57.94 83.56 100.58
N ASN D 222 56.86 82.97 100.11
CA ASN D 222 55.61 83.10 100.70
C ASN D 222 55.72 82.71 102.17
N SER D 223 56.36 81.57 102.44
CA SER D 223 56.44 81.15 103.84
C SER D 223 57.39 81.99 104.68
N LEU D 224 58.52 82.43 104.11
CA LEU D 224 59.48 83.27 104.87
C LEU D 224 58.80 84.58 105.33
N VAL D 225 57.94 85.13 104.48
CA VAL D 225 57.19 86.32 104.86
C VAL D 225 56.06 86.02 105.87
N LYS D 226 55.28 85.00 105.61
CA LYS D 226 54.16 84.62 106.41
C LYS D 226 54.55 84.31 107.82
N ILE D 227 55.65 83.55 107.99
CA ILE D 227 56.11 83.25 109.38
C ILE D 227 56.50 84.50 110.15
N MET D 228 57.07 85.49 109.46
CA MET D 228 57.49 86.72 110.13
C MET D 228 56.31 87.68 110.41
N GLU D 229 55.26 87.56 109.63
CA GLU D 229 54.06 88.37 109.83
C GLU D 229 53.22 87.85 110.96
N ALA D 230 53.37 86.57 111.29
CA ALA D 230 52.46 85.97 112.24
C ALA D 230 52.53 86.67 113.60
N PRO D 231 51.38 86.84 114.27
CA PRO D 231 51.41 87.32 115.65
C PRO D 231 52.13 86.30 116.50
N LEU D 232 52.96 86.78 117.41
CA LEU D 232 53.73 85.91 118.29
C LEU D 232 52.89 84.82 119.00
N GLU D 233 51.73 85.22 119.48
CA GLU D 233 50.81 84.35 120.18
C GLU D 233 50.29 83.19 119.35
N LYS D 234 50.34 83.25 118.01
CA LYS D 234 49.92 82.13 117.24
C LYS D 234 51.01 81.07 117.14
N LEU D 235 52.27 81.39 117.48
CA LEU D 235 53.34 80.43 117.24
C LEU D 235 53.53 79.55 118.48
N THR D 236 53.28 78.25 118.35
CA THR D 236 53.49 77.33 119.45
C THR D 236 54.97 76.89 119.56
N ARG D 237 55.83 77.23 118.62
CA ARG D 237 57.25 76.84 118.71
C ARG D 237 58.11 77.86 117.97
N THR D 238 59.41 77.77 118.17
CA THR D 238 60.33 78.66 117.52
C THR D 238 60.80 78.12 116.19
N VAL D 239 60.93 76.78 116.02
CA VAL D 239 61.51 76.22 114.82
C VAL D 239 60.49 75.28 114.17
N TYR D 240 60.15 75.49 112.89
CA TYR D 240 59.19 74.65 112.17
C TYR D 240 59.80 73.89 110.99
N ASN D 241 59.52 72.60 110.85
CA ASN D 241 59.73 71.94 109.54
C ASN D 241 58.77 72.59 108.57
N ILE D 242 59.23 72.91 107.36
CA ILE D 242 58.34 73.13 106.25
C ILE D 242 58.85 72.32 105.06
N THR D 243 57.94 71.82 104.26
CA THR D 243 58.36 71.21 102.99
C THR D 243 57.49 71.61 101.85
N GLY D 244 58.04 71.40 100.66
CA GLY D 244 57.31 71.62 99.39
C GLY D 244 56.80 70.25 98.91
N PHE D 245 57.70 69.47 98.33
CA PHE D 245 57.44 68.13 97.88
C PHE D 245 58.79 67.44 97.77
N SER D 246 58.79 66.12 97.83
CA SER D 246 60.03 65.38 97.74
C SER D 246 60.28 64.89 96.31
N PHE D 247 61.53 64.86 95.90
CA PHE D 247 61.85 64.14 94.69
C PHE D 247 63.27 63.67 94.67
N SER D 248 63.53 62.75 93.76
CA SER D 248 64.84 62.17 93.52
C SER D 248 65.34 62.74 92.18
N PRO D 249 66.63 62.61 91.90
CA PRO D 249 67.12 63.08 90.63
C PRO D 249 66.43 62.44 89.43
N SER D 250 66.08 61.15 89.50
CA SER D 250 65.42 60.51 88.35
C SER D 250 64.07 61.16 88.10
N GLU D 251 63.37 61.52 89.17
CA GLU D 251 62.08 62.23 89.01
C GLU D 251 62.30 63.58 88.44
N LEU D 252 63.33 64.29 88.88
CA LEU D 252 63.60 65.61 88.30
C LEU D 252 63.88 65.49 86.79
N ARG D 253 64.76 64.60 86.44
CA ARG D 253 65.03 64.29 85.04
C ARG D 253 63.77 64.00 84.19
N PHE D 254 62.89 63.11 84.66
CA PHE D 254 61.61 62.85 83.97
C PHE D 254 60.81 64.14 83.79
N SER D 255 60.77 64.97 84.84
CA SER D 255 59.99 66.17 84.79
C SER D 255 60.52 67.10 83.71
N ILE D 256 61.82 67.23 83.67
CA ILE D 256 62.50 68.03 82.68
C ILE D 256 62.28 67.50 81.25
N GLU D 257 62.41 66.20 81.08
CA GLU D 257 62.12 65.57 79.79
C GLU D 257 60.66 65.73 79.36
N ARG D 258 59.74 65.65 80.31
CA ARG D 258 58.33 65.89 80.07
C ARG D 258 58.07 67.31 79.57
N CYS D 259 58.74 68.29 80.18
CA CYS D 259 58.57 69.71 79.86
C CYS D 259 59.30 70.13 78.63
N THR D 260 60.43 69.48 78.32
CA THR D 260 61.14 69.79 77.08
C THR D 260 60.81 68.88 75.92
N ASP D 261 59.96 67.89 76.13
CA ASP D 261 59.71 66.84 75.15
C ASP D 261 60.97 66.31 74.44
N ARG D 262 62.09 66.31 75.16
CA ARG D 262 63.38 65.81 74.68
C ARG D 262 63.97 64.96 75.80
N THR D 263 64.77 63.94 75.47
CA THR D 263 65.54 63.23 76.48
C THR D 263 66.75 64.08 76.86
N ILE D 264 67.23 63.90 78.09
CA ILE D 264 68.37 64.68 78.63
C ILE D 264 69.40 63.66 79.09
N GLU D 265 70.66 64.01 78.89
CA GLU D 265 71.81 63.19 79.26
C GLU D 265 72.23 63.38 80.74
N VAL D 266 72.05 62.36 81.57
CA VAL D 266 72.49 62.41 82.95
C VAL D 266 73.31 61.17 83.27
N GLU D 267 74.49 61.36 83.84
CA GLU D 267 75.29 60.26 84.36
C GLU D 267 75.41 60.42 85.87
N TYR D 268 75.14 59.34 86.61
CA TYR D 268 75.14 59.32 88.05
C TYR D 268 76.50 58.85 88.56
N VAL D 269 77.34 59.80 88.96
CA VAL D 269 78.62 59.51 89.56
C VAL D 269 78.59 60.08 90.96
N GLU D 270 78.71 59.21 91.93
CA GLU D 270 78.56 59.61 93.32
C GLU D 270 79.55 60.71 93.74
N GLY D 271 79.07 61.78 94.35
CA GLY D 271 80.01 62.75 94.96
C GLY D 271 79.69 62.89 96.42
N PRO D 272 80.31 63.84 97.14
CA PRO D 272 80.10 63.94 98.62
C PRO D 272 78.64 64.18 98.99
N ALA D 273 77.87 64.76 98.09
CA ALA D 273 76.47 65.03 98.36
C ALA D 273 75.70 63.76 98.63
N GLN D 274 76.08 62.65 98.04
CA GLN D 274 75.28 61.41 98.20
C GLN D 274 75.21 60.89 99.65
N LYS D 275 76.35 60.64 100.26
CA LYS D 275 76.36 60.15 101.62
C LYS D 275 75.66 61.15 102.57
N ILE D 276 75.89 62.43 102.33
CA ILE D 276 75.19 63.46 103.11
C ILE D 276 73.63 63.38 102.97
N ALA D 277 73.15 63.44 101.73
CA ALA D 277 71.74 63.40 101.43
C ALA D 277 71.12 62.10 101.91
N ASN D 278 71.85 61.00 101.80
CA ASN D 278 71.33 59.72 102.26
C ASN D 278 71.04 59.74 103.78
N SER D 279 71.76 60.55 104.56
CA SER D 279 71.49 60.63 106.01
C SER D 279 70.22 61.41 106.36
N TRP D 280 69.61 62.07 105.39
CA TRP D 280 68.55 63.05 105.64
C TRP D 280 67.15 62.43 105.55
N PRO D 281 66.11 63.11 106.12
CA PRO D 281 64.74 62.67 105.84
C PRO D 281 64.43 62.56 104.34
N ASP D 282 63.52 61.65 104.01
CA ASP D 282 62.86 61.56 102.70
C ASP D 282 61.68 62.54 102.56
N SER D 283 60.97 62.78 103.66
CA SER D 283 59.83 63.70 103.72
C SER D 283 59.75 64.26 105.14
N LEU D 284 59.15 65.44 105.30
CA LEU D 284 58.95 66.09 106.58
C LEU D 284 57.46 66.22 106.93
N ASP D 285 57.11 66.09 108.19
CA ASP D 285 55.81 66.50 108.65
C ASP D 285 55.90 67.99 109.00
N ASP D 286 55.13 68.79 108.30
CA ASP D 286 55.04 70.21 108.56
C ASP D 286 53.66 70.67 108.99
N SER D 287 52.92 69.80 109.63
CA SER D 287 51.57 70.15 110.06
C SER D 287 51.56 71.29 111.10
N ASN D 288 52.57 71.40 111.96
CA ASN D 288 52.62 72.53 112.93
C ASN D 288 52.72 73.88 112.20
N ALA D 289 53.49 73.94 111.13
CA ALA D 289 53.66 75.17 110.34
C ALA D 289 52.35 75.51 109.63
N ARG D 290 51.72 74.52 109.06
CA ARG D 290 50.43 74.66 108.38
C ARG D 290 49.37 75.11 109.41
N ASN D 291 49.32 74.48 110.58
CA ASN D 291 48.28 74.85 111.56
C ASN D 291 48.55 76.20 112.20
N ASP D 292 49.79 76.48 112.60
CA ASP D 292 50.14 77.70 113.35
C ASP D 292 50.14 78.99 112.57
N TRP D 293 50.72 78.99 111.38
CA TRP D 293 50.83 80.23 110.60
C TRP D 293 50.57 80.06 109.13
N GLY D 294 49.94 78.97 108.74
CA GLY D 294 49.42 78.86 107.37
C GLY D 294 50.43 78.59 106.27
N HIS D 295 51.54 77.91 106.61
CA HIS D 295 52.43 77.46 105.55
C HIS D 295 51.64 76.72 104.45
N GLN D 296 51.95 77.03 103.20
CA GLN D 296 51.25 76.55 102.01
C GLN D 296 52.23 76.28 100.89
N VAL D 297 51.89 75.31 100.04
CA VAL D 297 52.66 74.95 98.87
C VAL D 297 51.76 74.91 97.66
N LYS D 298 52.07 75.73 96.65
CA LYS D 298 51.32 75.70 95.41
C LYS D 298 51.99 74.96 94.28
N TYR D 299 53.33 74.89 94.28
CA TYR D 299 54.04 74.28 93.14
C TYR D 299 54.24 72.80 93.32
N ASP D 300 54.05 72.06 92.23
CA ASP D 300 54.52 70.68 92.11
C ASP D 300 55.72 70.60 91.12
N ILE D 301 56.28 69.40 90.92
CA ILE D 301 57.50 69.30 90.15
C ILE D 301 57.35 69.79 88.72
N ASP D 302 56.23 69.52 88.09
CA ASP D 302 56.07 69.96 86.68
C ASP D 302 55.87 71.46 86.53
N MET D 303 55.09 72.03 87.41
CA MET D 303 54.93 73.50 87.43
C MET D 303 56.31 74.13 87.69
N MET D 304 57.10 73.54 88.59
CA MET D 304 58.43 74.09 88.84
C MET D 304 59.27 74.01 87.61
N SER D 305 59.28 72.84 86.99
CA SER D 305 60.14 72.62 85.85
C SER D 305 59.83 73.54 84.66
N GLU D 306 58.56 73.73 84.37
CA GLU D 306 58.12 74.66 83.31
C GLU D 306 58.67 76.04 83.69
N ASP D 307 58.52 76.44 84.93
CA ASP D 307 58.93 77.78 85.31
C ASP D 307 60.49 77.94 85.27
N MET D 308 61.23 76.96 85.77
CA MET D 308 62.70 77.01 85.74
C MET D 308 63.24 77.07 84.33
N LEU D 309 62.66 76.26 83.46
CA LEU D 309 63.12 76.20 82.08
C LEU D 309 62.81 77.45 81.28
N ARG D 310 61.74 78.18 81.61
CA ARG D 310 61.54 79.52 81.06
C ARG D 310 62.41 80.62 81.72
N GLN D 311 62.65 80.55 83.03
CA GLN D 311 63.34 81.63 83.71
C GLN D 311 64.81 81.64 83.51
N ILE D 312 65.45 80.48 83.50
CA ILE D 312 66.91 80.44 83.39
C ILE D 312 67.41 81.17 82.10
N PRO D 313 66.84 80.87 80.92
CA PRO D 313 67.33 81.58 79.73
C PRO D 313 67.11 83.11 79.90
N ILE D 314 65.91 83.46 80.36
CA ILE D 314 65.52 84.85 80.62
C ILE D 314 66.52 85.63 81.47
N LEU D 315 67.14 85.00 82.46
CA LEU D 315 68.02 85.76 83.29
C LEU D 315 69.46 85.22 83.44
N HIS D 316 69.81 84.10 82.81
CA HIS D 316 71.21 83.71 82.77
C HIS D 316 71.74 83.70 81.33
N GLY D 317 70.91 84.17 80.40
CA GLY D 317 71.25 84.22 78.99
C GLY D 317 71.31 82.89 78.23
N LEU D 318 70.92 81.79 78.84
CA LEU D 318 71.04 80.47 78.20
C LEU D 318 70.10 80.31 76.98
N PRO D 319 70.31 79.28 76.14
CA PRO D 319 69.35 79.03 75.06
C PRO D 319 67.98 78.58 75.59
N SER D 320 66.92 79.00 74.91
CA SER D 320 65.53 78.72 75.31
C SER D 320 65.10 77.30 74.90
N LEU D 321 63.81 77.13 74.65
CA LEU D 321 63.27 75.92 74.05
C LEU D 321 62.29 76.40 72.98
N MET E 2 3.54 7.08 -31.92
CA MET E 2 4.22 8.18 -31.16
C MET E 2 3.80 9.58 -31.67
N PRO E 3 2.68 10.19 -31.17
CA PRO E 3 2.33 11.49 -31.74
C PRO E 3 3.13 12.67 -31.16
N ARG E 4 3.31 13.71 -31.96
CA ARG E 4 3.85 14.97 -31.50
C ARG E 4 2.66 15.92 -31.42
N VAL E 5 2.38 16.39 -30.21
CA VAL E 5 1.10 17.05 -29.95
C VAL E 5 1.35 18.50 -29.57
N LEU E 6 0.76 19.40 -30.37
CA LEU E 6 0.72 20.82 -30.07
C LEU E 6 -0.61 21.16 -29.49
N VAL E 7 -0.61 21.89 -28.38
CA VAL E 7 -1.83 22.39 -27.82
C VAL E 7 -1.73 23.93 -27.80
N THR E 8 -2.75 24.61 -28.33
CA THR E 8 -2.82 26.05 -28.26
C THR E 8 -3.91 26.48 -27.27
N GLY E 9 -3.81 27.71 -26.77
CA GLY E 9 -4.61 28.15 -25.61
C GLY E 9 -4.55 27.19 -24.44
N ALA E 10 -3.32 26.76 -24.15
CA ALA E 10 -3.10 25.67 -23.19
C ALA E 10 -3.17 26.02 -21.71
N LEU E 11 -3.24 27.29 -21.34
CA LEU E 11 -3.17 27.67 -19.93
C LEU E 11 -4.52 27.78 -19.26
N GLY E 12 -5.60 27.60 -20.02
CA GLY E 12 -6.95 27.70 -19.51
C GLY E 12 -7.46 26.42 -18.82
N GLN E 13 -8.77 26.39 -18.64
CA GLN E 13 -9.36 25.32 -17.86
C GLN E 13 -9.02 23.95 -18.44
N ILE E 14 -9.37 23.76 -19.70
CA ILE E 14 -9.21 22.48 -20.33
C ILE E 14 -7.74 22.29 -20.63
N GLY E 15 -7.11 23.31 -21.15
CA GLY E 15 -5.75 23.18 -21.59
C GLY E 15 -4.77 22.77 -20.50
N THR E 16 -5.00 23.22 -19.25
CA THR E 16 -4.12 22.89 -18.13
C THR E 16 -4.08 21.41 -17.90
N ASP E 17 -5.26 20.85 -17.70
CA ASP E 17 -5.40 19.40 -17.49
C ASP E 17 -5.02 18.61 -18.69
N LEU E 18 -5.44 19.03 -19.88
CA LEU E 18 -5.07 18.28 -21.09
C LEU E 18 -3.55 18.23 -21.33
N SER E 19 -2.89 19.35 -21.08
CA SER E 19 -1.46 19.46 -21.28
C SER E 19 -0.67 18.48 -20.39
N LEU E 20 -1.05 18.46 -19.10
CA LEU E 20 -0.48 17.54 -18.11
C LEU E 20 -0.76 16.07 -18.46
N ALA E 21 -1.95 15.79 -18.98
CA ALA E 21 -2.25 14.44 -19.35
C ALA E 21 -1.46 14.01 -20.55
N LEU E 22 -1.26 14.91 -21.49
CA LEU E 22 -0.60 14.53 -22.73
C LEU E 22 0.89 14.37 -22.47
N ARG E 23 1.43 15.21 -21.62
CA ARG E 23 2.82 15.13 -21.23
C ARG E 23 3.14 13.83 -20.47
N ASP E 24 2.25 13.41 -19.60
CA ASP E 24 2.42 12.14 -18.93
C ASP E 24 2.15 10.96 -19.86
N LYS E 25 1.22 11.05 -20.79
CA LYS E 25 0.94 9.92 -21.65
C LYS E 25 2.05 9.77 -22.67
N PHE E 26 2.39 10.86 -23.35
CA PHE E 26 3.30 10.80 -24.47
C PHE E 26 4.70 11.26 -24.16
N GLY E 27 4.95 11.78 -22.96
CA GLY E 27 6.25 12.34 -22.62
C GLY E 27 6.32 13.83 -22.96
N ALA E 28 6.99 14.59 -22.11
CA ALA E 28 7.10 16.03 -22.27
C ALA E 28 7.77 16.42 -23.60
N ASP E 29 8.66 15.58 -24.09
CA ASP E 29 9.41 15.86 -25.33
C ASP E 29 8.57 15.86 -26.60
N SER E 30 7.49 15.10 -26.62
CA SER E 30 6.63 15.04 -27.79
C SER E 30 5.39 15.90 -27.61
N VAL E 31 5.38 16.82 -26.63
CA VAL E 31 4.30 17.73 -26.42
C VAL E 31 4.79 19.16 -26.27
N LEU E 32 4.23 20.07 -27.06
CA LEU E 32 4.48 21.49 -26.95
C LEU E 32 3.16 22.25 -26.76
N VAL E 33 3.17 23.14 -25.81
CA VAL E 33 1.97 23.72 -25.26
C VAL E 33 2.15 25.22 -25.35
N SER E 34 1.12 25.96 -25.78
CA SER E 34 1.26 27.38 -25.97
C SER E 34 0.02 28.18 -25.60
N ASP E 35 0.21 29.45 -25.32
CA ASP E 35 -0.87 30.32 -24.91
C ASP E 35 -0.43 31.74 -25.14
N VAL E 36 -1.38 32.65 -25.20
CA VAL E 36 -1.12 34.06 -25.42
C VAL E 36 -0.43 34.72 -24.25
N VAL E 37 -0.73 34.24 -23.05
CA VAL E 37 -0.07 34.74 -21.84
C VAL E 37 0.98 33.72 -21.40
N GLU E 38 1.90 34.16 -20.58
CA GLU E 38 2.80 33.22 -19.85
C GLU E 38 2.18 32.81 -18.51
N PRO E 39 2.45 31.56 -18.08
CA PRO E 39 1.81 31.06 -16.87
C PRO E 39 2.19 31.86 -15.62
N GLY E 40 1.24 32.07 -14.71
CA GLY E 40 1.54 32.74 -13.43
C GLY E 40 2.44 31.83 -12.60
N ALA E 41 3.09 32.36 -11.57
CA ALA E 41 4.00 31.53 -10.72
C ALA E 41 3.27 30.35 -10.10
N LYS E 42 1.96 30.49 -9.82
CA LYS E 42 1.16 29.41 -9.23
C LYS E 42 0.53 28.45 -10.21
N HIS E 43 0.75 28.65 -11.51
CA HIS E 43 0.09 27.85 -12.50
C HIS E 43 0.84 26.52 -12.59
N PRO E 44 0.11 25.38 -12.69
CA PRO E 44 0.76 24.09 -12.72
C PRO E 44 1.75 23.89 -13.85
N LEU E 45 1.57 24.59 -14.96
CA LEU E 45 2.56 24.66 -16.04
C LEU E 45 3.72 25.71 -15.91
N ALA E 46 3.80 26.46 -14.83
CA ALA E 46 4.90 27.44 -14.64
C ALA E 46 6.24 26.72 -14.45
N GLY E 47 7.30 27.21 -15.10
CA GLY E 47 8.67 26.79 -14.81
C GLY E 47 9.08 25.63 -15.63
N LEU E 48 8.22 25.21 -16.55
CA LEU E 48 8.42 23.97 -17.30
C LEU E 48 8.82 24.25 -18.72
N LYS E 49 9.77 23.47 -19.23
N LYS E 49 9.77 23.49 -19.25
CA LYS E 49 10.05 23.47 -20.68
CA LYS E 49 10.04 23.53 -20.69
C LYS E 49 8.82 22.91 -21.44
C LYS E 49 8.87 22.87 -21.45
N GLY E 50 8.74 23.21 -22.73
CA GLY E 50 7.63 22.71 -23.57
C GLY E 50 6.35 23.55 -23.39
N VAL E 51 6.52 24.77 -22.93
CA VAL E 51 5.47 25.75 -22.71
C VAL E 51 5.97 27.03 -23.35
N GLU E 52 5.22 27.60 -24.30
CA GLU E 52 5.67 28.81 -25.00
C GLU E 52 4.56 29.83 -25.05
N LYS E 53 4.95 31.07 -25.31
CA LYS E 53 4.04 32.19 -25.51
C LYS E 53 3.73 32.27 -27.02
N LEU E 54 2.45 32.24 -27.39
CA LEU E 54 2.07 32.38 -28.83
C LEU E 54 0.66 32.90 -28.87
N ASP E 55 0.50 34.04 -29.55
CA ASP E 55 -0.82 34.63 -29.89
C ASP E 55 -1.27 33.96 -31.21
N CYS E 56 -2.32 33.15 -31.16
CA CYS E 56 -2.81 32.49 -32.39
C CYS E 56 -3.39 33.47 -33.44
N LEU E 57 -3.65 34.73 -33.08
CA LEU E 57 -3.95 35.82 -34.06
C LEU E 57 -2.74 36.27 -34.85
N ASP E 58 -1.55 35.87 -34.41
CA ASP E 58 -0.32 36.17 -35.12
C ASP E 58 -0.02 34.99 -36.05
N SER E 59 -0.56 35.12 -37.23
CA SER E 59 -0.54 34.05 -38.19
C SER E 59 0.89 33.52 -38.49
N ASN E 60 1.81 34.45 -38.66
CA ASN E 60 3.21 34.11 -38.93
C ASN E 60 3.87 33.42 -37.75
N GLY E 61 3.56 33.92 -36.54
CA GLY E 61 4.09 33.30 -35.30
C GLY E 61 3.57 31.89 -35.15
N PHE E 62 2.27 31.72 -35.41
CA PHE E 62 1.60 30.43 -35.36
C PHE E 62 2.29 29.46 -36.37
N GLU E 63 2.40 29.91 -37.61
CA GLU E 63 3.12 29.10 -38.59
C GLU E 63 4.56 28.73 -38.15
N LYS E 64 5.30 29.68 -37.58
CA LYS E 64 6.73 29.44 -37.23
C LYS E 64 6.85 28.31 -36.21
N LEU E 65 5.99 28.34 -35.17
CA LEU E 65 6.00 27.28 -34.16
C LEU E 65 5.62 25.90 -34.75
N VAL E 66 4.60 25.89 -35.59
CA VAL E 66 4.12 24.62 -36.12
C VAL E 66 5.26 24.06 -36.96
N LYS E 67 5.83 24.88 -37.83
CA LYS E 67 6.90 24.40 -38.69
C LYS E 67 8.20 23.97 -37.91
N GLU E 68 8.56 24.65 -36.83
CA GLU E 68 9.68 24.16 -35.98
C GLU E 68 9.36 22.84 -35.25
N PHE E 69 8.19 22.74 -34.64
CA PHE E 69 7.84 21.59 -33.82
C PHE E 69 7.38 20.35 -34.62
N LYS E 70 6.82 20.58 -35.83
CA LYS E 70 6.36 19.47 -36.66
C LYS E 70 5.35 18.55 -35.94
N PRO E 71 4.25 19.11 -35.43
CA PRO E 71 3.26 18.28 -34.74
C PRO E 71 2.54 17.33 -35.69
N THR E 72 2.11 16.19 -35.18
CA THR E 72 1.20 15.32 -35.91
C THR E 72 -0.24 15.49 -35.45
N TRP E 73 -0.44 15.95 -34.21
CA TRP E 73 -1.74 16.31 -33.66
C TRP E 73 -1.70 17.73 -33.18
N MET E 74 -2.84 18.40 -33.25
CA MET E 74 -3.01 19.70 -32.62
C MET E 74 -4.38 19.77 -31.96
N TYR E 75 -4.44 20.25 -30.72
CA TYR E 75 -5.67 20.57 -30.05
C TYR E 75 -5.70 22.10 -29.99
N HIS E 76 -6.62 22.68 -30.73
CA HIS E 76 -6.71 24.14 -30.83
C HIS E 76 -7.82 24.63 -29.94
N LEU E 77 -7.41 25.14 -28.80
CA LEU E 77 -8.32 25.47 -27.71
C LEU E 77 -8.70 26.91 -27.48
N PRO E 78 -8.01 27.88 -28.07
CA PRO E 78 -8.44 29.21 -27.61
C PRO E 78 -9.85 29.60 -28.11
N ALA E 79 -10.69 30.15 -27.26
CA ALA E 79 -11.97 30.70 -27.66
C ALA E 79 -12.56 31.55 -26.51
N ILE E 80 -13.30 32.59 -26.86
CA ILE E 80 -14.02 33.39 -25.89
C ILE E 80 -15.38 32.70 -25.76
N MET E 81 -15.75 32.34 -24.54
CA MET E 81 -16.90 31.50 -24.30
C MET E 81 -18.23 32.22 -24.12
N SER E 82 -19.28 31.48 -23.83
CA SER E 82 -20.64 31.98 -23.93
C SER E 82 -20.94 33.29 -23.28
N VAL E 83 -20.61 33.43 -22.00
CA VAL E 83 -21.06 34.66 -21.26
C VAL E 83 -20.13 35.80 -21.62
N ARG E 84 -18.83 35.54 -21.53
CA ARG E 84 -17.83 36.52 -21.90
C ARG E 84 -17.99 37.07 -23.35
N GLY E 85 -18.29 36.16 -24.28
CA GLY E 85 -18.57 36.50 -25.69
C GLY E 85 -19.65 37.54 -25.87
N GLU E 86 -20.73 37.44 -25.11
CA GLU E 86 -21.78 38.46 -25.16
C GLU E 86 -21.33 39.84 -24.75
N ALA E 87 -20.38 39.90 -23.82
CA ALA E 87 -19.86 41.18 -23.29
C ALA E 87 -18.72 41.71 -24.17
N GLU E 88 -17.98 40.81 -24.82
CA GLU E 88 -16.79 41.15 -25.64
C GLU E 88 -16.90 40.40 -26.99
N PRO E 89 -17.89 40.76 -27.82
CA PRO E 89 -18.16 40.03 -29.03
C PRO E 89 -17.10 40.28 -30.11
N ASP E 90 -16.41 41.43 -30.11
CA ASP E 90 -15.38 41.64 -31.17
C ASP E 90 -14.21 40.73 -30.88
N LEU E 91 -13.85 40.57 -29.62
CA LEU E 91 -12.84 39.61 -29.28
C LEU E 91 -13.24 38.18 -29.60
N ALA E 92 -14.46 37.81 -29.27
CA ALA E 92 -15.01 36.49 -29.62
C ALA E 92 -15.00 36.25 -31.12
N MET E 93 -15.43 37.23 -31.88
CA MET E 93 -15.37 37.05 -33.35
C MET E 93 -13.90 37.00 -33.88
N ASP E 94 -13.00 37.83 -33.34
CA ASP E 94 -11.59 37.76 -33.76
C ASP E 94 -11.00 36.40 -33.49
N ILE E 95 -11.07 35.94 -32.23
CA ILE E 95 -10.47 34.69 -31.84
C ILE E 95 -11.13 33.44 -32.33
N ASN E 96 -12.47 33.35 -32.21
CA ASN E 96 -13.17 32.09 -32.49
C ASN E 96 -13.21 31.78 -34.00
N VAL E 97 -13.20 32.85 -34.82
CA VAL E 97 -13.23 32.71 -36.26
C VAL E 97 -11.81 32.71 -36.82
N ASN E 98 -11.06 33.77 -36.56
CA ASN E 98 -9.75 33.92 -37.19
C ASN E 98 -8.72 32.94 -36.75
N THR E 99 -8.62 32.65 -35.46
CA THR E 99 -7.59 31.68 -35.06
C THR E 99 -7.92 30.30 -35.58
N THR E 100 -9.20 29.97 -35.61
CA THR E 100 -9.67 28.70 -36.14
C THR E 100 -9.30 28.51 -37.57
N ARG E 101 -9.49 29.56 -38.37
CA ARG E 101 -9.05 29.53 -39.75
C ARG E 101 -7.54 29.36 -39.92
N TYR E 102 -6.77 30.08 -39.13
CA TYR E 102 -5.30 29.91 -39.18
C TYR E 102 -4.95 28.49 -38.80
N ALA E 103 -5.61 27.95 -37.76
CA ALA E 103 -5.26 26.65 -37.31
C ALA E 103 -5.59 25.59 -38.38
N LEU E 104 -6.74 25.72 -39.01
CA LEU E 104 -7.10 24.77 -40.04
C LEU E 104 -6.15 24.82 -41.23
N GLU E 105 -5.77 26.05 -41.66
CA GLU E 105 -4.79 26.25 -42.73
C GLU E 105 -3.48 25.56 -42.42
N LEU E 106 -3.01 25.68 -41.18
CA LEU E 106 -1.77 24.99 -40.79
C LEU E 106 -1.89 23.44 -40.74
N ALA E 107 -3.02 22.98 -40.31
CA ALA E 107 -3.32 21.56 -40.34
C ALA E 107 -3.26 21.04 -41.79
N ARG E 108 -3.79 21.79 -42.73
CA ARG E 108 -3.74 21.46 -44.13
C ARG E 108 -2.27 21.50 -44.67
N LYS E 109 -1.58 22.62 -44.44
CA LYS E 109 -0.19 22.78 -44.93
C LYS E 109 0.81 21.80 -44.31
N TYR E 110 0.67 21.47 -43.04
CA TYR E 110 1.62 20.66 -42.34
C TYR E 110 1.13 19.29 -41.92
N ASN E 111 0.00 18.89 -42.47
CA ASN E 111 -0.50 17.52 -42.36
C ASN E 111 -0.77 17.16 -40.92
N ILE E 112 -1.62 17.89 -40.23
CA ILE E 112 -1.80 17.70 -38.79
C ILE E 112 -3.21 17.22 -38.60
N ARG E 113 -3.40 16.24 -37.72
CA ARG E 113 -4.72 15.87 -37.24
C ARG E 113 -5.11 16.94 -36.26
N ILE E 114 -6.24 17.58 -36.49
CA ILE E 114 -6.58 18.78 -35.70
C ILE E 114 -7.90 18.61 -34.98
N PHE E 115 -7.88 18.93 -33.67
CA PHE E 115 -9.03 18.86 -32.82
C PHE E 115 -9.35 20.27 -32.44
N ILE E 116 -10.59 20.69 -32.72
CA ILE E 116 -11.13 22.00 -32.26
C ILE E 116 -12.44 21.66 -31.59
N PRO E 117 -12.58 22.00 -30.30
CA PRO E 117 -13.79 21.66 -29.61
C PRO E 117 -14.92 22.56 -30.03
N SER E 118 -16.10 21.97 -30.21
CA SER E 118 -17.32 22.70 -30.27
C SER E 118 -17.96 22.65 -28.84
N THR E 119 -19.26 22.89 -28.77
CA THR E 119 -19.90 23.09 -27.50
C THR E 119 -21.41 23.01 -27.63
N ILE E 120 -22.03 22.74 -26.50
CA ILE E 120 -23.48 22.72 -26.40
C ILE E 120 -24.09 24.08 -26.67
N ALA E 121 -23.27 25.12 -26.53
CA ALA E 121 -23.72 26.49 -26.91
C ALA E 121 -23.93 26.64 -28.41
N ALA E 122 -23.47 25.68 -29.19
CA ALA E 122 -23.79 25.65 -30.64
C ALA E 122 -25.27 25.44 -30.89
N PHE E 123 -25.94 24.88 -29.90
CA PHE E 123 -27.37 24.67 -30.00
C PHE E 123 -28.13 25.88 -29.50
N GLY E 124 -29.34 26.02 -30.04
CA GLY E 124 -30.38 26.84 -29.43
C GLY E 124 -31.72 26.15 -29.28
N ASP E 125 -32.75 26.98 -29.14
CA ASP E 125 -34.05 26.51 -28.68
C ASP E 125 -34.89 25.74 -29.68
N LYS E 126 -34.43 25.59 -30.91
CA LYS E 126 -35.01 24.67 -31.88
C LYS E 126 -34.29 23.33 -32.04
N CYS E 127 -33.29 23.05 -31.21
CA CYS E 127 -32.47 21.89 -31.39
C CYS E 127 -33.20 20.61 -31.02
N GLY E 128 -34.25 20.70 -30.21
CA GLY E 128 -34.81 19.51 -29.56
C GLY E 128 -34.00 19.29 -28.28
N LYS E 129 -34.50 19.80 -27.17
CA LYS E 129 -33.75 19.92 -25.90
C LYS E 129 -33.53 18.62 -25.11
N THR E 130 -34.28 17.59 -25.43
CA THR E 130 -34.09 16.32 -24.76
C THR E 130 -33.38 15.38 -25.67
N MET E 131 -32.27 14.84 -25.17
CA MET E 131 -31.41 13.97 -25.93
C MET E 131 -31.16 14.48 -27.35
N THR E 132 -30.67 15.70 -27.40
CA THR E 132 -30.39 16.34 -28.66
C THR E 132 -29.52 15.51 -29.59
N LYS E 133 -29.92 15.42 -30.82
CA LYS E 133 -29.23 14.59 -31.81
C LYS E 133 -27.95 15.28 -32.33
N ASP E 134 -27.06 14.50 -32.94
CA ASP E 134 -25.89 15.07 -33.60
C ASP E 134 -26.26 15.99 -34.76
N ASP E 135 -27.25 15.58 -35.56
CA ASP E 135 -27.75 16.42 -36.66
C ASP E 135 -29.13 17.01 -36.33
N THR E 136 -29.19 18.32 -36.14
CA THR E 136 -30.45 18.95 -35.87
C THR E 136 -30.31 20.42 -36.26
N ILE E 137 -31.37 21.17 -36.05
CA ILE E 137 -31.40 22.60 -36.35
C ILE E 137 -30.47 23.29 -35.36
N MET E 138 -29.63 24.21 -35.88
CA MET E 138 -28.67 24.93 -35.08
C MET E 138 -28.99 26.41 -35.16
N ASN E 139 -29.51 26.97 -34.06
CA ASN E 139 -29.92 28.36 -33.94
C ASN E 139 -29.39 28.98 -32.61
N PRO E 140 -28.07 28.97 -32.42
CA PRO E 140 -27.47 29.47 -31.18
C PRO E 140 -27.83 30.95 -30.92
N SER E 141 -28.06 31.26 -29.66
CA SER E 141 -28.51 32.57 -29.22
C SER E 141 -27.31 33.39 -28.75
N THR E 142 -26.07 32.90 -28.86
CA THR E 142 -24.89 33.66 -28.44
C THR E 142 -23.90 33.73 -29.58
N VAL E 143 -23.10 34.79 -29.60
CA VAL E 143 -22.12 34.96 -30.65
C VAL E 143 -21.11 33.82 -30.59
N TYR E 144 -20.75 33.37 -29.37
CA TYR E 144 -19.91 32.23 -29.19
C TYR E 144 -20.46 31.01 -29.91
N GLY E 145 -21.73 30.73 -29.69
CA GLY E 145 -22.40 29.61 -30.33
C GLY E 145 -22.45 29.70 -31.85
N VAL E 146 -22.67 30.90 -32.35
CA VAL E 146 -22.61 31.17 -33.78
C VAL E 146 -21.20 30.86 -34.36
N THR E 147 -20.16 31.37 -33.71
CA THR E 147 -18.79 31.10 -34.13
C THR E 147 -18.41 29.62 -34.07
N LYS E 148 -19.06 28.87 -33.18
CA LYS E 148 -18.74 27.43 -33.06
C LYS E 148 -19.49 26.59 -34.12
N VAL E 149 -20.70 26.96 -34.45
CA VAL E 149 -21.36 26.41 -35.67
C VAL E 149 -20.44 26.58 -36.88
N TYR E 150 -19.93 27.79 -37.05
CA TYR E 150 -18.99 28.08 -38.14
C TYR E 150 -17.73 27.24 -38.03
N THR E 151 -17.15 27.14 -36.85
CA THR E 151 -16.04 26.24 -36.66
C THR E 151 -16.35 24.77 -37.05
N GLU E 152 -17.48 24.25 -36.61
CA GLU E 152 -17.88 22.90 -37.02
C GLU E 152 -17.96 22.78 -38.56
N LEU E 153 -18.61 23.73 -39.18
CA LEU E 153 -18.88 23.64 -40.58
C LEU E 153 -17.62 23.89 -41.40
N LEU E 154 -16.76 24.81 -40.93
CA LEU E 154 -15.54 25.09 -41.67
C LEU E 154 -14.55 23.93 -41.59
N GLY E 155 -14.43 23.34 -40.43
CA GLY E 155 -13.54 22.25 -40.21
C GLY E 155 -13.98 21.05 -41.02
N THR E 156 -15.29 20.83 -41.02
CA THR E 156 -15.87 19.78 -41.87
C THR E 156 -15.62 19.99 -43.37
N TRP E 157 -15.74 21.22 -43.84
CA TRP E 157 -15.39 21.51 -45.21
C TRP E 157 -13.91 21.26 -45.51
N TYR E 158 -13.00 21.64 -44.62
CA TYR E 158 -11.55 21.34 -44.81
C TYR E 158 -11.34 19.83 -44.94
N ARG E 159 -12.10 19.08 -44.16
CA ARG E 159 -12.03 17.64 -44.19
C ARG E 159 -12.44 17.08 -45.52
N GLN E 160 -13.57 17.57 -46.05
CA GLN E 160 -14.08 17.16 -47.33
C GLN E 160 -13.20 17.61 -48.49
N LYS E 161 -12.88 18.91 -48.51
CA LYS E 161 -12.18 19.52 -49.60
C LYS E 161 -10.69 19.15 -49.68
N TYR E 162 -10.02 19.18 -48.53
CA TYR E 162 -8.56 18.98 -48.47
C TYR E 162 -8.15 17.72 -47.83
N GLY E 163 -9.09 16.94 -47.31
CA GLY E 163 -8.74 15.69 -46.65
C GLY E 163 -8.12 15.99 -45.29
N VAL E 164 -8.27 17.20 -44.75
CA VAL E 164 -7.73 17.49 -43.39
C VAL E 164 -8.47 16.65 -42.33
N ASP E 165 -7.72 15.94 -41.48
CA ASP E 165 -8.32 15.13 -40.47
C ASP E 165 -8.71 16.06 -39.28
N PHE E 166 -9.90 16.62 -39.41
CA PHE E 166 -10.53 17.50 -38.47
C PHE E 166 -11.50 16.67 -37.65
N ARG E 167 -11.39 16.84 -36.35
CA ARG E 167 -12.19 16.09 -35.40
C ARG E 167 -12.65 17.03 -34.29
N SER E 168 -13.88 16.84 -33.83
CA SER E 168 -14.48 17.74 -32.87
C SER E 168 -15.51 17.02 -32.07
N VAL E 169 -15.68 17.48 -30.82
CA VAL E 169 -16.82 17.11 -30.00
C VAL E 169 -17.52 18.37 -29.49
N ARG E 170 -18.83 18.29 -29.36
CA ARG E 170 -19.58 19.30 -28.65
C ARG E 170 -19.46 19.02 -27.16
N LEU E 171 -18.62 19.80 -26.49
CA LEU E 171 -18.40 19.61 -25.08
C LEU E 171 -19.55 20.15 -24.30
N PRO E 172 -19.95 19.44 -23.25
CA PRO E 172 -20.89 19.99 -22.30
C PRO E 172 -20.18 20.91 -21.34
N GLY E 173 -20.85 21.37 -20.29
CA GLY E 173 -20.11 22.08 -19.21
C GLY E 173 -19.05 21.22 -18.54
N ILE E 174 -17.84 21.75 -18.48
CA ILE E 174 -16.70 20.94 -18.01
C ILE E 174 -16.35 21.38 -16.61
N ILE E 175 -16.23 20.42 -15.71
CA ILE E 175 -15.89 20.71 -14.30
C ILE E 175 -14.53 20.18 -13.94
N SER E 176 -13.74 21.06 -13.36
CA SER E 176 -12.45 20.68 -12.89
C SER E 176 -12.00 21.57 -11.75
N ALA E 177 -10.93 21.16 -11.11
CA ALA E 177 -10.42 21.87 -9.96
C ALA E 177 -9.14 22.71 -10.19
N ALA E 178 -8.36 22.41 -11.20
CA ALA E 178 -7.02 23.02 -11.29
C ALA E 178 -7.00 24.48 -11.69
N THR E 179 -7.60 24.79 -12.83
CA THR E 179 -7.63 26.14 -13.34
C THR E 179 -9.08 26.62 -13.43
N LEU E 180 -9.32 27.79 -12.85
CA LEU E 180 -10.61 28.43 -12.80
C LEU E 180 -11.21 28.66 -14.23
N PRO E 181 -12.56 28.68 -14.34
CA PRO E 181 -13.18 28.69 -15.66
C PRO E 181 -13.15 30.05 -16.31
N GLY E 182 -13.32 30.09 -17.64
CA GLY E 182 -13.06 31.30 -18.43
C GLY E 182 -14.24 32.14 -18.88
N GLY E 183 -15.43 31.93 -18.30
CA GLY E 183 -16.60 32.78 -18.59
C GLY E 183 -17.67 32.14 -19.48
N GLY E 184 -17.88 30.84 -19.25
CA GLY E 184 -19.01 30.09 -19.79
C GLY E 184 -20.18 30.21 -18.81
N ALA E 185 -21.32 29.72 -19.25
CA ALA E 185 -22.52 29.85 -18.43
C ALA E 185 -22.57 28.76 -17.39
N THR E 186 -21.68 27.77 -17.45
CA THR E 186 -21.62 26.68 -16.52
C THR E 186 -20.58 26.91 -15.42
N ASP E 187 -19.96 28.11 -15.40
CA ASP E 187 -18.94 28.50 -14.43
C ASP E 187 -19.43 28.40 -13.00
N TYR E 188 -20.72 28.65 -12.80
CA TYR E 188 -21.31 28.62 -11.44
C TYR E 188 -20.94 27.30 -10.73
N ALA E 189 -20.81 26.20 -11.46
CA ALA E 189 -20.65 24.96 -10.78
C ALA E 189 -19.37 24.96 -9.98
N ILE E 190 -18.27 25.23 -10.68
CA ILE E 190 -16.97 25.31 -10.05
C ILE E 190 -16.99 26.31 -8.90
N HIS E 191 -17.58 27.48 -9.13
CA HIS E 191 -17.63 28.46 -8.08
C HIS E 191 -18.43 28.01 -6.87
N MET E 192 -19.48 27.20 -7.06
CA MET E 192 -20.26 26.67 -5.95
C MET E 192 -19.39 25.84 -4.97
N TYR E 193 -18.56 24.96 -5.53
CA TYR E 193 -17.57 24.21 -4.74
C TYR E 193 -16.62 25.11 -3.92
N HIS E 194 -16.05 26.14 -4.52
CA HIS E 194 -15.20 27.10 -3.78
C HIS E 194 -15.95 27.74 -2.62
N SER E 195 -17.15 28.25 -2.89
CA SER E 195 -18.03 28.81 -1.91
C SER E 195 -18.32 27.88 -0.77
N ALA E 196 -18.44 26.59 -1.07
CA ALA E 196 -18.74 25.61 -0.07
C ALA E 196 -17.56 25.51 0.89
N LEU E 197 -16.37 25.30 0.32
CA LEU E 197 -15.13 25.09 1.08
C LEU E 197 -14.70 26.32 1.87
N LEU E 198 -14.99 27.49 1.34
CA LEU E 198 -14.76 28.74 2.05
C LEU E 198 -15.94 29.13 2.95
N GLN E 199 -17.00 28.34 2.94
CA GLN E 199 -18.24 28.70 3.62
C GLN E 199 -18.73 30.11 3.41
N LYS E 200 -18.54 30.67 2.23
CA LYS E 200 -19.13 31.96 1.92
C LYS E 200 -20.45 31.71 1.19
N LYS E 201 -21.30 32.70 1.20
CA LYS E 201 -22.51 32.69 0.41
C LYS E 201 -22.17 32.51 -1.09
N CYS E 202 -22.94 31.70 -1.79
CA CYS E 202 -22.78 31.52 -3.23
C CYS E 202 -23.98 32.18 -3.90
N VAL E 203 -23.73 33.21 -4.70
CA VAL E 203 -24.78 33.84 -5.50
C VAL E 203 -24.73 33.14 -6.85
N CYS E 204 -25.78 32.39 -7.19
CA CYS E 204 -25.76 31.52 -8.39
C CYS E 204 -26.59 32.15 -9.49
N PRO E 205 -25.94 32.55 -10.62
CA PRO E 205 -26.61 33.23 -11.78
C PRO E 205 -27.45 32.33 -12.63
N VAL E 206 -27.39 31.01 -12.37
CA VAL E 206 -28.25 30.06 -13.06
C VAL E 206 -29.39 29.63 -12.12
N LEU E 207 -30.62 29.59 -12.63
CA LEU E 207 -31.80 29.22 -11.82
C LEU E 207 -31.77 27.73 -11.30
N PRO E 208 -32.33 27.48 -10.11
CA PRO E 208 -32.12 26.20 -9.40
C PRO E 208 -32.45 24.88 -10.19
N TYR E 209 -33.38 24.92 -11.15
CA TYR E 209 -33.82 23.72 -11.88
C TYR E 209 -33.42 23.72 -13.34
N GLU E 210 -32.47 24.59 -13.69
CA GLU E 210 -31.95 24.66 -15.03
C GLU E 210 -30.94 23.54 -15.27
N SER E 211 -31.41 22.49 -15.93
CA SER E 211 -30.62 21.32 -16.17
C SER E 211 -29.84 21.48 -17.46
N LEU E 212 -28.59 21.03 -17.34
CA LEU E 212 -27.55 21.16 -18.35
C LEU E 212 -26.66 19.93 -18.39
N PRO E 213 -26.20 19.53 -19.59
CA PRO E 213 -25.19 18.52 -19.76
C PRO E 213 -23.86 18.98 -19.24
N MET E 214 -23.21 18.11 -18.47
CA MET E 214 -21.96 18.41 -17.79
C MET E 214 -21.05 17.19 -17.92
N MET E 215 -19.79 17.38 -17.55
CA MET E 215 -18.84 16.29 -17.48
C MET E 215 -17.71 16.70 -16.57
N TYR E 216 -17.17 15.71 -15.84
CA TYR E 216 -16.00 15.90 -15.03
C TYR E 216 -14.76 15.67 -15.86
N MET E 217 -13.77 16.53 -15.62
CA MET E 217 -12.49 16.59 -16.36
C MET E 217 -11.80 15.26 -16.69
N PRO E 218 -11.70 14.31 -15.74
CA PRO E 218 -11.04 13.03 -16.14
C PRO E 218 -11.73 12.30 -17.29
N ASP E 219 -13.06 12.31 -17.34
CA ASP E 219 -13.78 11.73 -18.46
C ASP E 219 -13.52 12.54 -19.78
N THR E 220 -13.58 13.86 -19.66
CA THR E 220 -13.32 14.75 -20.79
C THR E 220 -11.93 14.45 -21.38
N LEU E 221 -10.91 14.29 -20.54
CA LEU E 221 -9.57 13.99 -21.00
C LEU E 221 -9.50 12.68 -21.71
N ASN E 222 -10.06 11.66 -21.11
CA ASN E 222 -10.11 10.35 -21.71
C ASN E 222 -10.76 10.42 -23.10
N SER E 223 -11.86 11.17 -23.24
CA SER E 223 -12.46 11.29 -24.57
C SER E 223 -11.62 12.09 -25.59
N LEU E 224 -11.00 13.18 -25.12
CA LEU E 224 -10.16 14.03 -25.97
C LEU E 224 -9.00 13.28 -26.56
N VAL E 225 -8.43 12.34 -25.80
CA VAL E 225 -7.32 11.45 -26.31
C VAL E 225 -7.89 10.34 -27.17
N LYS E 226 -8.95 9.72 -26.69
CA LYS E 226 -9.53 8.62 -27.41
C LYS E 226 -10.04 9.02 -28.82
N ILE E 227 -10.67 10.20 -28.98
CA ILE E 227 -11.20 10.52 -30.32
C ILE E 227 -10.04 10.80 -31.24
N MET E 228 -8.92 11.29 -30.70
CA MET E 228 -7.73 11.54 -31.48
C MET E 228 -6.94 10.28 -31.83
N GLU E 229 -7.03 9.24 -31.03
CA GLU E 229 -6.39 7.98 -31.34
C GLU E 229 -7.16 7.16 -32.33
N ALA E 230 -8.47 7.39 -32.50
CA ALA E 230 -9.26 6.51 -33.34
C ALA E 230 -8.79 6.51 -34.78
N PRO E 231 -8.86 5.34 -35.44
CA PRO E 231 -8.59 5.36 -36.87
C PRO E 231 -9.65 6.20 -37.64
N LEU E 232 -9.18 7.01 -38.57
CA LEU E 232 -10.05 7.86 -39.35
C LEU E 232 -11.25 7.07 -39.88
N GLU E 233 -10.98 5.83 -40.24
CA GLU E 233 -11.94 4.91 -40.84
C GLU E 233 -13.16 4.59 -40.01
N LYS E 234 -12.97 4.50 -38.72
CA LYS E 234 -14.02 4.31 -37.75
C LYS E 234 -14.92 5.51 -37.49
N LEU E 235 -14.49 6.71 -37.87
CA LEU E 235 -15.31 7.91 -37.62
C LEU E 235 -16.30 8.11 -38.71
N THR E 236 -17.58 8.00 -38.42
CA THR E 236 -18.58 8.34 -39.43
C THR E 236 -18.84 9.85 -39.60
N ARG E 237 -18.37 10.66 -38.69
CA ARG E 237 -18.60 12.09 -38.77
C ARG E 237 -17.41 12.84 -38.19
N THR E 238 -17.41 14.15 -38.37
CA THR E 238 -16.33 15.01 -37.88
C THR E 238 -16.64 15.60 -36.50
N VAL E 239 -17.92 15.82 -36.21
CA VAL E 239 -18.37 16.52 -34.99
C VAL E 239 -19.31 15.60 -34.20
N TYR E 240 -19.00 15.36 -32.94
CA TYR E 240 -19.79 14.46 -32.09
C TYR E 240 -20.25 15.08 -30.82
N ASN E 241 -21.52 14.96 -30.47
CA ASN E 241 -21.99 15.26 -29.13
C ASN E 241 -21.31 14.28 -28.17
N ILE E 242 -20.77 14.75 -27.06
CA ILE E 242 -20.48 13.83 -25.94
C ILE E 242 -21.08 14.42 -24.69
N THR E 243 -21.53 13.56 -23.79
CA THR E 243 -21.92 14.05 -22.45
C THR E 243 -21.48 13.16 -21.32
N GLY E 244 -21.51 13.70 -20.10
CA GLY E 244 -21.23 12.93 -18.89
C GLY E 244 -22.57 12.62 -18.24
N PHE E 245 -23.17 13.65 -17.66
CA PHE E 245 -24.44 13.52 -17.01
C PHE E 245 -24.99 14.93 -16.93
N SER E 246 -26.29 15.04 -16.74
CA SER E 246 -26.91 16.34 -16.69
C SER E 246 -27.22 16.70 -15.27
N PHE E 247 -27.09 17.97 -14.90
CA PHE E 247 -27.62 18.38 -13.64
C PHE E 247 -27.99 19.84 -13.61
N SER E 248 -28.78 20.17 -12.59
CA SER E 248 -29.18 21.49 -12.25
C SER E 248 -28.39 21.99 -11.04
N PRO E 249 -28.41 23.31 -10.81
CA PRO E 249 -27.71 23.86 -9.65
C PRO E 249 -28.24 23.37 -8.28
N SER E 250 -29.55 23.13 -8.17
CA SER E 250 -30.12 22.56 -6.96
C SER E 250 -29.58 21.15 -6.73
N GLU E 251 -29.50 20.38 -7.82
CA GLU E 251 -28.87 19.07 -7.73
C GLU E 251 -27.41 19.14 -7.32
N LEU E 252 -26.64 20.10 -7.90
CA LEU E 252 -25.23 20.19 -7.53
C LEU E 252 -25.13 20.56 -6.03
N ARG E 253 -26.02 21.43 -5.60
CA ARG E 253 -26.05 21.84 -4.20
C ARG E 253 -26.29 20.67 -3.24
N PHE E 254 -27.28 19.83 -3.54
CA PHE E 254 -27.49 18.62 -2.76
C PHE E 254 -26.27 17.72 -2.79
N SER E 255 -25.70 17.48 -3.95
CA SER E 255 -24.48 16.66 -4.04
C SER E 255 -23.34 17.17 -3.13
N ILE E 256 -23.13 18.47 -3.11
CA ILE E 256 -22.10 19.04 -2.30
C ILE E 256 -22.43 18.89 -0.81
N GLU E 257 -23.70 19.10 -0.48
CA GLU E 257 -24.19 19.05 0.87
C GLU E 257 -24.04 17.67 1.50
N ARG E 258 -24.22 16.62 0.73
CA ARG E 258 -23.99 15.28 1.20
C ARG E 258 -22.57 14.82 0.92
N CYS E 259 -21.63 15.73 0.85
CA CYS E 259 -20.23 15.38 0.97
C CYS E 259 -19.64 16.18 2.14
N THR E 260 -20.13 17.39 2.39
CA THR E 260 -19.66 18.21 3.50
C THR E 260 -20.49 18.05 4.78
N ASP E 261 -21.63 17.35 4.68
CA ASP E 261 -22.64 17.26 5.75
C ASP E 261 -23.01 18.57 6.45
N ARG E 262 -22.79 19.69 5.76
CA ARG E 262 -23.24 20.99 6.22
C ARG E 262 -24.00 21.56 5.06
N THR E 263 -24.74 22.63 5.30
CA THR E 263 -25.57 23.19 4.26
C THR E 263 -24.95 24.47 3.66
N ILE E 264 -24.57 24.37 2.40
CA ILE E 264 -24.19 25.48 1.55
C ILE E 264 -25.26 26.57 1.52
N GLU E 265 -24.88 27.84 1.64
CA GLU E 265 -25.80 28.97 1.48
C GLU E 265 -25.80 29.45 -0.01
N VAL E 266 -26.97 29.50 -0.67
CA VAL E 266 -27.08 29.87 -2.10
C VAL E 266 -28.24 30.79 -2.34
N GLU E 267 -27.98 31.97 -2.91
CA GLU E 267 -29.04 32.81 -3.47
C GLU E 267 -29.00 32.66 -4.99
N TYR E 268 -30.16 32.34 -5.57
CA TYR E 268 -30.33 32.24 -6.98
C TYR E 268 -30.84 33.52 -7.60
N VAL E 269 -30.23 33.90 -8.74
CA VAL E 269 -30.60 35.09 -9.56
C VAL E 269 -30.66 34.76 -11.07
N GLU E 270 -31.48 35.48 -11.82
CA GLU E 270 -31.41 35.39 -13.26
C GLU E 270 -30.29 36.38 -13.73
N GLY E 271 -29.04 35.90 -13.61
CA GLY E 271 -27.85 36.53 -14.21
C GLY E 271 -27.74 36.22 -15.70
N PRO E 272 -26.73 36.75 -16.39
CA PRO E 272 -26.65 36.53 -17.85
C PRO E 272 -26.59 35.04 -18.28
N ALA E 273 -25.97 34.22 -17.46
CA ALA E 273 -25.81 32.80 -17.71
C ALA E 273 -27.16 32.08 -17.86
N GLN E 274 -28.18 32.53 -17.14
CA GLN E 274 -29.46 31.84 -17.11
C GLN E 274 -30.11 31.90 -18.45
N LYS E 275 -30.22 33.09 -19.00
CA LYS E 275 -30.89 33.26 -20.29
C LYS E 275 -30.16 32.48 -21.41
N ILE E 276 -28.84 32.52 -21.35
CA ILE E 276 -28.02 31.71 -22.25
C ILE E 276 -28.32 30.21 -22.06
N ALA E 277 -28.19 29.72 -20.82
CA ALA E 277 -28.37 28.32 -20.51
C ALA E 277 -29.74 27.75 -20.85
N ASN E 278 -30.77 28.54 -20.63
CA ASN E 278 -32.10 28.14 -20.94
C ASN E 278 -32.33 27.85 -22.49
N SER E 279 -31.47 28.38 -23.36
CA SER E 279 -31.59 28.08 -24.79
C SER E 279 -30.83 26.79 -25.16
N TRP E 280 -30.16 26.17 -24.20
CA TRP E 280 -29.38 24.99 -24.45
C TRP E 280 -30.15 23.67 -24.19
N PRO E 281 -29.59 22.57 -24.68
CA PRO E 281 -30.18 21.28 -24.36
C PRO E 281 -30.09 20.94 -22.86
N ASP E 282 -31.05 20.16 -22.38
CA ASP E 282 -31.04 19.49 -21.08
C ASP E 282 -30.11 18.27 -21.05
N SER E 283 -30.07 17.59 -22.18
CA SER E 283 -29.27 16.41 -22.34
C SER E 283 -28.96 16.16 -23.80
N LEU E 284 -27.88 15.39 -24.02
CA LEU E 284 -27.41 15.06 -25.32
C LEU E 284 -27.45 13.54 -25.60
N ASP E 285 -27.84 13.20 -26.83
CA ASP E 285 -27.61 11.88 -27.43
C ASP E 285 -26.15 11.80 -27.95
N ASP E 286 -25.34 10.99 -27.31
CA ASP E 286 -23.96 10.72 -27.70
C ASP E 286 -23.72 9.29 -28.18
N SER E 287 -24.78 8.63 -28.63
CA SER E 287 -24.67 7.29 -29.21
C SER E 287 -23.68 7.19 -30.35
N ASN E 288 -23.60 8.19 -31.24
CA ASN E 288 -22.63 8.08 -32.34
C ASN E 288 -21.20 8.04 -31.82
N ALA E 289 -20.92 8.78 -30.77
CA ALA E 289 -19.56 8.84 -30.23
C ALA E 289 -19.22 7.54 -29.51
N ARG E 290 -20.18 7.01 -28.77
CA ARG E 290 -19.99 5.76 -28.02
C ARG E 290 -19.73 4.65 -29.02
N ASN E 291 -20.52 4.60 -30.08
CA ASN E 291 -20.41 3.58 -31.08
C ASN E 291 -19.23 3.71 -31.98
N ASP E 292 -18.91 4.93 -32.41
CA ASP E 292 -17.80 5.09 -33.36
C ASP E 292 -16.43 4.94 -32.70
N TRP E 293 -16.22 5.55 -31.55
CA TRP E 293 -14.92 5.53 -30.96
C TRP E 293 -14.93 5.31 -29.44
N GLY E 294 -16.04 4.81 -28.88
CA GLY E 294 -16.02 4.36 -27.52
C GLY E 294 -15.91 5.44 -26.44
N HIS E 295 -16.51 6.61 -26.70
CA HIS E 295 -16.70 7.58 -25.63
C HIS E 295 -17.28 6.86 -24.43
N GLN E 296 -16.78 7.15 -23.25
CA GLN E 296 -17.36 6.60 -22.01
C GLN E 296 -17.06 7.49 -20.80
N VAL E 297 -17.86 7.27 -19.78
CA VAL E 297 -17.96 8.14 -18.62
C VAL E 297 -17.78 7.27 -17.36
N LYS E 298 -16.79 7.53 -16.54
CA LYS E 298 -16.67 6.89 -15.22
C LYS E 298 -17.43 7.61 -14.12
N TYR E 299 -17.47 8.95 -14.15
CA TYR E 299 -17.96 9.72 -13.03
C TYR E 299 -19.45 10.00 -13.07
N ASP E 300 -20.01 10.05 -11.85
CA ASP E 300 -21.29 10.59 -11.60
C ASP E 300 -21.14 11.80 -10.72
N ILE E 301 -22.26 12.46 -10.43
CA ILE E 301 -22.23 13.71 -9.72
C ILE E 301 -21.53 13.62 -8.37
N ASP E 302 -21.82 12.60 -7.58
CA ASP E 302 -21.21 12.54 -6.21
C ASP E 302 -19.74 12.14 -6.22
N MET E 303 -19.36 11.20 -7.09
CA MET E 303 -17.93 10.90 -7.36
C MET E 303 -17.19 12.19 -7.74
N MET E 304 -17.78 12.98 -8.66
CA MET E 304 -17.20 14.25 -8.99
C MET E 304 -17.10 15.13 -7.75
N SER E 305 -18.21 15.27 -7.01
CA SER E 305 -18.26 16.22 -5.93
C SER E 305 -17.23 15.88 -4.85
N GLU E 306 -17.07 14.60 -4.57
CA GLU E 306 -16.06 14.16 -3.62
C GLU E 306 -14.66 14.52 -4.12
N ASP E 307 -14.36 14.21 -5.38
CA ASP E 307 -13.02 14.49 -5.89
C ASP E 307 -12.75 15.99 -5.93
N MET E 308 -13.73 16.78 -6.36
CA MET E 308 -13.58 18.24 -6.40
C MET E 308 -13.28 18.85 -5.00
N LEU E 309 -14.05 18.41 -4.01
CA LEU E 309 -13.88 18.85 -2.63
C LEU E 309 -12.55 18.41 -2.00
N ARG E 310 -12.04 17.22 -2.26
CA ARG E 310 -10.69 16.95 -1.76
C ARG E 310 -9.58 17.67 -2.56
N GLN E 311 -9.79 17.88 -3.88
CA GLN E 311 -8.69 18.34 -4.71
C GLN E 311 -8.49 19.85 -4.75
N ILE E 312 -9.56 20.63 -4.62
CA ILE E 312 -9.44 22.08 -4.60
C ILE E 312 -8.58 22.57 -3.42
N PRO E 313 -8.77 22.01 -2.21
CA PRO E 313 -7.97 22.50 -1.08
C PRO E 313 -6.49 22.23 -1.29
N ILE E 314 -6.16 21.02 -1.75
CA ILE E 314 -4.79 20.65 -2.13
C ILE E 314 -4.22 21.57 -3.22
N LEU E 315 -4.97 21.78 -4.30
CA LEU E 315 -4.52 22.58 -5.42
C LEU E 315 -4.55 24.07 -5.22
N HIS E 316 -5.45 24.61 -4.40
CA HIS E 316 -5.53 26.06 -4.25
C HIS E 316 -5.27 26.53 -2.81
N GLY E 317 -4.71 25.67 -1.96
CA GLY E 317 -4.57 25.96 -0.53
C GLY E 317 -5.82 26.49 0.14
N LEU E 318 -6.99 26.02 -0.27
CA LEU E 318 -8.25 26.45 0.34
C LEU E 318 -8.40 25.57 1.59
N PRO E 319 -9.28 25.95 2.53
CA PRO E 319 -9.42 25.12 3.73
C PRO E 319 -10.24 23.89 3.41
N SER E 320 -9.75 22.71 3.83
CA SER E 320 -10.35 21.44 3.41
C SER E 320 -11.57 21.00 4.26
N LEU E 321 -11.54 19.81 4.83
CA LEU E 321 -12.71 19.26 5.46
C LEU E 321 -12.26 18.54 6.71
N HIS F 1 -12.84 -54.32 -29.11
CA HIS F 1 -12.13 -53.35 -30.03
C HIS F 1 -12.87 -51.97 -30.01
N MET F 2 -12.88 -51.20 -31.12
CA MET F 2 -13.35 -49.79 -31.10
C MET F 2 -14.85 -49.64 -31.41
N PRO F 3 -15.57 -48.73 -30.68
CA PRO F 3 -16.91 -48.43 -31.15
C PRO F 3 -16.92 -47.57 -32.43
N ARG F 4 -18.06 -47.62 -33.11
CA ARG F 4 -18.34 -46.72 -34.19
C ARG F 4 -19.31 -45.67 -33.66
N VAL F 5 -18.90 -44.41 -33.67
CA VAL F 5 -19.64 -43.33 -32.93
C VAL F 5 -20.21 -42.34 -33.90
N LEU F 6 -21.56 -42.21 -33.90
CA LEU F 6 -22.25 -41.12 -34.57
C LEU F 6 -22.51 -40.00 -33.56
N VAL F 7 -22.24 -38.77 -33.96
CA VAL F 7 -22.61 -37.59 -33.20
C VAL F 7 -23.57 -36.78 -34.04
N THR F 8 -24.74 -36.49 -33.49
CA THR F 8 -25.65 -35.52 -34.11
C THR F 8 -25.64 -34.16 -33.37
N GLY F 9 -25.95 -33.09 -34.09
CA GLY F 9 -25.81 -31.74 -33.55
C GLY F 9 -24.37 -31.47 -33.10
N ALA F 10 -23.44 -31.99 -33.90
CA ALA F 10 -22.07 -32.08 -33.55
C ALA F 10 -21.24 -30.78 -33.67
N LEU F 11 -21.78 -29.74 -34.31
CA LEU F 11 -21.04 -28.53 -34.55
C LEU F 11 -21.21 -27.43 -33.49
N GLY F 12 -22.08 -27.63 -32.52
CA GLY F 12 -22.32 -26.62 -31.48
C GLY F 12 -21.26 -26.62 -30.40
N GLN F 13 -21.60 -26.16 -29.21
CA GLN F 13 -20.54 -25.93 -28.23
C GLN F 13 -19.95 -27.26 -27.72
N ILE F 14 -20.80 -28.14 -27.31
CA ILE F 14 -20.35 -29.44 -26.83
C ILE F 14 -19.86 -30.33 -27.96
N GLY F 15 -20.62 -30.37 -29.04
CA GLY F 15 -20.27 -31.24 -30.13
C GLY F 15 -18.93 -30.98 -30.75
N THR F 16 -18.52 -29.71 -30.80
CA THR F 16 -17.21 -29.35 -31.37
C THR F 16 -16.07 -30.04 -30.61
N ASP F 17 -16.05 -29.89 -29.30
CA ASP F 17 -14.98 -30.46 -28.52
C ASP F 17 -15.17 -31.94 -28.41
N LEU F 18 -16.40 -32.41 -28.23
CA LEU F 18 -16.65 -33.87 -28.21
C LEU F 18 -16.21 -34.59 -29.53
N SER F 19 -16.53 -34.00 -30.67
CA SER F 19 -16.19 -34.62 -31.94
C SER F 19 -14.66 -34.80 -32.08
N LEU F 20 -13.94 -33.75 -31.70
CA LEU F 20 -12.49 -33.81 -31.71
C LEU F 20 -11.93 -34.84 -30.75
N ALA F 21 -12.46 -34.91 -29.54
CA ALA F 21 -11.93 -35.87 -28.59
C ALA F 21 -12.20 -37.29 -29.02
N LEU F 22 -13.38 -37.55 -29.61
CA LEU F 22 -13.72 -38.90 -30.06
C LEU F 22 -12.87 -39.33 -31.26
N ARG F 23 -12.62 -38.40 -32.17
CA ARG F 23 -11.75 -38.64 -33.32
C ARG F 23 -10.30 -38.91 -32.88
N ASP F 24 -9.80 -38.15 -31.92
CA ASP F 24 -8.50 -38.43 -31.36
C ASP F 24 -8.47 -39.78 -30.65
N LYS F 25 -9.51 -40.12 -29.92
CA LYS F 25 -9.43 -41.32 -29.12
C LYS F 25 -9.62 -42.57 -29.89
N PHE F 26 -10.55 -42.55 -30.85
CA PHE F 26 -11.00 -43.78 -31.54
C PHE F 26 -10.63 -43.82 -33.01
N GLY F 27 -10.06 -42.73 -33.53
CA GLY F 27 -9.66 -42.61 -34.93
C GLY F 27 -10.80 -42.05 -35.72
N ALA F 28 -10.46 -41.25 -36.71
CA ALA F 28 -11.45 -40.55 -37.51
C ALA F 28 -12.35 -41.47 -38.31
N ASP F 29 -11.81 -42.62 -38.71
CA ASP F 29 -12.60 -43.64 -39.38
C ASP F 29 -13.74 -44.21 -38.54
N SER F 30 -13.60 -44.16 -37.22
CA SER F 30 -14.62 -44.71 -36.36
C SER F 30 -15.64 -43.65 -35.89
N VAL F 31 -15.57 -42.43 -36.42
CA VAL F 31 -16.40 -41.38 -35.89
C VAL F 31 -17.08 -40.65 -37.00
N LEU F 32 -18.39 -40.47 -36.88
CA LEU F 32 -19.15 -39.75 -37.88
C LEU F 32 -19.86 -38.62 -37.19
N VAL F 33 -19.63 -37.41 -37.67
CA VAL F 33 -20.05 -36.17 -37.04
C VAL F 33 -21.10 -35.53 -37.98
N SER F 34 -22.25 -35.08 -37.45
CA SER F 34 -23.28 -34.49 -38.31
C SER F 34 -23.98 -33.36 -37.66
N ASP F 35 -24.55 -32.47 -38.46
CA ASP F 35 -25.31 -31.31 -37.94
C ASP F 35 -26.21 -30.83 -39.07
N VAL F 36 -27.23 -30.06 -38.76
CA VAL F 36 -28.07 -29.46 -39.76
C VAL F 36 -27.33 -28.33 -40.54
N VAL F 37 -26.29 -27.76 -39.96
CA VAL F 37 -25.47 -26.72 -40.64
C VAL F 37 -24.12 -27.31 -41.00
N GLU F 38 -23.44 -26.74 -41.96
CA GLU F 38 -22.01 -27.08 -42.26
C GLU F 38 -21.07 -26.27 -41.39
N PRO F 39 -19.85 -26.77 -41.18
CA PRO F 39 -18.89 -25.96 -40.42
C PRO F 39 -18.54 -24.68 -41.18
N GLY F 40 -18.56 -23.55 -40.50
CA GLY F 40 -17.86 -22.34 -40.97
C GLY F 40 -16.39 -22.54 -41.25
N ALA F 41 -15.83 -21.69 -42.12
CA ALA F 41 -14.37 -21.66 -42.46
C ALA F 41 -13.45 -21.63 -41.26
N LYS F 42 -13.80 -20.88 -40.24
CA LYS F 42 -13.04 -20.85 -39.00
C LYS F 42 -13.41 -21.95 -37.97
N HIS F 43 -14.38 -22.81 -38.29
CA HIS F 43 -14.81 -23.87 -37.37
C HIS F 43 -13.70 -24.93 -37.32
N PRO F 44 -13.37 -25.43 -36.11
CA PRO F 44 -12.29 -26.43 -36.02
C PRO F 44 -12.53 -27.73 -36.78
N LEU F 45 -13.77 -28.06 -37.08
CA LEU F 45 -14.09 -29.23 -37.90
C LEU F 45 -14.19 -28.93 -39.42
N ALA F 46 -13.99 -27.69 -39.82
CA ALA F 46 -14.00 -27.36 -41.25
C ALA F 46 -12.99 -28.18 -42.03
N GLY F 47 -13.43 -28.57 -43.23
CA GLY F 47 -12.62 -29.29 -44.15
C GLY F 47 -12.31 -30.70 -43.76
N LEU F 48 -12.82 -31.20 -42.65
CA LEU F 48 -12.45 -32.56 -42.25
C LEU F 48 -13.40 -33.54 -42.91
N LYS F 49 -12.94 -34.77 -43.13
CA LYS F 49 -13.82 -35.78 -43.66
C LYS F 49 -14.48 -36.49 -42.46
N GLY F 50 -15.60 -37.15 -42.67
CA GLY F 50 -16.44 -37.67 -41.60
C GLY F 50 -17.33 -36.62 -40.92
N VAL F 51 -17.70 -35.55 -41.66
CA VAL F 51 -18.54 -34.46 -41.21
C VAL F 51 -19.67 -34.37 -42.23
N GLU F 52 -20.90 -34.72 -41.87
CA GLU F 52 -22.02 -34.76 -42.82
C GLU F 52 -23.10 -33.76 -42.42
N LYS F 53 -23.97 -33.45 -43.37
CA LYS F 53 -25.08 -32.57 -43.15
C LYS F 53 -26.29 -33.47 -42.85
N LEU F 54 -26.93 -33.32 -41.70
CA LEU F 54 -28.16 -34.09 -41.39
C LEU F 54 -29.10 -33.25 -40.59
N ASP F 55 -30.35 -33.09 -41.05
CA ASP F 55 -31.42 -32.52 -40.24
C ASP F 55 -32.08 -33.69 -39.54
N CYS F 56 -31.93 -33.75 -38.21
CA CYS F 56 -32.51 -34.80 -37.40
C CYS F 56 -34.04 -34.79 -37.38
N LEU F 57 -34.68 -33.72 -37.80
CA LEU F 57 -36.14 -33.74 -37.97
C LEU F 57 -36.59 -34.60 -39.16
N ASP F 58 -35.66 -34.99 -40.03
CA ASP F 58 -35.99 -35.84 -41.15
C ASP F 58 -35.71 -37.25 -40.78
N SER F 59 -36.72 -37.91 -40.19
CA SER F 59 -36.47 -39.26 -39.67
C SER F 59 -35.94 -40.22 -40.74
N ASN F 60 -36.42 -40.13 -41.97
CA ASN F 60 -35.91 -41.05 -43.05
C ASN F 60 -34.42 -40.80 -43.40
N GLY F 61 -34.01 -39.54 -43.32
CA GLY F 61 -32.60 -39.17 -43.56
C GLY F 61 -31.73 -39.60 -42.41
N PHE F 62 -32.22 -39.39 -41.20
CA PHE F 62 -31.54 -39.87 -39.97
C PHE F 62 -31.32 -41.41 -40.09
N GLU F 63 -32.39 -42.17 -40.36
CA GLU F 63 -32.26 -43.62 -40.51
C GLU F 63 -31.29 -44.01 -41.64
N LYS F 64 -31.27 -43.27 -42.74
CA LYS F 64 -30.38 -43.61 -43.84
C LYS F 64 -28.92 -43.44 -43.40
N LEU F 65 -28.62 -42.38 -42.65
CA LEU F 65 -27.27 -42.23 -42.16
C LEU F 65 -26.88 -43.34 -41.21
N VAL F 66 -27.80 -43.68 -40.32
CA VAL F 66 -27.53 -44.79 -39.35
C VAL F 66 -27.30 -46.14 -40.08
N LYS F 67 -28.19 -46.47 -40.99
CA LYS F 67 -28.07 -47.70 -41.85
C LYS F 67 -26.72 -47.78 -42.56
N GLU F 68 -26.28 -46.66 -43.13
CA GLU F 68 -25.01 -46.58 -43.84
C GLU F 68 -23.79 -46.71 -42.90
N PHE F 69 -23.75 -45.91 -41.83
CA PHE F 69 -22.55 -45.84 -40.99
C PHE F 69 -22.49 -46.99 -40.02
N LYS F 70 -23.62 -47.53 -39.65
CA LYS F 70 -23.73 -48.59 -38.64
C LYS F 70 -23.00 -48.23 -37.35
N PRO F 71 -23.43 -47.14 -36.71
CA PRO F 71 -22.79 -46.84 -35.40
C PRO F 71 -23.07 -47.90 -34.32
N THR F 72 -22.19 -48.03 -33.34
CA THR F 72 -22.51 -48.79 -32.14
C THR F 72 -22.84 -47.87 -30.92
N TRP F 73 -22.43 -46.60 -31.03
CA TRP F 73 -22.72 -45.56 -30.06
C TRP F 73 -23.25 -44.35 -30.83
N MET F 74 -24.09 -43.58 -30.14
CA MET F 74 -24.60 -42.33 -30.62
C MET F 74 -24.66 -41.28 -29.47
N TYR F 75 -24.14 -40.08 -29.75
CA TYR F 75 -24.36 -38.90 -28.92
C TYR F 75 -25.34 -38.02 -29.70
N HIS F 76 -26.57 -37.93 -29.19
CA HIS F 76 -27.56 -37.10 -29.83
C HIS F 76 -27.66 -35.76 -29.14
N LEU F 77 -27.03 -34.78 -29.72
CA LEU F 77 -26.90 -33.48 -29.10
C LEU F 77 -27.84 -32.29 -29.47
N PRO F 78 -28.61 -32.35 -30.58
CA PRO F 78 -29.39 -31.12 -30.85
C PRO F 78 -30.50 -30.83 -29.84
N ALA F 79 -30.53 -29.61 -29.35
CA ALA F 79 -31.65 -29.13 -28.58
C ALA F 79 -31.60 -27.63 -28.55
N ILE F 80 -32.77 -27.02 -28.42
CA ILE F 80 -32.85 -25.60 -28.21
C ILE F 80 -32.92 -25.43 -26.69
N MET F 81 -32.01 -24.62 -26.16
CA MET F 81 -31.73 -24.53 -24.74
C MET F 81 -32.56 -23.42 -24.04
N SER F 82 -32.28 -23.15 -22.76
CA SER F 82 -33.21 -22.59 -21.78
C SER F 82 -33.70 -21.20 -22.17
N VAL F 83 -32.79 -20.29 -22.49
CA VAL F 83 -33.15 -18.93 -22.87
C VAL F 83 -33.77 -18.89 -24.26
N ARG F 84 -33.08 -19.41 -25.26
CA ARG F 84 -33.58 -19.39 -26.58
C ARG F 84 -34.96 -20.09 -26.74
N GLY F 85 -35.16 -21.17 -26.00
CA GLY F 85 -36.43 -21.87 -26.05
C GLY F 85 -37.62 -21.06 -25.63
N GLU F 86 -37.45 -20.14 -24.67
CA GLU F 86 -38.52 -19.28 -24.28
C GLU F 86 -38.95 -18.32 -25.41
N ALA F 87 -38.03 -17.91 -26.26
CA ALA F 87 -38.30 -16.97 -27.36
C ALA F 87 -38.75 -17.77 -28.59
N GLU F 88 -38.32 -19.03 -28.68
CA GLU F 88 -38.64 -19.86 -29.84
C GLU F 88 -39.21 -21.22 -29.44
N PRO F 89 -40.34 -21.21 -28.74
CA PRO F 89 -40.83 -22.44 -28.15
C PRO F 89 -41.25 -23.48 -29.19
N ASP F 90 -41.78 -23.07 -30.33
CA ASP F 90 -42.23 -24.06 -31.33
C ASP F 90 -41.02 -24.85 -31.86
N LEU F 91 -39.90 -24.17 -32.07
CA LEU F 91 -38.67 -24.82 -32.50
C LEU F 91 -38.14 -25.78 -31.40
N ALA F 92 -38.26 -25.32 -30.16
CA ALA F 92 -37.77 -26.10 -29.04
C ALA F 92 -38.61 -27.39 -28.90
N MET F 93 -39.91 -27.26 -29.09
CA MET F 93 -40.76 -28.44 -28.97
C MET F 93 -40.50 -29.38 -30.14
N ASP F 94 -40.32 -28.86 -31.35
CA ASP F 94 -39.99 -29.71 -32.50
C ASP F 94 -38.69 -30.49 -32.33
N ILE F 95 -37.61 -29.76 -32.09
CA ILE F 95 -36.31 -30.32 -31.97
C ILE F 95 -36.17 -31.20 -30.74
N ASN F 96 -36.52 -30.66 -29.60
CA ASN F 96 -36.26 -31.36 -28.35
C ASN F 96 -37.07 -32.64 -28.18
N VAL F 97 -38.29 -32.66 -28.68
CA VAL F 97 -39.13 -33.84 -28.59
C VAL F 97 -38.93 -34.75 -29.82
N ASN F 98 -39.14 -34.26 -31.04
CA ASN F 98 -39.11 -35.12 -32.23
C ASN F 98 -37.77 -35.74 -32.60
N THR F 99 -36.69 -34.98 -32.58
CA THR F 99 -35.38 -35.60 -32.92
C THR F 99 -34.98 -36.68 -31.92
N THR F 100 -35.34 -36.44 -30.66
CA THR F 100 -35.09 -37.38 -29.55
C THR F 100 -35.87 -38.66 -29.75
N ARG F 101 -37.17 -38.54 -30.10
CA ARG F 101 -37.97 -39.72 -30.44
C ARG F 101 -37.37 -40.51 -31.61
N TYR F 102 -36.95 -39.83 -32.66
CA TYR F 102 -36.34 -40.54 -33.78
C TYR F 102 -35.01 -41.16 -33.44
N ALA F 103 -34.23 -40.49 -32.58
CA ALA F 103 -32.95 -41.04 -32.15
C ALA F 103 -33.07 -42.32 -31.34
N LEU F 104 -34.03 -42.32 -30.44
CA LEU F 104 -34.33 -43.47 -29.61
C LEU F 104 -34.86 -44.62 -30.45
N GLU F 105 -35.72 -44.33 -31.40
CA GLU F 105 -36.27 -45.38 -32.25
C GLU F 105 -35.15 -46.02 -33.09
N LEU F 106 -34.21 -45.20 -33.57
CA LEU F 106 -33.06 -45.72 -34.32
C LEU F 106 -32.15 -46.55 -33.47
N ALA F 107 -31.87 -46.08 -32.24
CA ALA F 107 -31.18 -46.90 -31.24
C ALA F 107 -31.84 -48.27 -31.01
N ARG F 108 -33.17 -48.29 -30.95
CA ARG F 108 -33.88 -49.56 -30.77
C ARG F 108 -33.69 -50.46 -31.99
N LYS F 109 -33.93 -49.90 -33.17
CA LYS F 109 -33.89 -50.67 -34.44
CA LYS F 109 -33.90 -50.66 -34.43
C LYS F 109 -32.50 -51.13 -34.85
N TYR F 110 -31.46 -50.37 -34.52
CA TYR F 110 -30.10 -50.64 -34.97
C TYR F 110 -29.18 -50.95 -33.79
N ASN F 111 -29.73 -51.25 -32.62
CA ASN F 111 -28.89 -51.67 -31.49
C ASN F 111 -27.72 -50.75 -31.11
N ILE F 112 -28.07 -49.50 -30.85
CA ILE F 112 -27.09 -48.46 -30.64
C ILE F 112 -27.17 -48.12 -29.14
N ARG F 113 -26.02 -48.07 -28.50
CA ARG F 113 -25.91 -47.46 -27.21
C ARG F 113 -26.00 -45.95 -27.40
N ILE F 114 -26.96 -45.33 -26.73
CA ILE F 114 -27.34 -43.94 -27.06
C ILE F 114 -27.27 -43.03 -25.82
N PHE F 115 -26.54 -41.92 -25.99
CA PHE F 115 -26.40 -40.83 -25.02
C PHE F 115 -27.20 -39.64 -25.52
N ILE F 116 -28.09 -39.16 -24.66
CA ILE F 116 -28.77 -37.91 -24.86
C ILE F 116 -28.61 -37.14 -23.54
N PRO F 117 -27.97 -35.98 -23.59
CA PRO F 117 -27.80 -35.15 -22.38
C PRO F 117 -29.09 -34.54 -21.89
N SER F 118 -29.31 -34.60 -20.61
CA SER F 118 -30.28 -33.77 -19.94
C SER F 118 -29.52 -32.55 -19.43
N THR F 119 -30.04 -31.92 -18.39
CA THR F 119 -29.63 -30.58 -17.97
C THR F 119 -30.18 -30.22 -16.60
N ILE F 120 -29.48 -29.36 -15.91
CA ILE F 120 -29.96 -28.82 -14.64
C ILE F 120 -31.23 -28.04 -14.88
N ALA F 121 -31.47 -27.66 -16.12
CA ALA F 121 -32.75 -26.99 -16.46
C ALA F 121 -34.00 -27.85 -16.34
N ALA F 122 -33.83 -29.17 -16.18
CA ALA F 122 -34.96 -30.05 -15.95
C ALA F 122 -35.48 -29.90 -14.53
N PHE F 123 -34.67 -29.30 -13.66
CA PHE F 123 -35.09 -28.95 -12.32
C PHE F 123 -35.77 -27.55 -12.29
N GLY F 124 -36.66 -27.41 -11.33
CA GLY F 124 -37.26 -26.15 -10.99
C GLY F 124 -37.19 -25.94 -9.51
N ASP F 125 -38.01 -25.02 -9.02
CA ASP F 125 -37.80 -24.50 -7.67
C ASP F 125 -38.26 -25.42 -6.53
N LYS F 126 -38.88 -26.55 -6.84
CA LYS F 126 -39.17 -27.57 -5.85
C LYS F 126 -38.18 -28.76 -5.78
N CYS F 127 -37.01 -28.62 -6.42
CA CYS F 127 -36.09 -29.75 -6.61
C CYS F 127 -35.30 -30.05 -5.35
N GLY F 128 -35.11 -29.03 -4.49
CA GLY F 128 -34.17 -29.05 -3.34
C GLY F 128 -32.89 -28.51 -3.89
N LYS F 129 -32.67 -27.23 -3.67
CA LYS F 129 -31.67 -26.50 -4.39
C LYS F 129 -30.22 -26.76 -3.93
N THR F 130 -30.02 -27.34 -2.77
CA THR F 130 -28.69 -27.62 -2.28
C THR F 130 -28.40 -29.08 -2.42
N MET F 131 -27.33 -29.41 -3.12
CA MET F 131 -26.92 -30.80 -3.36
C MET F 131 -28.07 -31.63 -3.93
N THR F 132 -28.68 -31.13 -4.99
CA THR F 132 -29.92 -31.69 -5.50
C THR F 132 -29.73 -33.17 -5.84
N LYS F 133 -30.66 -34.00 -5.43
CA LYS F 133 -30.57 -35.44 -5.65
C LYS F 133 -30.88 -35.87 -7.05
N ASP F 134 -30.52 -37.11 -7.36
CA ASP F 134 -30.82 -37.64 -8.65
C ASP F 134 -32.33 -37.80 -8.86
N ASP F 135 -33.04 -38.26 -7.82
CA ASP F 135 -34.49 -38.49 -7.88
C ASP F 135 -35.14 -37.43 -6.99
N THR F 136 -35.86 -36.50 -7.60
CA THR F 136 -36.60 -35.50 -6.83
C THR F 136 -37.77 -35.03 -7.67
N ILE F 137 -38.48 -34.03 -7.19
CA ILE F 137 -39.58 -33.42 -7.93
C ILE F 137 -38.98 -32.59 -9.07
N MET F 138 -39.57 -32.70 -10.25
CA MET F 138 -39.16 -31.99 -11.45
C MET F 138 -40.25 -31.01 -11.88
N ASN F 139 -40.05 -29.71 -11.64
CA ASN F 139 -41.02 -28.68 -12.04
C ASN F 139 -40.29 -27.57 -12.82
N PRO F 140 -39.73 -27.91 -13.99
CA PRO F 140 -38.96 -26.91 -14.71
C PRO F 140 -39.83 -25.73 -15.15
N SER F 141 -39.26 -24.54 -15.15
CA SER F 141 -40.00 -23.33 -15.49
C SER F 141 -39.83 -22.96 -16.96
N THR F 142 -39.09 -23.74 -17.73
CA THR F 142 -38.83 -23.43 -19.15
C THR F 142 -39.33 -24.58 -20.00
N VAL F 143 -39.72 -24.28 -21.23
CA VAL F 143 -40.16 -25.32 -22.15
C VAL F 143 -39.00 -26.25 -22.45
N TYR F 144 -37.79 -25.70 -22.53
CA TYR F 144 -36.61 -26.55 -22.67
C TYR F 144 -36.56 -27.60 -21.56
N GLY F 145 -36.67 -27.12 -20.32
CA GLY F 145 -36.62 -28.03 -19.15
C GLY F 145 -37.72 -29.08 -19.23
N VAL F 146 -38.92 -28.61 -19.57
CA VAL F 146 -40.01 -29.51 -19.85
C VAL F 146 -39.65 -30.61 -20.86
N THR F 147 -39.06 -30.23 -21.98
CA THR F 147 -38.74 -31.21 -23.05
C THR F 147 -37.66 -32.17 -22.61
N LYS F 148 -36.83 -31.72 -21.67
CA LYS F 148 -35.76 -32.58 -21.15
C LYS F 148 -36.23 -33.58 -20.12
N VAL F 149 -37.17 -33.20 -19.26
CA VAL F 149 -37.83 -34.21 -18.43
C VAL F 149 -38.45 -35.31 -19.33
N TYR F 150 -39.15 -34.91 -20.38
CA TYR F 150 -39.66 -35.85 -21.35
C TYR F 150 -38.57 -36.75 -21.91
N THR F 151 -37.49 -36.17 -22.39
CA THR F 151 -36.35 -36.92 -22.88
C THR F 151 -35.86 -37.95 -21.88
N GLU F 152 -35.65 -37.54 -20.63
CA GLU F 152 -35.19 -38.44 -19.59
C GLU F 152 -36.16 -39.64 -19.43
N LEU F 153 -37.46 -39.36 -19.40
CA LEU F 153 -38.45 -40.38 -19.12
C LEU F 153 -38.68 -41.27 -20.32
N LEU F 154 -38.68 -40.69 -21.51
CA LEU F 154 -38.78 -41.49 -22.71
C LEU F 154 -37.57 -42.40 -22.89
N GLY F 155 -36.36 -41.86 -22.76
CA GLY F 155 -35.17 -42.69 -22.94
C GLY F 155 -35.19 -43.87 -21.96
N THR F 156 -35.61 -43.57 -20.71
CA THR F 156 -35.69 -44.54 -19.66
C THR F 156 -36.76 -45.58 -19.99
N TRP F 157 -37.86 -45.15 -20.51
CA TRP F 157 -38.85 -46.14 -20.92
C TRP F 157 -38.30 -47.03 -22.04
N TYR F 158 -37.54 -46.47 -22.95
CA TYR F 158 -36.96 -47.29 -24.03
C TYR F 158 -36.04 -48.36 -23.46
N ARG F 159 -35.26 -47.96 -22.47
CA ARG F 159 -34.39 -48.89 -21.80
C ARG F 159 -35.24 -50.04 -21.19
N GLN F 160 -36.28 -49.69 -20.48
CA GLN F 160 -37.08 -50.68 -19.78
C GLN F 160 -37.91 -51.55 -20.75
N LYS F 161 -38.44 -50.97 -21.81
CA LYS F 161 -39.35 -51.70 -22.62
C LYS F 161 -38.58 -52.59 -23.64
N TYR F 162 -37.55 -52.01 -24.24
CA TYR F 162 -36.90 -52.61 -25.38
C TYR F 162 -35.48 -53.05 -25.03
N GLY F 163 -35.00 -52.81 -23.80
CA GLY F 163 -33.57 -52.95 -23.47
C GLY F 163 -32.63 -52.01 -24.22
N VAL F 164 -33.10 -50.91 -24.70
CA VAL F 164 -32.19 -49.97 -25.33
C VAL F 164 -31.16 -49.43 -24.35
N ASP F 165 -29.87 -49.34 -24.73
CA ASP F 165 -28.86 -48.92 -23.80
C ASP F 165 -28.75 -47.38 -23.81
N PHE F 166 -29.70 -46.76 -23.12
CA PHE F 166 -29.88 -45.31 -23.04
C PHE F 166 -29.14 -44.81 -21.79
N ARG F 167 -28.28 -43.84 -22.02
CA ARG F 167 -27.51 -43.24 -20.96
C ARG F 167 -27.52 -41.73 -21.06
N SER F 168 -27.51 -41.05 -19.91
CA SER F 168 -27.73 -39.62 -19.82
C SER F 168 -27.11 -39.05 -18.57
N VAL F 169 -26.56 -37.83 -18.68
CA VAL F 169 -26.24 -37.01 -17.51
C VAL F 169 -27.01 -35.67 -17.58
N ARG F 170 -27.39 -35.14 -16.43
CA ARG F 170 -27.82 -33.78 -16.32
C ARG F 170 -26.59 -32.87 -16.28
N LEU F 171 -26.29 -32.23 -17.41
CA LEU F 171 -25.15 -31.38 -17.45
C LEU F 171 -25.41 -30.06 -16.72
N PRO F 172 -24.39 -29.56 -16.02
CA PRO F 172 -24.45 -28.20 -15.51
C PRO F 172 -24.12 -27.24 -16.63
N GLY F 173 -23.95 -25.98 -16.32
CA GLY F 173 -23.52 -25.00 -17.31
C GLY F 173 -22.11 -25.39 -17.77
N ILE F 174 -21.89 -25.48 -19.07
CA ILE F 174 -20.61 -25.90 -19.59
C ILE F 174 -19.83 -24.69 -20.13
N ILE F 175 -18.56 -24.61 -19.72
CA ILE F 175 -17.61 -23.54 -20.11
C ILE F 175 -16.58 -24.13 -21.07
N SER F 176 -16.46 -23.50 -22.22
CA SER F 176 -15.45 -23.82 -23.24
C SER F 176 -15.05 -22.58 -23.98
N ALA F 177 -13.95 -22.73 -24.71
CA ALA F 177 -13.40 -21.65 -25.49
C ALA F 177 -13.66 -21.76 -26.97
N ALA F 178 -13.87 -22.95 -27.50
CA ALA F 178 -13.79 -23.16 -28.97
C ALA F 178 -15.00 -22.66 -29.76
N THR F 179 -16.21 -23.02 -29.35
CA THR F 179 -17.38 -22.70 -30.22
C THR F 179 -18.36 -21.57 -29.82
N LEU F 180 -18.61 -21.26 -28.60
CA LEU F 180 -19.54 -20.10 -28.35
C LEU F 180 -20.93 -20.69 -28.15
N PRO F 181 -21.51 -20.39 -27.02
CA PRO F 181 -22.69 -21.08 -26.55
C PRO F 181 -23.97 -20.73 -27.29
N GLY F 182 -25.00 -21.58 -27.11
CA GLY F 182 -26.17 -21.61 -27.98
C GLY F 182 -27.43 -21.03 -27.38
N GLY F 183 -27.30 -20.38 -26.25
CA GLY F 183 -28.47 -19.66 -25.68
C GLY F 183 -29.09 -20.34 -24.48
N GLY F 184 -28.23 -20.81 -23.57
CA GLY F 184 -28.58 -21.08 -22.23
C GLY F 184 -28.45 -19.89 -21.29
N ALA F 185 -28.94 -20.13 -20.10
CA ALA F 185 -28.87 -19.17 -19.04
C ALA F 185 -27.44 -18.99 -18.48
N THR F 186 -26.56 -19.94 -18.76
CA THR F 186 -25.18 -19.89 -18.30
C THR F 186 -24.21 -19.28 -19.30
N ASP F 187 -24.71 -18.76 -20.42
CA ASP F 187 -23.88 -18.19 -21.46
C ASP F 187 -23.07 -17.00 -21.02
N TYR F 188 -23.58 -16.22 -20.05
CA TYR F 188 -22.80 -15.10 -19.49
C TYR F 188 -21.34 -15.45 -19.19
N ALA F 189 -21.09 -16.68 -18.75
CA ALA F 189 -19.78 -17.04 -18.18
C ALA F 189 -18.74 -16.92 -19.27
N ILE F 190 -18.96 -17.60 -20.38
CA ILE F 190 -18.09 -17.50 -21.55
C ILE F 190 -17.98 -16.09 -22.08
N HIS F 191 -19.07 -15.35 -22.15
CA HIS F 191 -19.04 -13.97 -22.57
C HIS F 191 -18.25 -13.03 -21.63
N MET F 192 -18.27 -13.29 -20.34
CA MET F 192 -17.48 -12.49 -19.43
C MET F 192 -15.96 -12.63 -19.71
N TYR F 193 -15.50 -13.81 -20.11
CA TYR F 193 -14.08 -13.94 -20.44
C TYR F 193 -13.72 -13.08 -21.66
N HIS F 194 -14.53 -13.21 -22.70
CA HIS F 194 -14.36 -12.44 -23.91
C HIS F 194 -14.31 -10.94 -23.62
N SER F 195 -15.28 -10.41 -22.85
CA SER F 195 -15.29 -9.04 -22.42
C SER F 195 -13.97 -8.62 -21.73
N ALA F 196 -13.52 -9.45 -20.82
CA ALA F 196 -12.29 -9.21 -20.09
C ALA F 196 -11.08 -9.03 -21.04
N LEU F 197 -10.94 -9.93 -22.02
CA LEU F 197 -9.84 -9.95 -22.98
C LEU F 197 -9.92 -8.78 -23.97
N LEU F 198 -11.15 -8.34 -24.27
CA LEU F 198 -11.41 -7.16 -25.11
C LEU F 198 -11.36 -5.87 -24.28
N GLN F 199 -11.18 -5.99 -22.98
CA GLN F 199 -11.29 -4.89 -22.04
C GLN F 199 -12.55 -4.03 -22.19
N LYS F 200 -13.67 -4.67 -22.43
CA LYS F 200 -14.96 -3.99 -22.60
C LYS F 200 -15.87 -4.28 -21.43
N LYS F 201 -16.83 -3.40 -21.18
CA LYS F 201 -17.70 -3.60 -20.06
C LYS F 201 -18.60 -4.79 -20.37
N CYS F 202 -18.66 -5.73 -19.44
CA CYS F 202 -19.58 -6.87 -19.54
C CYS F 202 -20.90 -6.48 -18.86
N VAL F 203 -22.00 -6.49 -19.60
CA VAL F 203 -23.34 -6.34 -19.02
C VAL F 203 -23.88 -7.73 -18.72
N CYS F 204 -23.88 -8.14 -17.47
CA CYS F 204 -24.18 -9.51 -17.14
C CYS F 204 -25.68 -9.60 -16.76
N PRO F 205 -26.43 -10.47 -17.46
CA PRO F 205 -27.89 -10.68 -17.29
C PRO F 205 -28.28 -11.52 -16.07
N VAL F 206 -27.29 -12.19 -15.48
CA VAL F 206 -27.47 -12.97 -14.30
C VAL F 206 -26.91 -12.17 -13.15
N LEU F 207 -27.63 -12.24 -12.04
CA LEU F 207 -27.30 -11.43 -10.88
C LEU F 207 -26.06 -11.92 -10.15
N PRO F 208 -25.37 -11.00 -9.50
CA PRO F 208 -24.00 -11.25 -9.07
C PRO F 208 -23.77 -12.43 -8.13
N TYR F 209 -24.78 -12.78 -7.32
CA TYR F 209 -24.64 -13.85 -6.35
C TYR F 209 -25.52 -15.06 -6.70
N GLU F 210 -25.95 -15.15 -7.96
CA GLU F 210 -26.68 -16.29 -8.39
C GLU F 210 -25.75 -17.44 -8.72
N SER F 211 -25.62 -18.35 -7.78
CA SER F 211 -24.69 -19.45 -7.89
C SER F 211 -25.37 -20.65 -8.57
N LEU F 212 -24.62 -21.26 -9.50
CA LEU F 212 -25.08 -22.38 -10.28
C LEU F 212 -23.96 -23.46 -10.44
N PRO F 213 -24.37 -24.73 -10.66
CA PRO F 213 -23.47 -25.81 -11.01
C PRO F 213 -22.92 -25.55 -12.38
N MET F 214 -21.60 -25.73 -12.51
CA MET F 214 -20.87 -25.49 -13.70
C MET F 214 -19.79 -26.54 -13.84
N MET F 215 -19.17 -26.57 -15.02
CA MET F 215 -18.13 -27.54 -15.31
C MET F 215 -17.34 -27.05 -16.51
N TYR F 216 -16.04 -27.29 -16.51
CA TYR F 216 -15.19 -26.92 -17.62
C TYR F 216 -15.15 -28.07 -18.64
N MET F 217 -15.10 -27.72 -19.92
CA MET F 217 -15.25 -28.71 -20.99
C MET F 217 -14.37 -29.97 -20.92
N PRO F 218 -13.09 -29.85 -20.56
CA PRO F 218 -12.28 -31.08 -20.49
C PRO F 218 -12.83 -32.08 -19.48
N ASP F 219 -13.45 -31.61 -18.40
CA ASP F 219 -14.09 -32.57 -17.50
C ASP F 219 -15.39 -33.18 -18.04
N THR F 220 -16.15 -32.34 -18.69
CA THR F 220 -17.36 -32.74 -19.38
C THR F 220 -17.05 -33.83 -20.41
N LEU F 221 -15.98 -33.67 -21.16
CA LEU F 221 -15.59 -34.65 -22.22
C LEU F 221 -15.18 -35.96 -21.61
N ASN F 222 -14.36 -35.87 -20.57
CA ASN F 222 -13.89 -37.05 -19.85
C ASN F 222 -15.11 -37.85 -19.41
N SER F 223 -16.07 -37.18 -18.78
CA SER F 223 -17.28 -37.87 -18.29
C SER F 223 -18.24 -38.39 -19.38
N LEU F 224 -18.43 -37.67 -20.48
CA LEU F 224 -19.23 -38.19 -21.58
C LEU F 224 -18.67 -39.47 -22.23
N VAL F 225 -17.36 -39.56 -22.32
CA VAL F 225 -16.69 -40.76 -22.81
C VAL F 225 -16.78 -41.86 -21.74
N LYS F 226 -16.49 -41.48 -20.50
CA LYS F 226 -16.46 -42.48 -19.44
C LYS F 226 -17.78 -43.17 -19.22
N ILE F 227 -18.87 -42.40 -19.22
CA ILE F 227 -20.17 -43.00 -18.96
C ILE F 227 -20.54 -43.95 -20.11
N MET F 228 -20.06 -43.66 -21.30
CA MET F 228 -20.34 -44.47 -22.46
C MET F 228 -19.50 -45.74 -22.51
N GLU F 229 -18.31 -45.69 -21.93
CA GLU F 229 -17.42 -46.84 -21.86
C GLU F 229 -17.84 -47.81 -20.78
N ALA F 230 -18.59 -47.34 -19.80
CA ALA F 230 -18.87 -48.17 -18.67
C ALA F 230 -19.64 -49.46 -19.07
N PRO F 231 -19.37 -50.59 -18.37
CA PRO F 231 -20.17 -51.77 -18.58
C PRO F 231 -21.59 -51.51 -18.10
N LEU F 232 -22.58 -51.92 -18.89
CA LEU F 232 -23.96 -51.67 -18.57
C LEU F 232 -24.29 -52.07 -17.15
N GLU F 233 -23.74 -53.20 -16.74
CA GLU F 233 -23.99 -53.77 -15.45
C GLU F 233 -23.54 -52.92 -14.28
N LYS F 234 -22.59 -52.02 -14.46
CA LYS F 234 -22.24 -51.08 -13.39
C LYS F 234 -23.24 -49.91 -13.21
N LEU F 235 -24.13 -49.67 -14.18
CA LEU F 235 -25.05 -48.53 -14.10
C LEU F 235 -26.31 -48.89 -13.33
N THR F 236 -26.54 -48.20 -12.23
CA THR F 236 -27.74 -48.43 -11.47
C THR F 236 -28.88 -47.55 -11.97
N ARG F 237 -28.62 -46.64 -12.88
CA ARG F 237 -29.71 -45.76 -13.36
C ARG F 237 -29.41 -45.33 -14.80
N THR F 238 -30.35 -44.68 -15.44
CA THR F 238 -30.18 -44.24 -16.83
C THR F 238 -29.65 -42.79 -16.88
N VAL F 239 -30.06 -41.96 -15.90
CA VAL F 239 -29.77 -40.55 -15.87
C VAL F 239 -29.01 -40.14 -14.60
N TYR F 240 -27.85 -39.50 -14.72
CA TYR F 240 -27.01 -39.10 -13.58
C TYR F 240 -26.82 -37.59 -13.54
N ASN F 241 -27.03 -36.99 -12.39
CA ASN F 241 -26.45 -35.70 -12.13
C ASN F 241 -24.93 -35.79 -12.22
N ILE F 242 -24.32 -34.82 -12.90
CA ILE F 242 -22.89 -34.59 -12.74
C ILE F 242 -22.61 -33.10 -12.58
N THR F 243 -21.59 -32.81 -11.80
CA THR F 243 -21.14 -31.45 -11.59
C THR F 243 -19.62 -31.30 -11.50
N GLY F 244 -19.21 -30.06 -11.71
CA GLY F 244 -17.80 -29.68 -11.67
C GLY F 244 -17.60 -28.88 -10.41
N PHE F 245 -18.14 -27.69 -10.41
CA PHE F 245 -18.16 -26.81 -9.23
C PHE F 245 -19.20 -25.70 -9.49
N SER F 246 -19.67 -25.06 -8.45
CA SER F 246 -20.66 -24.01 -8.57
C SER F 246 -19.97 -22.68 -8.44
N PHE F 247 -20.46 -21.71 -9.18
CA PHE F 247 -20.05 -20.35 -8.97
C PHE F 247 -21.12 -19.38 -9.45
N SER F 248 -21.00 -18.15 -8.93
CA SER F 248 -21.78 -17.02 -9.28
C SER F 248 -20.98 -16.11 -10.16
N PRO F 249 -21.66 -15.21 -10.87
CA PRO F 249 -20.89 -14.28 -11.65
C PRO F 249 -19.88 -13.43 -10.89
N SER F 250 -20.17 -13.03 -9.65
CA SER F 250 -19.19 -12.28 -8.82
C SER F 250 -17.95 -13.14 -8.56
N GLU F 251 -18.16 -14.44 -8.34
CA GLU F 251 -17.04 -15.37 -8.18
C GLU F 251 -16.21 -15.54 -9.45
N LEU F 252 -16.89 -15.64 -10.60
CA LEU F 252 -16.21 -15.76 -11.85
C LEU F 252 -15.36 -14.50 -12.11
N ARG F 253 -15.96 -13.35 -11.86
CA ARG F 253 -15.27 -12.09 -11.97
C ARG F 253 -14.00 -12.06 -11.11
N PHE F 254 -14.09 -12.43 -9.86
CA PHE F 254 -12.95 -12.47 -8.99
C PHE F 254 -11.86 -13.36 -9.61
N SER F 255 -12.24 -14.55 -10.06
CA SER F 255 -11.32 -15.47 -10.69
C SER F 255 -10.60 -14.82 -11.84
N ILE F 256 -11.34 -14.14 -12.70
CA ILE F 256 -10.73 -13.56 -13.87
C ILE F 256 -9.73 -12.48 -13.42
N GLU F 257 -10.15 -11.68 -12.46
CA GLU F 257 -9.33 -10.57 -11.91
C GLU F 257 -8.06 -11.06 -11.26
N ARG F 258 -8.10 -12.19 -10.56
CA ARG F 258 -6.90 -12.87 -10.07
C ARG F 258 -5.94 -13.27 -11.21
N CYS F 259 -6.46 -13.97 -12.20
CA CYS F 259 -5.69 -14.44 -13.32
C CYS F 259 -5.16 -13.32 -14.22
N THR F 260 -5.77 -12.15 -14.23
CA THR F 260 -5.30 -11.06 -15.08
C THR F 260 -4.60 -9.93 -14.30
N ASP F 261 -4.64 -9.98 -12.97
CA ASP F 261 -4.14 -8.91 -12.12
C ASP F 261 -4.72 -7.51 -12.43
N ARG F 262 -5.90 -7.48 -13.02
CA ARG F 262 -6.60 -6.28 -13.44
C ARG F 262 -8.01 -6.35 -12.88
N THR F 263 -8.61 -5.20 -12.63
CA THR F 263 -10.05 -5.10 -12.41
C THR F 263 -10.72 -5.24 -13.77
N ILE F 264 -11.81 -6.00 -13.85
CA ILE F 264 -12.63 -5.97 -15.06
C ILE F 264 -13.94 -5.26 -14.75
N GLU F 265 -14.55 -4.70 -15.77
CA GLU F 265 -15.79 -3.97 -15.60
C GLU F 265 -16.98 -4.85 -15.88
N VAL F 266 -17.81 -5.01 -14.86
CA VAL F 266 -19.06 -5.75 -14.99
C VAL F 266 -20.23 -4.92 -14.45
N GLU F 267 -21.25 -4.74 -15.27
CA GLU F 267 -22.51 -4.17 -14.85
C GLU F 267 -23.56 -5.30 -14.81
N TYR F 268 -24.23 -5.44 -13.68
CA TYR F 268 -25.22 -6.48 -13.52
C TYR F 268 -26.59 -5.94 -13.80
N VAL F 269 -27.09 -6.17 -15.01
CA VAL F 269 -28.46 -5.77 -15.41
C VAL F 269 -29.26 -7.00 -15.84
N GLU F 270 -30.28 -7.30 -15.05
CA GLU F 270 -31.05 -8.51 -15.21
C GLU F 270 -31.51 -8.75 -16.63
N GLY F 271 -31.26 -9.93 -17.17
CA GLY F 271 -31.84 -10.35 -18.44
C GLY F 271 -32.75 -11.55 -18.19
N PRO F 272 -33.31 -12.14 -19.27
CA PRO F 272 -34.14 -13.34 -19.13
C PRO F 272 -33.47 -14.54 -18.41
N ALA F 273 -32.17 -14.65 -18.53
CA ALA F 273 -31.45 -15.74 -17.88
C ALA F 273 -31.57 -15.72 -16.37
N GLN F 274 -31.77 -14.56 -15.74
CA GLN F 274 -31.86 -14.50 -14.26
C GLN F 274 -33.02 -15.28 -13.64
N LYS F 275 -34.26 -15.01 -14.06
CA LYS F 275 -35.39 -15.73 -13.50
C LYS F 275 -35.25 -17.20 -13.73
N ILE F 276 -34.71 -17.56 -14.90
CA ILE F 276 -34.58 -18.99 -15.24
C ILE F 276 -33.52 -19.61 -14.30
N ALA F 277 -32.34 -18.98 -14.25
CA ALA F 277 -31.25 -19.46 -13.39
C ALA F 277 -31.63 -19.51 -11.92
N ASN F 278 -32.46 -18.58 -11.48
CA ASN F 278 -32.79 -18.51 -10.08
C ASN F 278 -33.60 -19.71 -9.65
N SER F 279 -34.31 -20.34 -10.58
CA SER F 279 -35.13 -21.50 -10.27
C SER F 279 -34.33 -22.82 -10.22
N TRP F 280 -33.05 -22.79 -10.56
CA TRP F 280 -32.25 -24.02 -10.69
C TRP F 280 -31.56 -24.37 -9.38
N PRO F 281 -31.01 -25.59 -9.28
CA PRO F 281 -30.16 -25.90 -8.12
C PRO F 281 -28.98 -24.97 -7.96
N ASP F 282 -28.53 -24.85 -6.73
CA ASP F 282 -27.27 -24.16 -6.46
C ASP F 282 -26.10 -25.10 -6.63
N SER F 283 -26.34 -26.38 -6.32
CA SER F 283 -25.34 -27.43 -6.39
C SER F 283 -26.05 -28.78 -6.51
N LEU F 284 -25.36 -29.74 -7.09
CA LEU F 284 -25.88 -31.12 -7.31
C LEU F 284 -25.11 -32.18 -6.53
N ASP F 285 -25.85 -33.12 -6.00
CA ASP F 285 -25.31 -34.38 -5.51
C ASP F 285 -25.05 -35.30 -6.70
N ASP F 286 -23.77 -35.48 -7.02
CA ASP F 286 -23.41 -36.42 -8.07
C ASP F 286 -22.72 -37.71 -7.57
N SER F 287 -22.98 -38.09 -6.33
CA SER F 287 -22.38 -39.31 -5.79
C SER F 287 -22.68 -40.61 -6.60
N ASN F 288 -23.89 -40.79 -7.12
CA ASN F 288 -24.18 -41.97 -7.93
C ASN F 288 -23.30 -42.12 -9.16
N ALA F 289 -23.07 -41.00 -9.85
CA ALA F 289 -22.17 -40.97 -10.98
C ALA F 289 -20.73 -41.32 -10.53
N ARG F 290 -20.26 -40.70 -9.46
CA ARG F 290 -18.89 -40.97 -8.87
C ARG F 290 -18.80 -42.46 -8.51
N ASN F 291 -19.79 -42.97 -7.81
CA ASN F 291 -19.83 -44.40 -7.42
C ASN F 291 -19.95 -45.39 -8.57
N ASP F 292 -20.87 -45.18 -9.51
CA ASP F 292 -21.18 -46.20 -10.53
C ASP F 292 -20.19 -46.28 -11.68
N TRP F 293 -19.73 -45.12 -12.18
CA TRP F 293 -18.85 -45.07 -13.32
C TRP F 293 -17.69 -44.11 -13.21
N GLY F 294 -17.45 -43.58 -12.02
CA GLY F 294 -16.21 -42.86 -11.75
C GLY F 294 -16.09 -41.46 -12.26
N HIS F 295 -17.22 -40.77 -12.39
CA HIS F 295 -17.18 -39.35 -12.71
C HIS F 295 -16.15 -38.63 -11.85
N GLN F 296 -15.30 -37.81 -12.48
CA GLN F 296 -14.28 -37.10 -11.73
C GLN F 296 -14.02 -35.72 -12.32
N VAL F 297 -13.52 -34.82 -11.48
CA VAL F 297 -13.32 -33.39 -11.85
C VAL F 297 -11.85 -33.00 -11.62
N LYS F 298 -11.19 -32.59 -12.69
CA LYS F 298 -9.79 -32.11 -12.62
C LYS F 298 -9.72 -30.62 -12.38
N TYR F 299 -10.65 -29.84 -12.94
CA TYR F 299 -10.52 -28.40 -12.92
C TYR F 299 -11.25 -27.70 -11.82
N ASP F 300 -10.65 -26.66 -11.26
CA ASP F 300 -11.34 -25.72 -10.40
C ASP F 300 -11.50 -24.40 -11.13
N ILE F 301 -12.11 -23.40 -10.51
CA ILE F 301 -12.39 -22.14 -11.20
C ILE F 301 -11.15 -21.39 -11.69
N ASP F 302 -10.09 -21.37 -10.88
CA ASP F 302 -8.86 -20.70 -11.29
C ASP F 302 -8.06 -21.40 -12.38
N MET F 303 -8.02 -22.74 -12.35
CA MET F 303 -7.42 -23.46 -13.43
C MET F 303 -8.19 -23.23 -14.71
N MET F 304 -9.53 -23.21 -14.61
CA MET F 304 -10.36 -22.91 -15.76
C MET F 304 -10.10 -21.54 -16.35
N SER F 305 -10.15 -20.53 -15.50
CA SER F 305 -9.85 -19.18 -15.93
C SER F 305 -8.50 -19.02 -16.65
N GLU F 306 -7.47 -19.58 -16.05
CA GLU F 306 -6.11 -19.48 -16.66
C GLU F 306 -6.18 -20.09 -18.07
N ASP F 307 -6.82 -21.24 -18.19
CA ASP F 307 -6.93 -21.89 -19.49
C ASP F 307 -7.82 -21.08 -20.46
N MET F 308 -8.98 -20.63 -20.02
CA MET F 308 -9.87 -19.85 -20.89
C MET F 308 -9.22 -18.55 -21.39
N LEU F 309 -8.56 -17.85 -20.48
CA LEU F 309 -7.91 -16.61 -20.81
C LEU F 309 -6.74 -16.81 -21.80
N ARG F 310 -6.11 -17.96 -21.80
CA ARG F 310 -5.07 -18.25 -22.81
C ARG F 310 -5.72 -18.73 -24.16
N GLN F 311 -6.69 -19.66 -24.06
CA GLN F 311 -7.30 -20.25 -25.24
C GLN F 311 -8.15 -19.33 -26.11
N ILE F 312 -8.91 -18.41 -25.52
CA ILE F 312 -9.79 -17.59 -26.32
C ILE F 312 -9.00 -16.80 -27.36
N PRO F 313 -7.92 -16.12 -26.95
CA PRO F 313 -7.12 -15.39 -27.94
C PRO F 313 -6.53 -16.23 -29.03
N ILE F 314 -5.97 -17.35 -28.67
CA ILE F 314 -5.46 -18.25 -29.65
C ILE F 314 -6.59 -18.71 -30.60
N LEU F 315 -7.72 -19.15 -30.09
CA LEU F 315 -8.77 -19.68 -30.98
C LEU F 315 -9.57 -18.61 -31.74
N HIS F 316 -9.81 -17.46 -31.15
CA HIS F 316 -10.65 -16.45 -31.77
C HIS F 316 -9.89 -15.25 -32.25
N GLY F 317 -8.58 -15.16 -31.98
CA GLY F 317 -7.78 -14.00 -32.39
C GLY F 317 -8.10 -12.72 -31.63
N LEU F 318 -8.42 -12.81 -30.34
CA LEU F 318 -8.59 -11.63 -29.47
C LEU F 318 -7.21 -11.12 -28.94
N PRO F 319 -7.15 -9.85 -28.47
CA PRO F 319 -5.96 -9.31 -27.76
C PRO F 319 -5.27 -10.26 -26.77
PA NAD G . 4.55 -41.09 -21.44
O1A NAD G . 4.78 -40.92 -22.92
O2A NAD G . 3.48 -40.33 -20.67
O5B NAD G . 4.23 -42.62 -21.19
C5B NAD G . 3.91 -43.09 -19.88
C4B NAD G . 3.18 -44.39 -20.11
O4B NAD G . 2.98 -44.88 -18.80
C3B NAD G . 1.84 -44.32 -20.82
O3B NAD G . 1.79 -45.38 -21.82
C2B NAD G . 0.81 -44.55 -19.70
O2B NAD G . -0.33 -45.25 -20.19
C1B NAD G . 1.65 -45.40 -18.72
N9A NAD G . 1.08 -45.45 -17.37
C8A NAD G . 0.52 -44.43 -16.67
N7A NAD G . 0.08 -44.88 -15.50
C5A NAD G . 0.36 -46.18 -15.43
C6A NAD G . 0.10 -47.24 -14.46
N6A NAD G . -0.52 -46.92 -13.33
N1A NAD G . 0.55 -48.46 -14.71
C2A NAD G . 1.19 -48.77 -15.86
N3A NAD G . 1.40 -47.86 -16.85
C4A NAD G . 1.02 -46.57 -16.67
O3 NAD G . 5.94 -40.86 -20.69
PN NAD G . 7.38 -41.04 -21.36
O1N NAD G . 7.44 -42.29 -22.15
O2N NAD G . 7.72 -39.71 -21.95
O5D NAD G . 8.25 -41.11 -19.97
C5D NAD G . 8.57 -42.36 -19.43
C4D NAD G . 9.51 -42.12 -18.25
O4D NAD G . 10.62 -41.33 -18.66
C3D NAD G . 8.88 -41.41 -17.07
O3D NAD G . 9.39 -41.89 -15.81
C2D NAD G . 9.33 -39.97 -17.27
O2D NAD G . 9.29 -39.17 -16.09
C1D NAD G . 10.73 -40.17 -17.83
N1N NAD G . 11.18 -39.02 -18.62
C2N NAD G . 10.67 -38.75 -19.86
C3N NAD G . 11.15 -37.66 -20.59
C7N NAD G . 10.68 -37.27 -21.97
O7N NAD G . 11.14 -36.21 -22.43
N7N NAD G . 9.80 -38.05 -22.59
C4N NAD G . 12.13 -36.86 -20.03
C5N NAD G . 12.60 -37.16 -18.80
C6N NAD G . 12.13 -38.24 -18.09
C PYR H . 9.84 -33.90 -18.26
O PYR H . 10.45 -34.85 -17.67
OXT PYR H . 8.69 -33.44 -17.95
CA PYR H . 10.52 -33.19 -19.35
O3 PYR H . 9.81 -32.52 -20.15
CB PYR H . 12.03 -33.21 -19.43
C1 BME I . 3.45 -26.33 -29.61
C2 BME I . 2.70 -26.27 -30.96
O1 BME I . 2.66 -26.99 -28.60
S2 BME I . 3.85 -26.31 -32.36
C ACT J . 11.98 -42.18 -33.62
O ACT J . 10.83 -42.72 -33.14
OXT ACT J . 12.18 -40.98 -34.08
CH3 ACT J . 13.27 -42.94 -33.57
NA NA K . 16.88 -22.67 -19.94
PA NAD L . -57.25 -74.07 -79.27
O1A NAD L . -57.04 -73.87 -80.77
O2A NAD L . -58.30 -73.21 -78.61
O5B NAD L . -57.68 -75.58 -78.97
C5B NAD L . -57.91 -76.05 -77.67
C4B NAD L . -58.61 -77.37 -77.85
O4B NAD L . -58.81 -77.89 -76.53
C3B NAD L . -59.98 -77.27 -78.54
O3B NAD L . -60.15 -78.24 -79.59
C2B NAD L . -60.99 -77.50 -77.41
O2B NAD L . -62.18 -78.14 -77.85
C1B NAD L . -60.13 -78.39 -76.46
N9A NAD L . -60.66 -78.45 -75.11
C8A NAD L . -61.22 -77.45 -74.39
N7A NAD L . -61.62 -77.91 -73.19
C5A NAD L . -61.33 -79.23 -73.15
C6A NAD L . -61.53 -80.31 -72.20
N6A NAD L . -62.08 -80.10 -71.02
N1A NAD L . -61.12 -81.52 -72.52
C2A NAD L . -60.56 -81.81 -73.71
N3A NAD L . -60.38 -80.89 -74.66
C4A NAD L . -60.75 -79.59 -74.42
O3 NAD L . -55.85 -73.95 -78.50
PN NAD L . -54.45 -74.09 -79.26
O1N NAD L . -54.37 -75.36 -80.07
O2N NAD L . -54.21 -72.78 -79.89
O5D NAD L . -53.48 -74.23 -77.99
C5D NAD L . -53.20 -75.49 -77.37
C4D NAD L . -52.27 -75.23 -76.18
O4D NAD L . -51.20 -74.39 -76.64
C3D NAD L . -52.86 -74.49 -74.99
O3D NAD L . -52.35 -75.03 -73.76
C2D NAD L . -52.43 -73.06 -75.22
O2D NAD L . -52.34 -72.31 -74.05
C1D NAD L . -51.07 -73.26 -75.82
N1N NAD L . -50.56 -72.10 -76.60
C2N NAD L . -51.04 -71.81 -77.85
C3N NAD L . -50.54 -70.69 -78.56
C7N NAD L . -51.05 -70.34 -79.92
O7N NAD L . -50.63 -69.31 -80.45
N7N NAD L . -51.91 -71.15 -80.56
C4N NAD L . -49.55 -69.89 -77.99
C5N NAD L . -49.08 -70.21 -76.71
C6N NAD L . -49.59 -71.34 -76.03
C PYR M . -51.83 -67.00 -76.24
O PYR M . -53.00 -66.67 -75.82
OXT PYR M . -51.13 -67.90 -75.67
CA PYR M . -51.25 -66.26 -77.38
O3 PYR M . -52.01 -65.65 -78.18
CB PYR M . -49.75 -66.20 -77.47
C1 BME N . -58.08 -59.19 -87.16
C2 BME N . -58.88 -59.37 -88.45
O1 BME N . -58.66 -59.98 -86.10
S2 BME N . -57.91 -59.01 -89.97
C ACT O . -50.10 -75.27 -91.68
O ACT O . -51.27 -75.66 -91.18
OXT ACT O . -49.68 -74.05 -91.98
CH3 ACT O . -49.04 -76.30 -91.93
NA NA P . -44.64 -55.75 -77.96
PA NAD Q . 14.75 45.36 41.24
O1A NAD Q . 14.09 45.42 39.88
O2A NAD Q . 16.06 44.65 41.42
O5B NAD Q . 14.82 46.88 41.78
C5B NAD Q . 15.55 47.20 42.96
C4B NAD Q . 15.93 48.67 42.94
O4B NAD Q . 16.49 48.97 44.20
C3B NAD Q . 16.94 49.02 41.82
O3B NAD Q . 16.45 50.12 41.03
C2B NAD Q . 18.19 49.33 42.60
O2B NAD Q . 19.00 50.34 41.96
C1B NAD Q . 17.61 49.77 43.96
N9A NAD Q . 18.60 49.76 45.07
C8A NAD Q . 19.55 48.83 45.30
N7A NAD Q . 20.29 49.19 46.38
C5A NAD Q . 19.82 50.39 46.78
C6A NAD Q . 20.19 51.31 47.85
N6A NAD Q . 21.22 50.99 48.63
N1A NAD Q . 19.47 52.43 47.99
C2A NAD Q . 18.45 52.72 47.17
N3A NAD Q . 18.07 51.91 46.15
C4A NAD Q . 18.72 50.75 45.95
O3 NAD Q . 13.71 44.64 42.20
PN NAD Q . 12.11 44.63 42.09
O1N NAD Q . 11.49 45.96 41.79
O2N NAD Q . 11.79 43.37 41.29
O5D NAD Q . 11.66 44.32 43.60
C5D NAD Q . 11.45 45.38 44.51
C4D NAD Q . 10.94 44.77 45.82
O4D NAD Q . 9.86 43.80 45.63
C3D NAD Q . 12.01 44.05 46.64
O3D NAD Q . 11.83 44.30 48.04
C2D NAD Q . 11.73 42.60 46.31
O2D NAD Q . 12.16 41.71 47.34
C1D NAD Q . 10.23 42.55 46.18
N1N NAD Q . 9.75 41.43 45.37
C2N NAD Q . 9.84 41.44 43.99
C3N NAD Q . 9.34 40.40 43.23
C7N NAD Q . 9.37 40.37 41.71
O7N NAD Q . 8.89 39.38 41.09
N7N NAD Q . 9.88 41.37 41.04
C4N NAD Q . 8.79 39.29 43.91
C5N NAD Q . 8.71 39.29 45.30
C6N NAD Q . 9.21 40.39 46.00
C PYR R . 11.94 36.76 44.14
O PYR R . 11.35 37.59 44.94
OXT PYR R . 13.20 36.48 44.09
CA PYR R . 11.10 36.08 43.12
O3 PYR R . 11.64 35.77 42.05
CB PYR R . 9.65 35.82 43.44
NA NA S . 6.34 24.32 42.16
PA NAD T . 74.30 81.12 99.72
O1A NAD T . 73.66 81.17 98.36
O2A NAD T . 75.58 80.39 99.92
O5B NAD T . 74.36 82.62 100.28
C5B NAD T . 75.17 82.96 101.40
C4B NAD T . 75.49 84.43 101.41
O4B NAD T . 76.06 84.75 102.67
C3B NAD T . 76.49 84.82 100.32
O3B NAD T . 75.98 85.85 99.53
C2B NAD T . 77.77 85.17 101.07
O2B NAD T . 78.53 86.22 100.45
C1B NAD T . 77.15 85.57 102.41
N9A NAD T . 78.13 85.53 103.49
C8A NAD T . 79.09 84.61 103.69
N7A NAD T . 79.82 84.95 104.77
C5A NAD T . 79.34 86.13 105.23
C6A NAD T . 79.72 87.04 106.32
N6A NAD T . 80.78 86.71 107.08
N1A NAD T . 78.97 88.13 106.50
C2A NAD T . 77.95 88.39 105.66
N3A NAD T . 77.58 87.63 104.61
C4A NAD T . 78.24 86.50 104.37
O3 NAD T . 73.31 80.43 100.76
PN NAD T . 71.71 80.42 100.59
O1N NAD T . 71.05 81.72 100.21
O2N NAD T . 71.43 79.18 99.79
O5D NAD T . 71.20 80.04 102.10
C5D NAD T . 71.01 81.07 103.06
C4D NAD T . 70.54 80.51 104.37
O4D NAD T . 69.49 79.52 104.16
C3D NAD T . 71.65 79.77 105.11
O3D NAD T . 71.47 79.94 106.54
C2D NAD T . 71.39 78.33 104.72
O2D NAD T . 71.89 77.38 105.64
C1D NAD T . 69.88 78.27 104.70
N1N NAD T . 69.41 77.16 103.88
C2N NAD T . 69.48 77.16 102.51
C3N NAD T . 68.98 76.10 101.76
C7N NAD T . 69.04 76.05 100.23
O7N NAD T . 68.59 75.05 99.69
N7N NAD T . 69.50 77.08 99.53
C4N NAD T . 68.44 75.01 102.44
C5N NAD T . 68.39 75.01 103.83
C6N NAD T . 68.88 76.11 104.52
C PYR U . 71.53 72.45 102.86
O PYR U . 70.99 73.17 103.77
OXT PYR U . 72.77 72.26 102.76
CA PYR U . 70.74 71.74 101.80
O3 PYR U . 71.35 71.41 100.73
CB PYR U . 69.30 71.44 102.11
NA NA V . 66.22 60.00 100.67
PA NAD W . -10.43 29.14 -21.05
O1A NAD W . -10.31 28.49 -19.72
O2A NAD W . -10.94 30.56 -21.08
O5B NAD W . -8.99 29.10 -21.79
C5B NAD W . -8.77 29.83 -22.98
C4B NAD W . -7.26 30.00 -23.07
O4B NAD W . -6.97 30.43 -24.39
C3B NAD W . -6.70 31.04 -22.07
O3B NAD W . -5.59 30.46 -21.40
C2B NAD W . -6.29 32.20 -22.94
O2B NAD W . -5.09 32.86 -22.55
C1B NAD W . -6.07 31.52 -24.30
N9A NAD W . -6.22 32.45 -25.42
C8A NAD W . -7.10 33.47 -25.55
N7A NAD W . -6.83 34.15 -26.69
C5A NAD W . -5.76 33.55 -27.29
C6A NAD W . -4.94 33.77 -28.50
N6A NAD W . -5.25 34.76 -29.34
N1A NAD W . -3.91 32.94 -28.73
C2A NAD W . -3.55 31.95 -27.86
N3A NAD W . -4.22 31.71 -26.74
C4A NAD W . -5.33 32.46 -26.42
O3 NAD W . -11.31 28.13 -21.94
PN NAD W . -11.43 26.55 -21.72
O1N NAD W . -10.09 25.92 -21.51
O2N NAD W . -12.64 26.29 -20.91
O5D NAD W . -11.94 26.19 -23.22
C5D NAD W . -11.04 25.76 -24.26
C4D NAD W . -11.89 25.35 -25.45
O4D NAD W . -12.91 24.37 -25.12
C3D NAD W . -12.62 26.50 -26.09
O3D NAD W . -12.67 26.30 -27.52
C2D NAD W . -14.01 26.39 -25.49
O2D NAD W . -15.00 26.99 -26.32
C1D NAD W . -14.21 24.88 -25.39
N1N NAD W . -15.26 24.49 -24.45
C2N NAD W . -15.07 24.62 -23.11
C3N NAD W . -16.08 24.21 -22.19
C7N NAD W . -15.89 24.33 -20.68
O7N NAD W . -16.85 24.06 -19.95
N7N NAD W . -14.72 24.76 -20.14
C4N NAD W . -17.31 23.71 -22.69
C5N NAD W . -17.49 23.63 -24.09
C6N NAD W . -16.43 24.00 -24.94
C PYR X . -19.49 27.23 -22.79
O PYR X . -19.63 28.52 -22.73
OXT PYR X . -18.87 26.58 -23.71
CA PYR X . -20.08 26.45 -21.69
O3 PYR X . -20.25 27.04 -20.62
CB PYR X . -20.54 25.05 -21.95
C ACT Y . -9.17 17.91 -11.96
O ACT Y . -10.20 17.95 -11.18
OXT ACT Y . -8.31 18.88 -12.12
CH3 ACT Y . -9.03 16.66 -12.75
NA NA Z . -31.63 23.39 -19.87
PA NAD AA . -25.53 -25.70 -29.18
O1A NAD AA . -24.15 -25.10 -28.99
O2A NAD AA . -26.69 -24.81 -29.43
O5B NAD AA . -25.39 -26.75 -30.38
C5B NAD AA . -26.54 -27.40 -30.90
C4B NAD AA . -26.23 -27.92 -32.29
O4B NAD AA . -27.37 -28.69 -32.71
C3B NAD AA . -25.97 -26.81 -33.31
O3B NAD AA . -24.74 -27.06 -33.97
C2B NAD AA . -27.14 -26.95 -34.29
O2B NAD AA . -26.83 -26.66 -35.68
C1B NAD AA . -27.54 -28.41 -34.08
N9A NAD AA . -28.91 -28.66 -34.55
C8A NAD AA . -29.99 -27.91 -34.33
N7A NAD AA . -31.07 -28.43 -34.94
C5A NAD AA . -30.68 -29.56 -35.53
C6A NAD AA . -31.36 -30.56 -36.32
N6A NAD AA . -32.66 -30.40 -36.56
N1A NAD AA . -30.67 -31.59 -36.74
C2A NAD AA . -29.37 -31.68 -36.48
N3A NAD AA . -28.65 -30.80 -35.79
C4A NAD AA . -29.25 -29.72 -35.29
O3 NAD AA . -25.83 -26.64 -27.91
PN NAD AA . -24.73 -27.36 -26.98
O1N NAD AA . -23.61 -28.00 -27.76
O2N NAD AA . -24.40 -26.40 -25.88
O5D NAD AA . -25.67 -28.50 -26.32
C5D NAD AA . -25.67 -29.82 -26.78
C4D NAD AA . -26.57 -30.70 -25.94
O4D NAD AA . -26.12 -30.66 -24.56
C3D NAD AA . -28.03 -30.25 -25.94
O3D NAD AA . -28.97 -31.35 -25.84
C2D NAD AA . -28.11 -29.40 -24.71
O2D NAD AA . -29.43 -29.35 -24.17
C1D NAD AA . -27.14 -30.11 -23.75
N1N NAD AA . -26.67 -29.25 -22.68
C2N NAD AA . -25.77 -28.23 -22.90
C3N NAD AA . -25.31 -27.40 -21.86
C7N NAD AA . -24.33 -26.25 -22.03
O7N NAD AA . -24.01 -25.59 -21.04
N7N NAD AA . -23.81 -25.98 -23.21
C4N NAD AA . -25.80 -27.66 -20.54
C5N NAD AA . -26.70 -28.71 -20.34
C6N NAD AA . -27.13 -29.50 -21.43
C PYR BA . -28.94 -25.11 -20.33
O PYR BA . -28.96 -26.38 -20.45
OXT PYR BA . -29.70 -24.35 -21.01
CA PYR BA . -27.95 -24.51 -19.41
O3 PYR BA . -27.74 -23.30 -19.47
CB PYR BA . -27.31 -25.36 -18.36
NA NA CA . -28.49 -20.29 -7.38
#